data_3VC3
#
_entry.id   3VC3
#
_cell.length_a   71.092
_cell.length_b   154.325
_cell.length_c   198.328
_cell.angle_alpha   90.00
_cell.angle_beta   90.00
_cell.angle_gamma   90.00
#
_symmetry.space_group_name_H-M   'P 2 21 21'
#
loop_
_entity.id
_entity.type
_entity.pdbx_description
1 polymer 'beta-cyanoalnine synthase'
2 non-polymer N-({3-HYDROXY-2-METHYL-5-[(PHOSPHONOOXY)METHYL]PYRIDIN-4-YL}METHYL)-L-CYSTEINE
3 water water
#
_entity_poly.entity_id   1
_entity_poly.type   'polypeptide(L)'
_entity_poly.pdbx_seq_one_letter_code
;MGSSHHHHHHSSGNLYFQGHASTNIKKHVSQLIGRTPLVYLNKVTEGCGAYVAVKQEMMQPTASIADRPAYAMITDAEEK
NLITPGKTTLIEPTSGNMGISMAFMAAMKGYKMVLTMPSYTSLERRVTMRAFGAELILTDPAKGMGGTVKKAYELLENTP
NAHMLQQFSNPANTQVHFETTGPEIWEDTNGQVDIFVMGIGSGGTVSGVGQYLKSKNPNVKIYGVEPSESNVLNGGKPGP
HHITGNGVGFKPDILDLDVMEKVLEVSSEDAVNMARVLALKEGLMVGISSGANTVAALRLAQLPENKGKLIVTVHPSFGE
RYLSSVLFQELRQEAENMQPVAVD
;
_entity_poly.pdbx_strand_id   A,B,C,D,E,F
#
# COMPACT_ATOMS: atom_id res chain seq x y z
N SER A 22 5.10 12.74 10.73
CA SER A 22 4.46 12.98 12.03
C SER A 22 4.11 14.45 12.25
N THR A 23 4.87 15.33 11.58
CA THR A 23 4.68 16.77 11.74
C THR A 23 4.76 17.47 10.38
N ASN A 24 4.62 18.79 10.40
CA ASN A 24 4.79 19.60 9.19
C ASN A 24 6.16 20.24 9.14
N ILE A 25 7.04 19.84 10.06
CA ILE A 25 8.39 20.39 10.08
C ILE A 25 9.20 19.86 8.91
N LYS A 26 9.79 20.75 8.11
CA LYS A 26 10.63 20.34 6.98
C LYS A 26 11.90 19.66 7.44
N LYS A 27 12.29 18.59 6.75
CA LYS A 27 13.52 17.88 7.08
C LYS A 27 14.77 18.58 6.57
N HIS A 28 14.64 19.30 5.45
CA HIS A 28 15.78 19.98 4.84
C HIS A 28 15.42 21.41 4.47
N VAL A 29 16.38 22.31 4.60
CA VAL A 29 16.18 23.70 4.19
C VAL A 29 15.77 23.82 2.71
N SER A 30 16.23 22.91 1.87
CA SER A 30 15.85 22.95 0.45
C SER A 30 14.35 22.71 0.24
N GLN A 31 13.68 22.10 1.21
CA GLN A 31 12.24 21.91 1.12
C GLN A 31 11.46 23.20 1.34
N LEU A 32 12.17 24.27 1.70
CA LEU A 32 11.55 25.59 1.84
C LEU A 32 11.39 26.25 0.48
N ILE A 33 12.00 25.67 -0.55
CA ILE A 33 11.88 26.19 -1.91
C ILE A 33 10.50 25.89 -2.54
N GLY A 34 9.93 26.87 -3.23
CA GLY A 34 8.73 26.67 -4.04
C GLY A 34 7.43 27.13 -3.41
N ARG A 35 6.31 26.87 -4.10
CA ARG A 35 4.98 27.23 -3.62
C ARG A 35 4.90 28.67 -3.14
N THR A 36 5.13 29.62 -4.03
CA THR A 36 5.01 31.04 -3.68
C THR A 36 3.64 31.62 -4.04
N PRO A 37 3.22 32.68 -3.34
CA PRO A 37 1.85 33.20 -3.52
C PRO A 37 1.70 34.16 -4.70
N LEU A 38 0.46 34.33 -5.18
CA LEU A 38 0.08 35.35 -6.14
C LEU A 38 -0.69 36.44 -5.41
N VAL A 39 -0.51 37.68 -5.80
CA VAL A 39 -1.27 38.77 -5.20
C VAL A 39 -1.73 39.75 -6.27
N TYR A 40 -2.96 40.26 -6.14
CA TYR A 40 -3.46 41.25 -7.10
C TYR A 40 -2.80 42.60 -6.86
N LEU A 41 -2.61 43.37 -7.91
CA LEU A 41 -2.20 44.77 -7.77
C LEU A 41 -3.36 45.67 -8.14
N ASN A 42 -3.66 46.65 -7.30
CA ASN A 42 -4.74 47.58 -7.62
C ASN A 42 -4.33 49.04 -7.53
N LYS A 43 -3.08 49.32 -7.24
CA LYS A 43 -2.67 50.73 -7.20
C LYS A 43 -1.91 51.17 -8.43
N VAL A 44 -0.81 50.49 -8.77
CA VAL A 44 -0.08 50.84 -9.99
C VAL A 44 -0.92 50.52 -11.22
N THR A 45 -1.95 49.70 -11.02
CA THR A 45 -2.79 49.24 -12.12
C THR A 45 -4.04 50.12 -12.30
N GLU A 46 -4.14 51.20 -11.52
CA GLU A 46 -5.36 52.02 -11.57
C GLU A 46 -5.76 52.34 -13.00
N GLY A 47 -7.03 52.11 -13.31
CA GLY A 47 -7.57 52.44 -14.63
C GLY A 47 -7.20 51.55 -15.80
N CYS A 48 -6.39 50.52 -15.56
CA CYS A 48 -5.86 49.72 -16.69
C CYS A 48 -6.87 48.77 -17.34
N GLY A 49 -7.93 48.40 -16.62
CA GLY A 49 -9.01 47.64 -17.22
C GLY A 49 -8.79 46.13 -17.30
N ALA A 50 -7.68 45.64 -16.75
CA ALA A 50 -7.44 44.19 -16.69
C ALA A 50 -7.02 43.79 -15.28
N TYR A 51 -7.13 42.50 -14.95
CA TYR A 51 -6.65 42.01 -13.66
C TYR A 51 -5.16 41.76 -13.81
N VAL A 52 -4.38 42.08 -12.78
CA VAL A 52 -2.95 41.83 -12.81
C VAL A 52 -2.56 41.21 -11.50
N ALA A 53 -2.11 39.97 -11.55
CA ALA A 53 -1.64 39.27 -10.35
C ALA A 53 -0.15 39.01 -10.46
N VAL A 54 0.57 39.10 -9.35
CA VAL A 54 2.03 38.95 -9.39
CA VAL A 54 2.03 38.95 -9.39
C VAL A 54 2.52 37.87 -8.42
N LYS A 55 3.39 37.01 -8.92
CA LYS A 55 3.97 35.91 -8.14
C LYS A 55 5.17 36.41 -7.35
N GLN A 56 5.20 36.12 -6.06
CA GLN A 56 6.19 36.73 -5.17
C GLN A 56 7.34 35.78 -4.82
N GLU A 57 8.41 35.85 -5.57
CA GLU A 57 9.53 34.94 -5.37
C GLU A 57 10.45 35.37 -4.20
N MET A 58 10.15 36.50 -3.56
CA MET A 58 10.90 36.90 -2.37
C MET A 58 10.65 35.89 -1.25
N MET A 59 9.61 35.08 -1.41
CA MET A 59 9.26 34.08 -0.41
C MET A 59 10.06 32.79 -0.57
N GLN A 60 11.25 32.90 -1.14
CA GLN A 60 12.13 31.75 -1.29
C GLN A 60 13.25 31.90 -0.26
N PRO A 61 13.93 30.80 0.07
CA PRO A 61 14.99 30.80 1.10
C PRO A 61 16.12 31.80 0.81
N THR A 62 16.44 32.07 -0.45
CA THR A 62 17.41 33.13 -0.74
C THR A 62 16.76 34.31 -1.44
N ALA A 63 15.44 34.35 -1.39
CA ALA A 63 14.69 35.54 -1.75
C ALA A 63 14.73 35.86 -3.24
N SER A 64 14.88 34.85 -4.09
CA SER A 64 14.68 35.10 -5.51
C SER A 64 14.26 33.85 -6.22
N ILE A 65 13.82 34.01 -7.45
CA ILE A 65 13.33 32.88 -8.22
C ILE A 65 14.40 31.83 -8.50
N ALA A 66 15.68 32.21 -8.43
CA ALA A 66 16.75 31.29 -8.86
C ALA A 66 16.91 30.05 -7.98
N ASP A 67 16.30 30.07 -6.80
CA ASP A 67 16.38 28.90 -5.93
C ASP A 67 15.80 27.68 -6.65
N ARG A 68 14.79 27.92 -7.48
CA ARG A 68 14.18 26.79 -8.22
C ARG A 68 15.15 26.09 -9.18
N PRO A 69 15.67 26.82 -10.19
CA PRO A 69 16.64 26.15 -11.08
C PRO A 69 17.94 25.73 -10.41
N ALA A 70 18.46 26.46 -9.42
CA ALA A 70 19.65 26.02 -8.71
C ALA A 70 19.43 24.62 -8.12
N TYR A 71 18.34 24.45 -7.39
CA TYR A 71 18.02 23.15 -6.81
C TYR A 71 17.87 22.09 -7.90
N ALA A 72 17.16 22.43 -8.98
CA ALA A 72 16.87 21.44 -10.00
C ALA A 72 18.14 21.03 -10.74
N MET A 73 18.99 21.98 -11.09
CA MET A 73 20.19 21.64 -11.83
C MET A 73 21.18 20.81 -11.01
N ILE A 74 21.42 21.20 -9.76
CA ILE A 74 22.41 20.48 -8.98
C ILE A 74 21.89 19.08 -8.67
N THR A 75 20.59 18.99 -8.37
CA THR A 75 19.98 17.68 -8.09
C THR A 75 20.03 16.77 -9.30
N ASP A 76 19.71 17.32 -10.48
CA ASP A 76 19.78 16.58 -11.73
C ASP A 76 21.19 16.04 -11.97
N ALA A 77 22.19 16.86 -11.69
CA ALA A 77 23.59 16.48 -11.90
C ALA A 77 23.98 15.34 -10.97
N GLU A 78 23.45 15.36 -9.75
CA GLU A 78 23.74 14.29 -8.80
C GLU A 78 23.08 12.99 -9.25
N GLU A 79 21.83 13.09 -9.69
CA GLU A 79 21.09 11.90 -10.16
C GLU A 79 21.76 11.24 -11.36
N LYS A 80 22.34 12.06 -12.24
CA LYS A 80 23.07 11.56 -13.39
C LYS A 80 24.48 11.06 -13.04
N ASN A 81 24.84 11.05 -11.76
CA ASN A 81 26.18 10.64 -11.33
C ASN A 81 27.30 11.41 -12.02
N LEU A 82 27.15 12.73 -12.07
CA LEU A 82 28.13 13.60 -12.72
C LEU A 82 29.00 14.35 -11.72
N ILE A 83 28.47 14.56 -10.51
CA ILE A 83 29.19 15.35 -9.51
C ILE A 83 29.11 14.71 -8.12
N THR A 84 30.09 15.08 -7.29
CA THR A 84 30.30 14.45 -6.00
C THR A 84 30.75 15.47 -4.96
N PRO A 85 30.01 15.58 -3.85
CA PRO A 85 30.37 16.56 -2.81
C PRO A 85 31.79 16.32 -2.32
N GLY A 86 32.58 17.37 -2.17
CA GLY A 86 33.93 17.25 -1.67
C GLY A 86 34.95 16.87 -2.72
N LYS A 87 34.47 16.55 -3.93
CA LYS A 87 35.37 16.20 -5.02
C LYS A 87 35.23 17.19 -6.16
N THR A 88 33.98 17.49 -6.50
CA THR A 88 33.69 18.36 -7.64
C THR A 88 33.67 19.83 -7.27
N THR A 89 34.31 20.66 -8.09
CA THR A 89 34.18 22.10 -7.95
C THR A 89 33.14 22.55 -8.96
N LEU A 90 32.07 23.18 -8.49
CA LEU A 90 31.03 23.69 -9.38
C LEU A 90 31.34 25.12 -9.78
N ILE A 91 31.17 25.42 -11.06
CA ILE A 91 31.49 26.76 -11.59
C ILE A 91 30.26 27.24 -12.33
N GLU A 92 29.83 28.47 -12.06
CA GLU A 92 28.62 28.98 -12.69
C GLU A 92 28.69 30.47 -12.99
N PRO A 93 28.33 30.88 -14.21
CA PRO A 93 28.26 32.32 -14.53
C PRO A 93 26.91 32.89 -14.10
N THR A 94 26.86 34.13 -13.65
CA THR A 94 25.60 34.62 -13.12
C THR A 94 25.55 36.13 -13.12
N SER A 95 24.33 36.68 -13.12
CA SER A 95 24.16 38.12 -12.86
C SER A 95 23.90 38.40 -11.39
N GLY A 96 23.94 37.35 -10.58
CA GLY A 96 23.83 37.51 -9.13
C GLY A 96 22.91 36.51 -8.47
N ASN A 97 21.64 36.42 -8.89
CA ASN A 97 20.70 35.57 -8.12
C ASN A 97 20.99 34.08 -8.24
N MET A 98 21.31 33.62 -9.44
CA MET A 98 21.70 32.22 -9.65
C MET A 98 22.94 31.89 -8.82
N GLY A 99 23.90 32.83 -8.81
CA GLY A 99 25.10 32.66 -8.03
C GLY A 99 24.81 32.46 -6.56
N ILE A 100 23.94 33.31 -6.02
CA ILE A 100 23.53 33.19 -4.63
C ILE A 100 22.83 31.86 -4.37
N SER A 101 21.90 31.51 -5.26
CA SER A 101 21.15 30.26 -5.09
C SER A 101 22.04 29.01 -5.18
N MET A 102 23.02 29.04 -6.08
CA MET A 102 24.01 27.97 -6.18
C MET A 102 24.92 27.94 -4.97
N ALA A 103 25.33 29.12 -4.49
CA ALA A 103 26.19 29.17 -3.30
C ALA A 103 25.45 28.52 -2.13
N PHE A 104 24.16 28.84 -2.03
CA PHE A 104 23.26 28.30 -1.02
C PHE A 104 23.15 26.77 -1.15
N MET A 105 22.83 26.27 -2.34
CA MET A 105 22.75 24.82 -2.52
C MET A 105 24.11 24.14 -2.22
N ALA A 106 25.19 24.75 -2.70
CA ALA A 106 26.55 24.21 -2.48
C ALA A 106 26.94 24.16 -1.00
N ALA A 107 26.51 25.15 -0.24
CA ALA A 107 26.85 25.21 1.18
C ALA A 107 26.18 24.04 1.88
N MET A 108 24.91 23.82 1.54
CA MET A 108 24.14 22.75 2.17
C MET A 108 24.61 21.37 1.76
N LYS A 109 24.93 21.20 0.48
CA LYS A 109 25.29 19.88 -0.03
C LYS A 109 26.79 19.55 0.06
N GLY A 110 27.62 20.55 0.32
CA GLY A 110 29.04 20.31 0.53
C GLY A 110 29.88 20.34 -0.74
N TYR A 111 29.54 21.23 -1.67
CA TYR A 111 30.36 21.48 -2.85
C TYR A 111 31.16 22.76 -2.75
N LYS A 112 32.38 22.74 -3.26
CA LYS A 112 33.11 23.98 -3.47
C LYS A 112 32.43 24.68 -4.64
N MET A 113 32.20 25.99 -4.52
CA MET A 113 31.42 26.75 -5.49
C MET A 113 32.19 27.97 -5.96
N VAL A 114 32.30 28.14 -7.27
CA VAL A 114 32.99 29.30 -7.86
C VAL A 114 32.02 29.99 -8.81
N LEU A 115 31.80 31.30 -8.61
CA LEU A 115 30.88 32.03 -9.48
C LEU A 115 31.65 33.09 -10.26
N THR A 116 31.24 33.33 -11.50
CA THR A 116 31.69 34.50 -12.24
C THR A 116 30.52 35.47 -12.41
N MET A 117 30.77 36.76 -12.24
CA MET A 117 29.72 37.76 -12.37
C MET A 117 30.33 39.09 -12.82
N PRO A 118 29.63 39.85 -13.68
CA PRO A 118 30.20 41.14 -14.09
C PRO A 118 30.34 42.09 -12.90
N SER A 119 31.30 43.00 -12.93
CA SER A 119 31.53 43.85 -11.75
C SER A 119 30.47 44.92 -11.61
N TYR A 120 29.56 45.05 -12.56
CA TYR A 120 28.58 46.16 -12.52
C TYR A 120 27.31 45.87 -11.73
N THR A 121 27.13 44.61 -11.33
CA THR A 121 25.95 44.25 -10.55
C THR A 121 26.10 44.66 -9.07
N SER A 122 24.99 44.66 -8.34
CA SER A 122 24.97 45.24 -6.99
C SER A 122 25.94 44.57 -6.03
N LEU A 123 26.47 45.38 -5.12
CA LEU A 123 27.36 44.93 -4.05
C LEU A 123 26.72 43.84 -3.19
N GLU A 124 25.44 43.97 -2.92
CA GLU A 124 24.73 43.00 -2.10
C GLU A 124 24.88 41.58 -2.65
N ARG A 125 24.81 41.46 -3.97
CA ARG A 125 24.95 40.14 -4.62
C ARG A 125 26.30 39.52 -4.26
N ARG A 126 27.35 40.33 -4.28
CA ARG A 126 28.68 39.84 -3.96
C ARG A 126 28.75 39.34 -2.51
N VAL A 127 28.17 40.12 -1.61
CA VAL A 127 28.35 39.81 -0.18
C VAL A 127 27.59 38.53 0.17
N THR A 128 26.38 38.40 -0.38
CA THR A 128 25.53 37.26 -0.06
C THR A 128 26.15 35.96 -0.57
N MET A 129 26.69 35.98 -1.78
CA MET A 129 27.43 34.81 -2.27
C MET A 129 28.57 34.45 -1.37
N ARG A 130 29.31 35.45 -0.88
CA ARG A 130 30.46 35.16 -0.02
C ARG A 130 30.04 34.68 1.36
N ALA A 131 28.89 35.17 1.84
CA ALA A 131 28.34 34.76 3.14
C ALA A 131 28.02 33.27 3.16
N PHE A 132 27.65 32.73 2.01
CA PHE A 132 27.43 31.28 1.87
C PHE A 132 28.72 30.50 1.62
N GLY A 133 29.85 31.19 1.56
CA GLY A 133 31.14 30.53 1.44
C GLY A 133 31.64 30.29 0.03
N ALA A 134 30.94 30.81 -0.98
CA ALA A 134 31.35 30.59 -2.36
C ALA A 134 32.50 31.51 -2.70
N GLU A 135 33.28 31.13 -3.71
CA GLU A 135 34.34 31.98 -4.25
C GLU A 135 33.76 32.76 -5.42
N LEU A 136 34.08 34.05 -5.51
CA LEU A 136 33.51 34.91 -6.55
C LEU A 136 34.59 35.57 -7.37
N ILE A 137 34.49 35.47 -8.70
CA ILE A 137 35.39 36.17 -9.61
CA ILE A 137 35.39 36.16 -9.61
C ILE A 137 34.59 37.15 -10.44
N LEU A 138 34.88 38.46 -10.29
CA LEU A 138 34.17 39.46 -11.07
C LEU A 138 34.84 39.61 -12.42
N THR A 139 34.05 39.90 -13.46
CA THR A 139 34.61 40.00 -14.79
C THR A 139 34.43 41.38 -15.40
N ASP A 140 35.25 41.67 -16.40
CA ASP A 140 35.31 43.00 -16.99
C ASP A 140 33.90 43.41 -17.31
N PRO A 141 33.52 44.61 -16.87
CA PRO A 141 32.14 45.05 -17.04
C PRO A 141 31.80 45.40 -18.49
N ALA A 142 32.80 45.77 -19.29
CA ALA A 142 32.55 46.13 -20.67
C ALA A 142 32.13 44.91 -21.50
N LYS A 143 32.35 43.71 -20.96
CA LYS A 143 32.04 42.49 -21.69
C LYS A 143 30.74 41.82 -21.24
N GLY A 144 30.08 42.40 -20.25
CA GLY A 144 28.74 41.96 -19.86
C GLY A 144 28.67 40.49 -19.54
N MET A 145 27.48 39.91 -19.64
CA MET A 145 27.28 38.51 -19.25
C MET A 145 28.00 37.56 -20.19
N GLY A 146 28.14 37.97 -21.45
CA GLY A 146 28.95 37.23 -22.39
C GLY A 146 30.35 36.96 -21.87
N GLY A 147 31.01 37.97 -21.34
CA GLY A 147 32.35 37.80 -20.79
C GLY A 147 32.33 36.92 -19.56
N THR A 148 31.27 37.03 -18.78
CA THR A 148 31.20 36.24 -17.54
C THR A 148 31.03 34.75 -17.88
N VAL A 149 30.29 34.46 -18.95
CA VAL A 149 30.19 33.07 -19.42
C VAL A 149 31.53 32.58 -20.00
N LYS A 150 32.17 33.41 -20.81
CA LYS A 150 33.49 33.05 -21.33
C LYS A 150 34.47 32.73 -20.21
N LYS A 151 34.52 33.57 -19.18
CA LYS A 151 35.40 33.32 -18.04
C LYS A 151 35.08 32.00 -17.36
N ALA A 152 33.78 31.71 -17.18
CA ALA A 152 33.41 30.46 -16.51
C ALA A 152 33.94 29.27 -17.31
N TYR A 153 33.83 29.32 -18.62
CA TYR A 153 34.38 28.23 -19.45
C TYR A 153 35.91 28.10 -19.31
N GLU A 154 36.61 29.24 -19.20
CA GLU A 154 38.05 29.23 -19.00
C GLU A 154 38.40 28.59 -17.67
N LEU A 155 37.65 28.93 -16.63
CA LEU A 155 37.90 28.34 -15.31
C LEU A 155 37.62 26.85 -15.35
N LEU A 156 36.58 26.47 -16.08
CA LEU A 156 36.17 25.07 -16.16
C LEU A 156 37.30 24.26 -16.78
N GLU A 157 37.84 24.77 -17.89
CA GLU A 157 38.93 24.08 -18.59
C GLU A 157 40.19 23.95 -17.75
N ASN A 158 40.43 24.91 -16.85
CA ASN A 158 41.68 24.95 -16.09
C ASN A 158 41.61 24.41 -14.67
N THR A 159 40.44 23.89 -14.27
CA THR A 159 40.24 23.41 -12.91
C THR A 159 39.95 21.91 -12.92
N PRO A 160 40.78 21.12 -12.22
CA PRO A 160 40.55 19.67 -12.22
C PRO A 160 39.27 19.32 -11.49
N ASN A 161 38.60 18.25 -11.94
CA ASN A 161 37.37 17.78 -11.32
C ASN A 161 36.34 18.88 -11.13
N ALA A 162 36.12 19.65 -12.18
CA ALA A 162 35.16 20.76 -12.11
C ALA A 162 33.99 20.44 -13.03
N HIS A 163 32.86 21.12 -12.79
CA HIS A 163 31.65 20.92 -13.57
C HIS A 163 30.86 22.23 -13.59
N MET A 164 30.33 22.58 -14.76
CA MET A 164 29.48 23.76 -14.88
C MET A 164 28.08 23.32 -15.25
N LEU A 165 27.13 23.67 -14.40
CA LEU A 165 25.72 23.34 -14.62
C LEU A 165 25.23 24.03 -15.90
N GLN A 166 25.73 25.24 -16.16
CA GLN A 166 25.36 25.97 -17.37
C GLN A 166 23.87 26.23 -17.48
N GLN A 167 23.41 27.19 -16.68
CA GLN A 167 22.00 27.54 -16.61
C GLN A 167 21.45 27.95 -17.98
N PHE A 168 22.29 28.56 -18.82
CA PHE A 168 21.82 29.03 -20.13
C PHE A 168 21.58 27.92 -21.15
N SER A 169 22.09 26.72 -20.85
CA SER A 169 21.96 25.61 -21.78
CA SER A 169 21.97 25.61 -21.78
C SER A 169 21.39 24.34 -21.14
N ASN A 170 21.15 24.39 -19.84
CA ASN A 170 20.71 23.21 -19.09
C ASN A 170 19.19 23.06 -19.05
N PRO A 171 18.66 22.02 -19.73
CA PRO A 171 17.20 21.87 -19.81
C PRO A 171 16.54 21.67 -18.45
N ALA A 172 17.30 21.34 -17.41
CA ALA A 172 16.69 21.16 -16.09
C ALA A 172 16.20 22.51 -15.56
N ASN A 173 16.77 23.59 -16.08
CA ASN A 173 16.35 24.94 -15.73
C ASN A 173 14.91 25.17 -16.22
N THR A 174 14.68 25.01 -17.51
CA THR A 174 13.34 25.12 -18.06
C THR A 174 12.40 24.14 -17.34
N GLN A 175 12.88 22.92 -17.16
CA GLN A 175 12.04 21.88 -16.60
C GLN A 175 11.47 22.20 -15.21
N VAL A 176 12.25 22.84 -14.33
CA VAL A 176 11.74 23.07 -12.97
C VAL A 176 10.54 24.04 -13.03
N HIS A 177 10.55 24.96 -13.97
CA HIS A 177 9.44 25.89 -14.13
C HIS A 177 8.23 25.20 -14.77
N PHE A 178 8.50 24.20 -15.62
CA PHE A 178 7.42 23.44 -16.23
C PHE A 178 6.75 22.63 -15.15
N GLU A 179 7.58 22.06 -14.29
CA GLU A 179 7.16 21.26 -13.13
C GLU A 179 6.52 21.98 -11.95
N THR A 180 7.06 23.14 -11.58
CA THR A 180 6.58 23.84 -10.40
C THR A 180 6.02 25.27 -10.45
N THR A 181 6.67 26.14 -11.23
CA THR A 181 6.25 27.54 -11.27
C THR A 181 5.00 27.64 -12.12
N GLY A 182 4.99 26.91 -13.22
CA GLY A 182 3.84 26.86 -14.13
C GLY A 182 2.61 26.27 -13.47
N PRO A 183 2.72 25.05 -12.94
CA PRO A 183 1.60 24.44 -12.20
C PRO A 183 1.08 25.27 -11.05
N GLU A 184 1.96 25.97 -10.32
CA GLU A 184 1.52 26.84 -9.24
C GLU A 184 0.62 27.96 -9.76
N ILE A 185 0.99 28.51 -10.89
CA ILE A 185 0.21 29.58 -11.49
C ILE A 185 -1.15 29.06 -11.97
N TRP A 186 -1.15 27.91 -12.61
CA TRP A 186 -2.40 27.31 -13.08
C TRP A 186 -3.34 27.01 -11.91
N GLU A 187 -2.80 26.40 -10.86
CA GLU A 187 -3.61 26.04 -9.70
C GLU A 187 -4.11 27.27 -8.93
N ASP A 188 -3.21 28.22 -8.68
CA ASP A 188 -3.56 29.42 -7.92
C ASP A 188 -4.57 30.33 -8.63
N THR A 189 -4.56 30.33 -9.96
CA THR A 189 -5.55 31.08 -10.71
C THR A 189 -6.77 30.24 -11.09
N ASN A 190 -6.80 29.00 -10.60
CA ASN A 190 -7.92 28.11 -10.90
C ASN A 190 -8.15 28.06 -12.40
N GLY A 191 -7.06 28.00 -13.16
CA GLY A 191 -7.14 27.89 -14.61
C GLY A 191 -7.60 29.13 -15.36
N GLN A 192 -7.67 30.27 -14.67
CA GLN A 192 -8.22 31.48 -15.30
C GLN A 192 -7.18 32.39 -15.95
N VAL A 193 -5.90 32.14 -15.71
CA VAL A 193 -4.85 32.99 -16.30
C VAL A 193 -5.01 33.08 -17.83
N ASP A 194 -5.00 34.30 -18.36
CA ASP A 194 -5.10 34.50 -19.81
C ASP A 194 -3.76 34.86 -20.45
N ILE A 195 -2.93 35.55 -19.70
CA ILE A 195 -1.67 36.07 -20.23
C ILE A 195 -0.60 35.95 -19.16
N PHE A 196 0.57 35.44 -19.55
CA PHE A 196 1.71 35.42 -18.64
C PHE A 196 2.85 36.20 -19.27
N VAL A 197 3.47 37.07 -18.47
CA VAL A 197 4.57 37.88 -18.99
C VAL A 197 5.75 37.80 -18.02
N MET A 198 6.95 37.68 -18.57
CA MET A 198 8.15 37.42 -17.78
C MET A 198 9.40 37.82 -18.53
N GLY A 199 10.24 38.62 -17.86
CA GLY A 199 11.54 38.97 -18.40
C GLY A 199 12.45 37.77 -18.58
N ILE A 200 13.34 37.88 -19.55
CA ILE A 200 14.23 36.78 -19.91
C ILE A 200 15.66 37.02 -19.41
N GLY A 201 16.13 36.16 -18.53
CA GLY A 201 17.56 36.09 -18.23
C GLY A 201 18.13 34.89 -18.96
N SER A 202 17.99 33.72 -18.35
CA SER A 202 18.29 32.48 -19.04
C SER A 202 17.11 32.05 -19.94
N GLY A 203 15.92 32.55 -19.65
CA GLY A 203 14.74 32.18 -20.41
C GLY A 203 14.09 30.93 -19.85
N GLY A 204 14.65 30.38 -18.79
CA GLY A 204 14.09 29.19 -18.16
C GLY A 204 12.66 29.40 -17.68
N THR A 205 12.43 30.53 -17.01
CA THR A 205 11.11 30.77 -16.45
C THR A 205 10.04 30.93 -17.53
N VAL A 206 10.26 31.82 -18.49
CA VAL A 206 9.21 32.08 -19.49
C VAL A 206 8.99 30.82 -20.34
N SER A 207 10.07 30.09 -20.61
CA SER A 207 9.96 28.88 -21.42
C SER A 207 9.17 27.78 -20.71
N GLY A 208 9.53 27.49 -19.48
CA GLY A 208 8.90 26.41 -18.73
C GLY A 208 7.49 26.75 -18.30
N VAL A 209 7.30 27.96 -17.80
CA VAL A 209 5.95 28.35 -17.47
C VAL A 209 5.08 28.39 -18.72
N GLY A 210 5.60 28.97 -19.80
CA GLY A 210 4.83 29.09 -21.03
C GLY A 210 4.44 27.73 -21.56
N GLN A 211 5.41 26.82 -21.61
CA GLN A 211 5.16 25.47 -22.10
C GLN A 211 4.05 24.82 -21.28
N TYR A 212 4.15 24.90 -19.97
CA TYR A 212 3.12 24.29 -19.13
C TYR A 212 1.73 24.91 -19.31
N LEU A 213 1.64 26.24 -19.25
CA LEU A 213 0.34 26.88 -19.36
C LEU A 213 -0.32 26.56 -20.69
N LYS A 214 0.45 26.60 -21.77
CA LYS A 214 -0.11 26.28 -23.08
C LYS A 214 -0.55 24.82 -23.17
N SER A 215 0.10 23.96 -22.38
CA SER A 215 -0.28 22.55 -22.36
C SER A 215 -1.66 22.37 -21.71
N LYS A 216 -2.01 23.30 -20.82
CA LYS A 216 -3.29 23.23 -20.12
C LYS A 216 -4.37 23.98 -20.91
N ASN A 217 -3.96 25.08 -21.52
CA ASN A 217 -4.87 25.90 -22.32
C ASN A 217 -4.11 26.61 -23.43
N PRO A 218 -4.25 26.11 -24.65
CA PRO A 218 -3.48 26.60 -25.81
C PRO A 218 -3.73 28.07 -26.10
N ASN A 219 -4.84 28.60 -25.60
CA ASN A 219 -5.17 30.00 -25.82
C ASN A 219 -4.41 30.97 -24.92
N VAL A 220 -3.73 30.47 -23.89
CA VAL A 220 -2.96 31.36 -23.02
C VAL A 220 -1.84 32.04 -23.82
N LYS A 221 -1.70 33.36 -23.72
CA LYS A 221 -0.66 34.04 -24.47
C LYS A 221 0.53 34.32 -23.56
N ILE A 222 1.73 34.05 -24.07
CA ILE A 222 2.97 34.16 -23.30
C ILE A 222 3.86 35.23 -23.91
N TYR A 223 4.34 36.15 -23.07
CA TYR A 223 5.18 37.25 -23.57
C TYR A 223 6.50 37.27 -22.81
N GLY A 224 7.59 37.55 -23.52
CA GLY A 224 8.86 37.81 -22.86
C GLY A 224 9.09 39.29 -22.71
N VAL A 225 10.11 39.67 -21.94
CA VAL A 225 10.53 41.07 -21.83
C VAL A 225 12.06 41.14 -21.94
N GLU A 226 12.56 42.16 -22.63
CA GLU A 226 14.01 42.42 -22.64
C GLU A 226 14.22 43.93 -22.51
N PRO A 227 15.42 44.36 -22.13
CA PRO A 227 15.64 45.79 -21.95
C PRO A 227 15.74 46.49 -23.31
N SER A 228 15.14 47.67 -23.42
CA SER A 228 15.25 48.48 -24.64
C SER A 228 16.70 48.67 -25.06
N GLU A 229 17.56 48.81 -24.06
CA GLU A 229 18.99 49.07 -24.27
C GLU A 229 19.74 47.92 -24.95
N SER A 230 19.37 46.70 -24.62
CA SER A 230 20.00 45.53 -25.20
C SER A 230 18.91 44.60 -25.70
N ASN A 231 18.25 45.01 -26.79
CA ASN A 231 17.13 44.26 -27.31
C ASN A 231 17.52 43.23 -28.38
N VAL A 232 18.39 42.29 -28.00
CA VAL A 232 18.95 41.34 -28.97
C VAL A 232 17.92 40.35 -29.51
N LEU A 233 16.91 40.02 -28.72
CA LEU A 233 15.91 39.06 -29.17
C LEU A 233 15.04 39.66 -30.29
N ASN A 234 14.98 40.98 -30.31
CA ASN A 234 14.25 41.72 -31.33
C ASN A 234 15.17 42.26 -32.41
N GLY A 235 16.40 41.75 -32.44
CA GLY A 235 17.33 42.05 -33.52
C GLY A 235 18.28 43.21 -33.29
N GLY A 236 18.22 43.80 -32.09
CA GLY A 236 19.10 44.90 -31.74
C GLY A 236 20.47 44.43 -31.32
N LYS A 237 21.34 45.36 -30.96
CA LYS A 237 22.68 45.04 -30.48
C LYS A 237 22.72 44.99 -28.96
N PRO A 238 23.62 44.16 -28.43
CA PRO A 238 23.79 44.14 -26.97
C PRO A 238 24.34 45.48 -26.47
N GLY A 239 23.88 45.90 -25.31
CA GLY A 239 24.35 47.14 -24.71
C GLY A 239 24.16 47.12 -23.20
N PRO A 240 24.77 48.09 -22.50
CA PRO A 240 24.64 48.17 -21.05
C PRO A 240 23.23 48.59 -20.66
N HIS A 241 22.73 48.03 -19.56
CA HIS A 241 21.40 48.39 -19.07
C HIS A 241 21.37 48.07 -17.58
N HIS A 242 20.28 48.44 -16.91
CA HIS A 242 20.21 48.29 -15.45
C HIS A 242 19.26 47.22 -14.98
N ILE A 243 18.67 46.49 -15.91
CA ILE A 243 17.66 45.49 -15.51
C ILE A 243 18.36 44.18 -15.19
N THR A 244 18.99 44.14 -14.02
CA THR A 244 19.82 43.01 -13.63
C THR A 244 19.00 41.72 -13.64
N GLY A 245 19.54 40.67 -14.24
CA GLY A 245 18.79 39.43 -14.32
C GLY A 245 18.06 39.24 -15.63
N ASN A 246 17.96 40.32 -16.42
CA ASN A 246 17.47 40.23 -17.78
C ASN A 246 18.54 40.70 -18.76
N GLY A 247 18.29 40.52 -20.05
CA GLY A 247 19.16 41.07 -21.08
C GLY A 247 20.62 40.66 -20.97
N VAL A 248 20.89 39.37 -21.12
CA VAL A 248 22.26 38.91 -21.01
C VAL A 248 23.09 39.22 -22.25
N GLY A 249 22.44 39.71 -23.29
CA GLY A 249 23.18 40.12 -24.49
C GLY A 249 23.39 39.05 -25.54
N PHE A 250 22.73 37.91 -25.36
CA PHE A 250 22.77 36.82 -26.33
C PHE A 250 21.50 36.00 -26.16
N LYS A 251 21.20 35.12 -27.10
CA LYS A 251 20.04 34.24 -26.96
C LYS A 251 20.46 32.96 -26.24
N PRO A 252 19.91 32.73 -25.03
CA PRO A 252 20.29 31.48 -24.35
C PRO A 252 19.80 30.25 -25.12
N ASP A 253 20.58 29.18 -25.10
CA ASP A 253 20.20 27.94 -25.79
C ASP A 253 18.84 27.39 -25.35
N ILE A 254 18.51 27.55 -24.07
CA ILE A 254 17.26 26.98 -23.57
C ILE A 254 16.01 27.79 -23.89
N LEU A 255 16.17 29.05 -24.30
CA LEU A 255 15.02 29.92 -24.54
C LEU A 255 14.14 29.38 -25.66
N ASP A 256 12.87 29.19 -25.36
CA ASP A 256 11.89 28.69 -26.33
C ASP A 256 11.19 29.86 -27.01
N LEU A 257 11.76 30.35 -28.10
CA LEU A 257 11.18 31.50 -28.81
C LEU A 257 9.75 31.23 -29.27
N ASP A 258 9.47 29.98 -29.64
CA ASP A 258 8.18 29.65 -30.25
C ASP A 258 7.00 29.75 -29.28
N VAL A 259 7.25 29.63 -27.98
CA VAL A 259 6.15 29.65 -27.02
C VAL A 259 5.65 31.07 -26.77
N MET A 260 6.41 32.06 -27.21
CA MET A 260 6.04 33.45 -26.95
C MET A 260 5.34 34.11 -28.14
N GLU A 261 4.38 34.97 -27.85
CA GLU A 261 3.75 35.79 -28.88
C GLU A 261 4.79 36.75 -29.42
N LYS A 262 5.52 37.38 -28.50
CA LYS A 262 6.58 38.33 -28.83
C LYS A 262 7.39 38.65 -27.57
N VAL A 263 8.52 39.32 -27.75
CA VAL A 263 9.32 39.81 -26.64
C VAL A 263 9.15 41.32 -26.53
N LEU A 264 8.53 41.77 -25.45
CA LEU A 264 8.34 43.19 -25.21
C LEU A 264 9.64 43.86 -24.79
N GLU A 265 9.76 45.16 -25.06
CA GLU A 265 10.93 45.93 -24.65
C GLU A 265 10.58 46.96 -23.60
N VAL A 266 11.31 46.96 -22.49
CA VAL A 266 11.10 47.95 -21.43
C VAL A 266 12.41 48.67 -21.17
N SER A 267 12.37 49.98 -20.99
CA SER A 267 13.60 50.71 -20.79
C SER A 267 14.09 50.53 -19.36
N SER A 268 15.39 50.66 -19.17
CA SER A 268 15.96 50.62 -17.82
C SER A 268 15.29 51.66 -16.93
N GLU A 269 15.10 52.86 -17.47
CA GLU A 269 14.51 53.96 -16.72
C GLU A 269 13.11 53.60 -16.21
N ASP A 270 12.27 53.08 -17.11
CA ASP A 270 10.91 52.70 -16.72
C ASP A 270 10.90 51.56 -15.68
N ALA A 271 11.75 50.55 -15.87
CA ALA A 271 11.82 49.42 -14.92
C ALA A 271 12.20 49.92 -13.54
N VAL A 272 13.25 50.74 -13.49
CA VAL A 272 13.73 51.28 -12.22
C VAL A 272 12.64 52.14 -11.57
N ASN A 273 12.02 53.04 -12.33
CA ASN A 273 10.99 53.90 -11.74
C ASN A 273 9.83 53.09 -11.18
N MET A 274 9.41 52.06 -11.92
CA MET A 274 8.30 51.22 -11.46
C MET A 274 8.65 50.42 -10.20
N ALA A 275 9.88 49.93 -10.09
CA ALA A 275 10.26 49.22 -8.88
C ALA A 275 10.15 50.15 -7.68
N ARG A 276 10.52 51.41 -7.84
CA ARG A 276 10.38 52.37 -6.73
C ARG A 276 8.94 52.60 -6.31
N VAL A 277 8.06 52.77 -7.29
CA VAL A 277 6.64 52.91 -7.05
C VAL A 277 6.01 51.69 -6.39
N LEU A 278 6.47 50.50 -6.77
CA LEU A 278 5.91 49.29 -6.17
C LEU A 278 6.14 49.28 -4.66
N ALA A 279 7.32 49.72 -4.23
CA ALA A 279 7.60 49.84 -2.81
C ALA A 279 6.70 50.87 -2.16
N LEU A 280 6.65 52.07 -2.74
CA LEU A 280 5.97 53.20 -2.14
C LEU A 280 4.45 53.07 -2.14
N LYS A 281 3.90 52.45 -3.18
CA LYS A 281 2.46 52.39 -3.34
C LYS A 281 1.85 51.03 -3.01
N GLU A 282 2.57 49.97 -3.36
CA GLU A 282 2.01 48.63 -3.20
C GLU A 282 2.61 47.89 -2.00
N GLY A 283 3.61 48.51 -1.37
CA GLY A 283 4.29 47.88 -0.25
C GLY A 283 5.10 46.67 -0.68
N LEU A 284 5.56 46.66 -1.92
CA LEU A 284 6.36 45.53 -2.39
C LEU A 284 7.77 46.00 -2.69
N MET A 285 8.70 45.63 -1.81
CA MET A 285 10.10 46.00 -1.92
C MET A 285 10.73 44.96 -2.85
N VAL A 286 10.79 45.26 -4.15
CA VAL A 286 11.24 44.27 -5.14
C VAL A 286 12.32 44.83 -6.07
N GLY A 287 12.96 43.94 -6.84
CA GLY A 287 14.11 44.32 -7.64
C GLY A 287 13.74 44.96 -8.98
N ILE A 288 14.76 45.27 -9.75
CA ILE A 288 14.55 46.01 -11.00
C ILE A 288 13.78 45.22 -12.08
N SER A 289 14.05 43.93 -12.20
CA SER A 289 13.33 43.12 -13.15
C SER A 289 11.87 42.98 -12.76
N SER A 290 11.58 43.09 -11.46
CA SER A 290 10.19 43.11 -11.01
C SER A 290 9.50 44.35 -11.58
N GLY A 291 10.18 45.48 -11.50
CA GLY A 291 9.64 46.68 -12.12
C GLY A 291 9.43 46.49 -13.61
N ALA A 292 10.38 45.86 -14.30
CA ALA A 292 10.27 45.71 -15.73
C ALA A 292 9.08 44.82 -16.09
N ASN A 293 8.90 43.74 -15.36
CA ASN A 293 7.76 42.87 -15.61
C ASN A 293 6.45 43.61 -15.43
N THR A 294 6.43 44.48 -14.43
CA THR A 294 5.18 45.18 -14.10
C THR A 294 4.85 46.20 -15.18
N VAL A 295 5.87 46.87 -15.68
CA VAL A 295 5.65 47.79 -16.80
C VAL A 295 5.08 47.05 -17.98
N ALA A 296 5.65 45.88 -18.29
CA ALA A 296 5.19 45.10 -19.41
C ALA A 296 3.76 44.63 -19.18
N ALA A 297 3.45 44.18 -17.98
CA ALA A 297 2.09 43.77 -17.67
C ALA A 297 1.08 44.90 -17.91
N LEU A 298 1.43 46.10 -17.48
CA LEU A 298 0.53 47.22 -17.63
C LEU A 298 0.37 47.61 -19.10
N ARG A 299 1.45 47.48 -19.87
CA ARG A 299 1.37 47.83 -21.29
C ARG A 299 0.41 46.88 -22.00
N LEU A 300 0.46 45.60 -21.66
CA LEU A 300 -0.45 44.62 -22.23
C LEU A 300 -1.89 44.93 -21.83
N ALA A 301 -2.09 45.37 -20.59
CA ALA A 301 -3.43 45.71 -20.11
C ALA A 301 -4.04 46.87 -20.90
N GLN A 302 -3.19 47.73 -21.46
CA GLN A 302 -3.70 48.89 -22.18
C GLN A 302 -4.36 48.53 -23.51
N LEU A 303 -4.09 47.33 -24.02
CA LEU A 303 -4.65 46.96 -25.31
C LEU A 303 -6.13 46.59 -25.17
N PRO A 304 -6.96 47.09 -26.10
CA PRO A 304 -8.40 46.78 -26.06
C PRO A 304 -8.64 45.29 -26.00
N GLU A 305 -7.85 44.53 -26.74
CA GLU A 305 -8.06 43.08 -26.79
C GLU A 305 -7.87 42.40 -25.44
N ASN A 306 -7.14 43.03 -24.53
CA ASN A 306 -6.84 42.40 -23.24
C ASN A 306 -7.68 42.90 -22.06
N LYS A 307 -8.64 43.79 -22.33
CA LYS A 307 -9.50 44.27 -21.25
C LYS A 307 -10.27 43.12 -20.64
N GLY A 308 -10.27 43.06 -19.31
CA GLY A 308 -11.00 42.03 -18.60
C GLY A 308 -10.24 40.74 -18.42
N LYS A 309 -9.04 40.65 -18.99
CA LYS A 309 -8.27 39.41 -18.90
C LYS A 309 -7.47 39.33 -17.61
N LEU A 310 -7.08 38.12 -17.23
CA LEU A 310 -6.19 37.94 -16.07
C LEU A 310 -4.76 37.87 -16.59
N ILE A 311 -3.95 38.86 -16.23
CA ILE A 311 -2.55 38.90 -16.62
C ILE A 311 -1.72 38.54 -15.41
N VAL A 312 -0.82 37.55 -15.54
CA VAL A 312 0.04 37.15 -14.43
C VAL A 312 1.48 37.46 -14.77
N THR A 313 2.23 38.01 -13.82
CA THR A 313 3.65 38.18 -14.00
C THR A 313 4.34 37.82 -12.69
N VAL A 314 5.62 38.11 -12.60
CA VAL A 314 6.42 37.64 -11.48
C VAL A 314 7.24 38.82 -10.93
N HIS A 315 7.45 38.85 -9.62
CA HIS A 315 8.44 39.76 -9.05
C HIS A 315 9.59 38.87 -8.60
N PRO A 316 10.66 38.79 -9.40
CA PRO A 316 11.61 37.69 -9.19
C PRO A 316 12.58 37.83 -8.04
N SER A 317 12.71 39.02 -7.45
CA SER A 317 13.71 39.21 -6.41
C SER A 317 13.30 40.31 -5.44
N PHE A 318 13.83 40.22 -4.23
CA PHE A 318 13.55 41.15 -3.14
C PHE A 318 14.45 42.37 -3.23
N GLY A 319 13.90 43.54 -2.91
CA GLY A 319 14.56 44.81 -3.15
C GLY A 319 15.79 45.10 -2.31
N GLU A 320 15.93 44.46 -1.16
CA GLU A 320 17.09 44.77 -0.33
C GLU A 320 18.41 44.37 -0.96
N ARG A 321 18.34 43.51 -1.97
CA ARG A 321 19.53 43.11 -2.71
C ARG A 321 19.94 44.18 -3.71
N TYR A 322 19.23 45.31 -3.71
CA TYR A 322 19.48 46.34 -4.72
C TYR A 322 19.76 47.69 -4.10
N LEU A 323 19.99 47.70 -2.81
CA LEU A 323 20.20 48.97 -2.11
C LEU A 323 21.33 49.80 -2.71
N SER A 324 22.38 49.13 -3.17
CA SER A 324 23.52 49.86 -3.70
C SER A 324 23.44 50.07 -5.21
N SER A 325 22.43 49.48 -5.86
CA SER A 325 22.23 49.67 -7.29
C SER A 325 21.57 51.01 -7.59
N VAL A 326 21.39 51.30 -8.87
CA VAL A 326 20.71 52.53 -9.27
C VAL A 326 19.31 52.63 -8.67
N LEU A 327 18.74 51.50 -8.30
CA LEU A 327 17.40 51.52 -7.73
C LEU A 327 17.30 52.39 -6.47
N PHE A 328 18.20 52.18 -5.53
CA PHE A 328 18.14 52.89 -4.25
C PHE A 328 19.45 53.60 -3.86
N GLN A 329 20.40 53.69 -4.79
CA GLN A 329 21.71 54.28 -4.51
C GLN A 329 21.59 55.64 -3.85
N GLU A 330 20.71 56.47 -4.39
CA GLU A 330 20.57 57.84 -3.90
C GLU A 330 20.05 57.84 -2.47
N LEU A 331 19.02 57.02 -2.21
CA LEU A 331 18.51 56.87 -0.84
C LEU A 331 19.58 56.32 0.09
N ARG A 332 20.40 55.41 -0.40
CA ARG A 332 21.44 54.84 0.43
C ARG A 332 22.49 55.89 0.81
N GLN A 333 22.82 56.75 -0.12
CA GLN A 333 23.78 57.83 0.18
C GLN A 333 23.19 58.78 1.20
N GLU A 334 21.94 59.17 1.00
CA GLU A 334 21.21 59.97 1.99
C GLU A 334 21.25 59.31 3.37
N ALA A 335 20.97 58.01 3.40
CA ALA A 335 20.92 57.30 4.67
C ALA A 335 22.26 57.28 5.40
N GLU A 336 23.34 57.05 4.64
CA GLU A 336 24.71 57.08 5.17
C GLU A 336 25.04 58.42 5.81
N ASN A 337 24.43 59.48 5.31
CA ASN A 337 24.74 60.84 5.78
C ASN A 337 23.89 61.34 6.95
N MET A 338 22.90 60.55 7.35
CA MET A 338 22.07 60.92 8.48
C MET A 338 22.91 60.88 9.76
N GLN A 339 22.62 61.79 10.68
CA GLN A 339 23.34 61.86 11.95
C GLN A 339 22.34 61.77 13.11
N PRO A 340 22.79 61.25 14.26
CA PRO A 340 21.88 61.15 15.41
C PRO A 340 21.52 62.53 15.97
N VAL A 341 20.34 62.66 16.55
CA VAL A 341 19.95 63.86 17.26
C VAL A 341 20.00 63.62 18.77
N ALA A 342 20.12 64.70 19.53
CA ALA A 342 20.16 64.58 20.97
C ALA A 342 18.78 64.20 21.50
N VAL A 343 18.75 63.49 22.62
CA VAL A 343 17.50 63.14 23.25
C VAL A 343 17.29 63.95 24.53
N SER B 22 -12.95 32.31 -5.64
CA SER B 22 -12.78 31.77 -6.99
C SER B 22 -11.36 31.25 -7.25
N THR B 23 -10.37 31.98 -6.76
CA THR B 23 -8.96 31.60 -6.94
C THR B 23 -8.22 31.67 -5.60
N ASN B 24 -6.93 31.36 -5.63
CA ASN B 24 -6.08 31.52 -4.45
C ASN B 24 -5.29 32.82 -4.46
N ILE B 25 -5.61 33.72 -5.40
CA ILE B 25 -4.87 34.97 -5.49
C ILE B 25 -5.23 35.86 -4.32
N LYS B 26 -4.22 36.36 -3.60
CA LYS B 26 -4.48 37.25 -2.47
C LYS B 26 -5.04 38.56 -2.97
N LYS B 27 -6.01 39.11 -2.24
CA LYS B 27 -6.55 40.43 -2.58
C LYS B 27 -5.68 41.59 -2.10
N HIS B 28 -4.93 41.39 -1.03
CA HIS B 28 -4.11 42.43 -0.43
C HIS B 28 -2.73 41.89 -0.10
N VAL B 29 -1.71 42.73 -0.23
CA VAL B 29 -0.35 42.33 0.10
C VAL B 29 -0.22 41.96 1.57
N SER B 30 -1.04 42.54 2.44
CA SER B 30 -1.01 42.22 3.86
C SER B 30 -1.45 40.78 4.15
N GLN B 31 -2.14 40.17 3.20
CA GLN B 31 -2.55 38.77 3.33
C GLN B 31 -1.40 37.80 3.11
N LEU B 32 -0.23 38.34 2.76
CA LEU B 32 0.99 37.54 2.60
C LEU B 32 1.71 37.37 3.94
N ILE B 33 1.22 38.06 4.98
CA ILE B 33 1.84 37.95 6.30
C ILE B 33 1.44 36.65 7.00
N GLY B 34 2.37 36.03 7.71
CA GLY B 34 2.07 34.90 8.58
C GLY B 34 2.30 33.53 7.99
N ARG B 35 1.89 32.50 8.73
CA ARG B 35 2.04 31.09 8.31
C ARG B 35 3.43 30.82 7.70
N THR B 36 4.45 30.91 8.55
CA THR B 36 5.81 30.61 8.15
C THR B 36 6.20 29.18 8.50
N PRO B 37 7.18 28.61 7.78
CA PRO B 37 7.52 27.20 7.94
C PRO B 37 8.47 26.96 9.10
N LEU B 38 8.48 25.74 9.60
CA LEU B 38 9.50 25.25 10.52
C LEU B 38 10.40 24.29 9.79
N VAL B 39 11.68 24.29 10.14
CA VAL B 39 12.63 23.35 9.54
CA VAL B 39 12.63 23.33 9.56
C VAL B 39 13.61 22.80 10.60
N TYR B 40 13.90 21.49 10.53
CA TYR B 40 14.90 20.93 11.45
C TYR B 40 16.32 21.36 11.11
N LEU B 41 17.16 21.47 12.13
CA LEU B 41 18.59 21.66 11.92
C LEU B 41 19.31 20.39 12.35
N ASN B 42 20.27 19.96 11.56
CA ASN B 42 21.03 18.75 11.88
C ASN B 42 22.55 18.95 11.78
N LYS B 43 22.97 20.13 11.34
CA LYS B 43 24.40 20.40 11.22
C LYS B 43 24.97 21.10 12.46
N VAL B 44 24.45 22.28 12.80
CA VAL B 44 24.93 22.97 14.00
C VAL B 44 24.49 22.22 15.25
N THR B 45 23.57 21.28 15.08
CA THR B 45 23.06 20.51 16.21
C THR B 45 23.74 19.15 16.35
N GLU B 46 24.79 18.90 15.57
CA GLU B 46 25.44 17.59 15.62
C GLU B 46 25.76 17.19 17.04
N GLY B 47 25.33 15.99 17.43
CA GLY B 47 25.60 15.46 18.74
C GLY B 47 24.84 16.03 19.94
N CYS B 48 23.95 17.00 19.71
CA CYS B 48 23.30 17.67 20.83
C CYS B 48 22.24 16.84 21.56
N GLY B 49 21.71 15.82 20.92
CA GLY B 49 20.77 14.92 21.59
C GLY B 49 19.32 15.36 21.74
N ALA B 50 18.97 16.49 21.13
CA ALA B 50 17.58 16.92 21.08
C ALA B 50 17.22 17.28 19.65
N TYR B 51 15.92 17.35 19.35
CA TYR B 51 15.46 17.86 18.07
C TYR B 51 15.42 19.37 18.16
N VAL B 52 15.87 20.05 17.10
CA VAL B 52 15.77 21.49 17.08
C VAL B 52 15.13 21.91 15.77
N ALA B 53 14.02 22.63 15.84
CA ALA B 53 13.32 23.09 14.64
C ALA B 53 13.23 24.61 14.72
N VAL B 54 13.43 25.29 13.60
CA VAL B 54 13.46 26.76 13.60
CA VAL B 54 13.45 26.75 13.60
C VAL B 54 12.41 27.34 12.66
N LYS B 55 11.68 28.33 13.16
CA LYS B 55 10.64 29.00 12.41
C LYS B 55 11.24 30.12 11.58
N GLN B 56 10.92 30.17 10.28
CA GLN B 56 11.60 31.06 9.34
C GLN B 56 10.82 32.32 9.00
N GLU B 57 11.04 33.39 9.75
CA GLU B 57 10.28 34.60 9.58
C GLU B 57 10.76 35.45 8.41
N MET B 58 11.77 34.98 7.69
CA MET B 58 12.23 35.66 6.46
C MET B 58 11.19 35.52 5.33
N MET B 59 10.25 34.60 5.50
CA MET B 59 9.17 34.37 4.52
C MET B 59 8.00 35.34 4.70
N GLN B 60 8.25 36.48 5.31
CA GLN B 60 7.22 37.51 5.46
C GLN B 60 7.47 38.55 4.38
N PRO B 61 6.47 39.39 4.09
CA PRO B 61 6.62 40.39 3.02
C PRO B 61 7.73 41.40 3.25
N THR B 62 8.11 41.72 4.50
CA THR B 62 9.29 42.56 4.68
C THR B 62 10.42 41.78 5.34
N ALA B 63 10.26 40.46 5.36
CA ALA B 63 11.36 39.57 5.74
C ALA B 63 11.77 39.66 7.20
N SER B 64 10.85 40.02 8.08
CA SER B 64 11.06 39.77 9.51
C SER B 64 9.75 39.52 10.22
N ILE B 65 9.87 39.01 11.44
CA ILE B 65 8.74 38.69 12.26
C ILE B 65 7.89 39.92 12.58
N ALA B 66 8.44 41.12 12.41
CA ALA B 66 7.72 42.33 12.83
C ALA B 66 6.49 42.64 11.99
N ASP B 67 6.35 42.01 10.83
CA ASP B 67 5.15 42.19 10.01
C ASP B 67 3.89 41.82 10.81
N ARG B 68 4.01 40.81 11.68
CA ARG B 68 2.85 40.37 12.45
C ARG B 68 2.33 41.44 13.41
N PRO B 69 3.16 41.91 14.35
CA PRO B 69 2.64 42.93 15.26
C PRO B 69 2.38 44.27 14.57
N ALA B 70 3.14 44.64 13.54
CA ALA B 70 2.81 45.89 12.83
C ALA B 70 1.40 45.87 12.24
N TYR B 71 1.06 44.80 11.54
CA TYR B 71 -0.28 44.64 11.02
C TYR B 71 -1.32 44.68 12.14
N ALA B 72 -1.06 43.93 13.21
CA ALA B 72 -2.04 43.78 14.28
C ALA B 72 -2.30 45.09 15.00
N MET B 73 -1.24 45.85 15.27
CA MET B 73 -1.37 47.10 16.01
C MET B 73 -2.08 48.16 15.17
N ILE B 74 -1.68 48.30 13.91
CA ILE B 74 -2.30 49.31 13.07
C ILE B 74 -3.78 49.00 12.82
N THR B 75 -4.08 47.74 12.54
CA THR B 75 -5.47 47.32 12.35
C THR B 75 -6.31 47.54 13.61
N ASP B 76 -5.76 47.19 14.77
CA ASP B 76 -6.44 47.41 16.04
C ASP B 76 -6.77 48.89 16.24
N ALA B 77 -5.82 49.76 15.88
CA ALA B 77 -6.05 51.19 16.06
C ALA B 77 -7.14 51.70 15.13
N GLU B 78 -7.26 51.10 13.95
CA GLU B 78 -8.29 51.52 13.01
C GLU B 78 -9.66 51.05 13.49
N GLU B 79 -9.73 49.82 13.97
CA GLU B 79 -10.97 49.27 14.50
C GLU B 79 -11.46 50.06 15.71
N LYS B 80 -10.52 50.51 16.54
CA LYS B 80 -10.86 51.33 17.68
C LYS B 80 -11.19 52.78 17.31
N ASN B 81 -11.13 53.10 16.01
CA ASN B 81 -11.38 54.45 15.54
C ASN B 81 -10.42 55.47 16.16
N LEU B 82 -9.14 55.12 16.24
CA LEU B 82 -8.14 56.02 16.80
C LEU B 82 -7.37 56.81 15.74
N ILE B 83 -7.23 56.23 14.57
CA ILE B 83 -6.39 56.80 13.54
C ILE B 83 -7.10 56.86 12.20
N THR B 84 -6.63 57.72 11.32
CA THR B 84 -7.28 57.97 10.04
C THR B 84 -6.25 58.25 8.97
N PRO B 85 -6.26 57.45 7.89
CA PRO B 85 -5.29 57.64 6.80
C PRO B 85 -5.36 59.08 6.29
N GLY B 86 -4.22 59.66 5.96
CA GLY B 86 -4.17 61.01 5.46
C GLY B 86 -4.37 62.10 6.50
N LYS B 87 -4.70 61.70 7.73
CA LYS B 87 -4.86 62.68 8.80
C LYS B 87 -3.87 62.42 9.93
N THR B 88 -3.76 61.16 10.33
CA THR B 88 -2.91 60.81 11.45
C THR B 88 -1.47 60.58 11.03
N THR B 89 -0.54 61.18 11.78
CA THR B 89 0.88 60.84 11.64
C THR B 89 1.22 59.75 12.65
N LEU B 90 1.66 58.60 12.16
CA LEU B 90 2.07 57.54 13.07
C LEU B 90 3.54 57.72 13.43
N ILE B 91 3.87 57.53 14.71
CA ILE B 91 5.22 57.67 15.20
C ILE B 91 5.56 56.41 15.97
N GLU B 92 6.70 55.79 15.68
CA GLU B 92 7.07 54.56 16.37
C GLU B 92 8.58 54.46 16.61
N PRO B 93 8.99 54.05 17.82
CA PRO B 93 10.40 53.80 18.11
C PRO B 93 10.77 52.37 17.71
N THR B 94 11.98 52.15 17.22
CA THR B 94 12.35 50.83 16.68
C THR B 94 13.85 50.61 16.70
N SER B 95 14.28 49.34 16.69
CA SER B 95 15.67 49.00 16.40
C SER B 95 15.83 48.66 14.93
N GLY B 96 14.74 48.77 14.17
CA GLY B 96 14.79 48.59 12.72
C GLY B 96 13.65 47.82 12.10
N ASN B 97 13.45 46.58 12.51
CA ASN B 97 12.46 45.73 11.86
C ASN B 97 11.01 46.20 12.04
N MET B 98 10.64 46.58 13.25
CA MET B 98 9.31 47.12 13.48
C MET B 98 9.14 48.37 12.63
N GLY B 99 10.18 49.18 12.57
CA GLY B 99 10.12 50.40 11.77
C GLY B 99 9.82 50.09 10.31
N ILE B 100 10.51 49.10 9.76
CA ILE B 100 10.30 48.71 8.37
C ILE B 100 8.88 48.19 8.15
N SER B 101 8.41 47.37 9.09
CA SER B 101 7.10 46.78 8.98
C SER B 101 5.99 47.83 9.10
N MET B 102 6.20 48.82 9.95
CA MET B 102 5.24 49.91 10.09
C MET B 102 5.27 50.76 8.84
N ALA B 103 6.46 50.97 8.30
CA ALA B 103 6.60 51.78 7.08
C ALA B 103 5.84 51.12 5.94
N PHE B 104 5.93 49.79 5.89
CA PHE B 104 5.25 48.95 4.91
C PHE B 104 3.72 49.04 5.07
N MET B 105 3.22 48.83 6.28
CA MET B 105 1.77 48.98 6.51
C MET B 105 1.28 50.41 6.22
N ALA B 106 2.08 51.39 6.59
CA ALA B 106 1.68 52.79 6.39
C ALA B 106 1.65 53.13 4.91
N ALA B 107 2.59 52.55 4.14
CA ALA B 107 2.63 52.76 2.71
C ALA B 107 1.37 52.22 2.07
N MET B 108 0.93 51.07 2.51
CA MET B 108 -0.24 50.43 1.91
C MET B 108 -1.55 51.09 2.30
N LYS B 109 -1.66 51.55 3.56
CA LYS B 109 -2.90 52.09 4.09
C LYS B 109 -3.00 53.61 3.97
N GLY B 110 -1.91 54.27 3.62
CA GLY B 110 -1.94 55.71 3.42
C GLY B 110 -1.77 56.57 4.66
N TYR B 111 -0.82 56.19 5.52
CA TYR B 111 -0.44 57.01 6.68
C TYR B 111 0.95 57.61 6.51
N LYS B 112 1.10 58.85 6.93
CA LYS B 112 2.41 59.41 7.15
C LYS B 112 3.05 58.67 8.33
N MET B 113 4.30 58.23 8.16
CA MET B 113 4.98 57.41 9.16
C MET B 113 6.30 58.04 9.55
N VAL B 114 6.53 58.18 10.85
CA VAL B 114 7.78 58.71 11.34
C VAL B 114 8.36 57.71 12.32
N LEU B 115 9.62 57.32 12.10
CA LEU B 115 10.28 56.40 13.02
C LEU B 115 11.45 57.03 13.76
N THR B 116 11.68 56.60 14.99
CA THR B 116 12.91 56.90 15.69
C THR B 116 13.71 55.61 15.85
N MET B 117 15.01 55.70 15.62
CA MET B 117 15.92 54.55 15.71
C MET B 117 17.33 54.99 16.15
N PRO B 118 18.00 54.19 16.99
CA PRO B 118 19.37 54.62 17.34
C PRO B 118 20.29 54.58 16.12
N SER B 119 21.34 55.39 16.11
CA SER B 119 22.22 55.46 14.93
C SER B 119 23.17 54.28 14.77
N TYR B 120 23.24 53.39 15.76
CA TYR B 120 24.18 52.27 15.69
C TYR B 120 23.64 51.04 14.96
N THR B 121 22.37 51.07 14.56
CA THR B 121 21.79 49.91 13.85
C THR B 121 22.14 50.00 12.37
N SER B 122 21.99 48.88 11.66
CA SER B 122 22.54 48.77 10.30
C SER B 122 21.97 49.78 9.34
N LEU B 123 22.83 50.21 8.41
CA LEU B 123 22.43 51.08 7.32
C LEU B 123 21.24 50.55 6.54
N GLU B 124 21.22 49.25 6.28
CA GLU B 124 20.14 48.65 5.51
C GLU B 124 18.77 48.95 6.12
N ARG B 125 18.69 48.94 7.45
CA ARG B 125 17.44 49.30 8.12
C ARG B 125 16.98 50.71 7.72
N ARG B 126 17.88 51.68 7.76
CA ARG B 126 17.52 53.03 7.38
C ARG B 126 17.01 53.10 5.94
N VAL B 127 17.71 52.45 5.02
CA VAL B 127 17.36 52.57 3.61
C VAL B 127 16.00 51.95 3.29
N THR B 128 15.74 50.79 3.88
CA THR B 128 14.49 50.13 3.61
C THR B 128 13.30 50.96 4.13
N MET B 129 13.42 51.55 5.31
CA MET B 129 12.36 52.40 5.82
C MET B 129 12.07 53.55 4.86
N ARG B 130 13.13 54.13 4.33
CA ARG B 130 12.99 55.25 3.41
C ARG B 130 12.42 54.81 2.06
N ALA B 131 12.73 53.59 1.65
CA ALA B 131 12.25 53.08 0.38
C ALA B 131 10.73 52.98 0.41
N PHE B 132 10.16 52.71 1.58
CA PHE B 132 8.71 52.66 1.75
C PHE B 132 8.13 54.05 2.00
N GLY B 133 8.99 55.06 2.00
CA GLY B 133 8.52 56.44 2.12
C GLY B 133 8.32 56.97 3.53
N ALA B 134 8.83 56.26 4.53
CA ALA B 134 8.75 56.74 5.91
C ALA B 134 9.82 57.78 6.19
N GLU B 135 9.56 58.66 7.16
CA GLU B 135 10.56 59.60 7.63
C GLU B 135 11.29 58.96 8.81
N LEU B 136 12.60 59.18 8.89
CA LEU B 136 13.40 58.56 9.94
C LEU B 136 14.23 59.58 10.68
N ILE B 137 14.18 59.52 12.00
CA ILE B 137 15.01 60.36 12.84
C ILE B 137 15.91 59.45 13.67
N LEU B 138 17.22 59.59 13.51
CA LEU B 138 18.16 58.76 14.25
C LEU B 138 18.43 59.39 15.61
N THR B 139 18.62 58.57 16.65
CA THR B 139 18.89 59.11 17.99
C THR B 139 20.25 58.77 18.60
N ASP B 140 20.66 59.53 19.61
CA ASP B 140 21.99 59.35 20.17
C ASP B 140 22.18 57.87 20.44
N PRO B 141 23.33 57.36 19.99
CA PRO B 141 23.68 55.94 20.08
C PRO B 141 23.93 55.53 21.53
N ALA B 142 24.51 56.44 22.29
CA ALA B 142 24.84 56.18 23.68
C ALA B 142 23.60 55.88 24.50
N LYS B 143 22.46 56.46 24.11
CA LYS B 143 21.25 56.33 24.91
C LYS B 143 20.38 55.12 24.52
N GLY B 144 20.82 54.39 23.50
CA GLY B 144 20.14 53.16 23.09
C GLY B 144 18.65 53.29 22.82
N MET B 145 17.95 52.16 22.89
CA MET B 145 16.52 52.15 22.62
C MET B 145 15.72 53.02 23.59
N GLY B 146 16.19 53.16 24.83
CA GLY B 146 15.53 54.04 25.79
C GLY B 146 15.45 55.46 25.28
N GLY B 147 16.54 55.93 24.68
CA GLY B 147 16.58 57.26 24.11
C GLY B 147 15.68 57.37 22.89
N THR B 148 15.62 56.32 22.08
CA THR B 148 14.77 56.31 20.89
C THR B 148 13.30 56.35 21.29
N VAL B 149 12.94 55.70 22.39
CA VAL B 149 11.56 55.75 22.86
C VAL B 149 11.25 57.14 23.39
N LYS B 150 12.19 57.70 24.14
CA LYS B 150 11.98 59.05 24.67
C LYS B 150 11.80 60.07 23.55
N LYS B 151 12.62 59.95 22.50
CA LYS B 151 12.48 60.87 21.36
C LYS B 151 11.11 60.72 20.70
N ALA B 152 10.62 59.48 20.60
CA ALA B 152 9.32 59.25 19.98
C ALA B 152 8.21 59.98 20.74
N TYR B 153 8.27 59.94 22.07
CA TYR B 153 7.27 60.63 22.90
C TYR B 153 7.38 62.14 22.74
N GLU B 154 8.58 62.65 22.53
CA GLU B 154 8.77 64.08 22.32
C GLU B 154 8.14 64.48 20.99
N LEU B 155 8.39 63.69 19.95
CA LEU B 155 7.78 63.94 18.65
C LEU B 155 6.26 63.86 18.73
N LEU B 156 5.75 62.90 19.48
CA LEU B 156 4.31 62.72 19.61
C LEU B 156 3.70 63.98 20.21
N GLU B 157 4.33 64.48 21.27
CA GLU B 157 3.83 65.63 22.00
C GLU B 157 3.85 66.88 21.14
N ASN B 158 4.78 66.92 20.18
CA ASN B 158 4.95 68.12 19.37
C ASN B 158 4.39 68.04 17.95
N THR B 159 3.70 66.96 17.64
CA THR B 159 3.10 66.77 16.32
C THR B 159 1.59 66.72 16.41
N PRO B 160 0.90 67.64 15.72
CA PRO B 160 -0.56 67.65 15.69
C PRO B 160 -1.12 66.38 15.05
N ASN B 161 -2.23 65.87 15.58
CA ASN B 161 -2.89 64.68 15.04
C ASN B 161 -1.94 63.50 14.82
N ALA B 162 -1.13 63.22 15.83
CA ALA B 162 -0.21 62.09 15.75
C ALA B 162 -0.66 60.98 16.69
N HIS B 163 -0.16 59.78 16.44
CA HIS B 163 -0.49 58.63 17.28
C HIS B 163 0.73 57.70 17.32
N MET B 164 1.00 57.13 18.50
CA MET B 164 2.07 56.17 18.61
C MET B 164 1.47 54.83 19.00
N LEU B 165 1.72 53.81 18.19
CA LEU B 165 1.23 52.46 18.46
C LEU B 165 1.87 51.94 19.75
N GLN B 166 3.12 52.30 19.99
CA GLN B 166 3.81 51.89 21.21
C GLN B 166 4.01 50.40 21.45
N GLN B 167 4.71 49.76 20.53
CA GLN B 167 4.96 48.34 20.58
C GLN B 167 5.33 47.80 21.95
N PHE B 168 6.06 48.58 22.74
CA PHE B 168 6.49 48.08 24.05
C PHE B 168 5.37 47.98 25.07
N SER B 169 4.23 48.62 24.78
CA SER B 169 3.12 48.66 25.73
CA SER B 169 3.13 48.68 25.72
C SER B 169 1.79 48.24 25.12
N ASN B 170 1.78 47.95 23.81
CA ASN B 170 0.53 47.63 23.12
C ASN B 170 0.20 46.14 23.20
N PRO B 171 -0.89 45.78 23.87
CA PRO B 171 -1.25 44.36 24.01
C PRO B 171 -1.61 43.66 22.69
N ALA B 172 -1.88 44.41 21.63
CA ALA B 172 -2.16 43.80 20.33
C ALA B 172 -0.90 43.11 19.81
N ASN B 173 0.26 43.53 20.31
CA ASN B 173 1.56 42.96 19.93
C ASN B 173 1.58 41.52 20.44
N THR B 174 1.47 41.35 21.75
CA THR B 174 1.39 40.01 22.33
C THR B 174 0.28 39.19 21.68
N GLN B 175 -0.89 39.78 21.58
CA GLN B 175 -2.07 39.08 21.05
C GLN B 175 -1.86 38.46 19.67
N VAL B 176 -1.15 39.14 18.78
CA VAL B 176 -0.97 38.57 17.44
C VAL B 176 -0.15 37.27 17.50
N HIS B 177 0.77 37.19 18.45
CA HIS B 177 1.58 35.99 18.61
C HIS B 177 0.80 34.88 19.30
N PHE B 178 -0.11 35.27 20.19
CA PHE B 178 -1.04 34.32 20.82
C PHE B 178 -1.99 33.74 19.77
N GLU B 179 -2.46 34.63 18.90
CA GLU B 179 -3.35 34.27 17.78
C GLU B 179 -2.76 33.51 16.59
N THR B 180 -1.55 33.88 16.17
CA THR B 180 -0.96 33.26 14.97
C THR B 180 0.38 32.53 15.01
N THR B 181 1.36 33.07 15.74
CA THR B 181 2.69 32.50 15.76
C THR B 181 2.68 31.24 16.62
N GLY B 182 1.98 31.33 17.75
CA GLY B 182 1.87 30.21 18.67
C GLY B 182 1.07 29.07 18.07
N PRO B 183 -0.17 29.35 17.64
CA PRO B 183 -0.95 28.30 16.98
C PRO B 183 -0.20 27.67 15.79
N GLU B 184 0.54 28.46 15.00
CA GLU B 184 1.30 27.87 13.91
C GLU B 184 2.32 26.85 14.40
N ILE B 185 2.98 27.17 15.51
CA ILE B 185 3.95 26.24 16.10
C ILE B 185 3.26 25.00 16.64
N TRP B 186 2.17 25.18 17.38
CA TRP B 186 1.43 24.01 17.86
C TRP B 186 0.99 23.09 16.72
N GLU B 187 0.43 23.67 15.66
CA GLU B 187 -0.10 22.87 14.55
C GLU B 187 1.02 22.19 13.75
N ASP B 188 2.06 22.94 13.41
CA ASP B 188 3.15 22.37 12.62
C ASP B 188 3.94 21.29 13.35
N THR B 189 3.96 21.35 14.68
CA THR B 189 4.67 20.33 15.44
C THR B 189 3.70 19.22 15.85
N ASN B 190 2.45 19.32 15.37
CA ASN B 190 1.39 18.36 15.75
C ASN B 190 1.36 18.19 17.26
N GLY B 191 1.46 19.32 17.97
CA GLY B 191 1.40 19.31 19.42
C GLY B 191 2.57 18.67 20.13
N GLN B 192 3.70 18.51 19.44
CA GLN B 192 4.84 17.83 20.04
C GLN B 192 5.91 18.76 20.62
N VAL B 193 5.77 20.06 20.40
CA VAL B 193 6.77 20.99 20.91
C VAL B 193 6.89 20.87 22.43
N ASP B 194 8.12 20.72 22.91
CA ASP B 194 8.40 20.64 24.35
C ASP B 194 8.98 21.93 24.92
N ILE B 195 9.71 22.66 24.10
CA ILE B 195 10.46 23.82 24.57
C ILE B 195 10.39 24.89 23.50
N PHE B 196 10.16 26.13 23.89
CA PHE B 196 10.19 27.23 22.93
C PHE B 196 11.15 28.26 23.48
N VAL B 197 12.08 28.74 22.64
CA VAL B 197 13.06 29.74 23.04
CA VAL B 197 13.01 29.77 23.09
C VAL B 197 13.01 30.93 22.11
N MET B 198 13.06 32.16 22.65
CA MET B 198 12.96 33.34 21.80
C MET B 198 13.54 34.56 22.51
N GLY B 199 14.42 35.28 21.82
CA GLY B 199 15.01 36.50 22.35
C GLY B 199 13.94 37.55 22.51
N ILE B 200 14.17 38.48 23.43
CA ILE B 200 13.17 39.47 23.78
C ILE B 200 13.55 40.84 23.26
N GLY B 201 12.70 41.43 22.43
CA GLY B 201 12.82 42.83 22.09
C GLY B 201 11.72 43.58 22.80
N SER B 202 10.53 43.54 22.22
CA SER B 202 9.33 44.03 22.87
C SER B 202 8.84 42.98 23.87
N GLY B 203 9.25 41.74 23.66
CA GLY B 203 8.66 40.64 24.42
C GLY B 203 7.33 40.12 23.89
N GLY B 204 6.82 40.70 22.81
CA GLY B 204 5.55 40.26 22.25
C GLY B 204 5.57 38.81 21.83
N THR B 205 6.64 38.41 21.15
CA THR B 205 6.71 37.04 20.62
C THR B 205 6.77 36.00 21.74
N VAL B 206 7.74 36.13 22.63
CA VAL B 206 7.87 35.11 23.69
C VAL B 206 6.62 35.08 24.58
N SER B 207 6.02 36.24 24.85
CA SER B 207 4.84 36.31 25.71
C SER B 207 3.60 35.66 25.08
N GLY B 208 3.35 35.98 23.82
CA GLY B 208 2.19 35.47 23.13
C GLY B 208 2.31 34.00 22.77
N VAL B 209 3.48 33.60 22.26
CA VAL B 209 3.69 32.19 21.90
C VAL B 209 3.66 31.38 23.18
N GLY B 210 4.33 31.91 24.21
CA GLY B 210 4.44 31.18 25.47
C GLY B 210 3.09 30.97 26.11
N GLN B 211 2.29 32.03 26.15
CA GLN B 211 0.95 31.94 26.74
C GLN B 211 0.13 30.91 25.96
N TYR B 212 0.22 30.93 24.63
CA TYR B 212 -0.57 29.99 23.84
C TYR B 212 -0.11 28.55 24.02
N LEU B 213 1.19 28.30 23.92
CA LEU B 213 1.67 26.93 24.00
C LEU B 213 1.32 26.35 25.38
N LYS B 214 1.45 27.15 26.43
CA LYS B 214 1.15 26.64 27.77
CA LYS B 214 1.15 26.64 27.76
C LYS B 214 -0.33 26.37 27.98
N SER B 215 -1.19 27.04 27.20
CA SER B 215 -2.63 26.80 27.27
C SER B 215 -2.99 25.48 26.61
N LYS B 216 -2.09 24.97 25.76
CA LYS B 216 -2.33 23.70 25.07
C LYS B 216 -1.64 22.53 25.79
N ASN B 217 -0.47 22.79 26.34
CA ASN B 217 0.24 21.79 27.17
C ASN B 217 1.01 22.52 28.24
N PRO B 218 0.55 22.41 29.50
CA PRO B 218 1.19 23.20 30.56
C PRO B 218 2.64 22.78 30.86
N ASN B 219 3.07 21.62 30.34
CA ASN B 219 4.45 21.20 30.53
C ASN B 219 5.47 21.88 29.64
N VAL B 220 5.00 22.59 28.62
CA VAL B 220 5.93 23.26 27.69
C VAL B 220 6.78 24.27 28.43
N LYS B 221 8.08 24.28 28.17
CA LYS B 221 8.97 25.23 28.82
C LYS B 221 9.28 26.38 27.87
N ILE B 222 9.17 27.60 28.38
CA ILE B 222 9.35 28.79 27.57
C ILE B 222 10.56 29.55 28.11
N TYR B 223 11.51 29.88 27.23
CA TYR B 223 12.69 30.63 27.66
C TYR B 223 12.81 31.89 26.85
N GLY B 224 13.11 33.00 27.51
CA GLY B 224 13.52 34.21 26.81
C GLY B 224 15.04 34.23 26.65
N VAL B 225 15.55 35.11 25.79
CA VAL B 225 16.98 35.32 25.67
C VAL B 225 17.26 36.81 25.72
N GLU B 226 18.35 37.19 26.38
CA GLU B 226 18.83 38.58 26.34
C GLU B 226 20.35 38.62 26.18
N PRO B 227 20.91 39.76 25.76
CA PRO B 227 22.36 39.81 25.58
C PRO B 227 23.09 39.85 26.91
N SER B 228 24.18 39.11 27.03
CA SER B 228 24.96 39.09 28.26
CA SER B 228 24.94 39.09 28.27
C SER B 228 25.44 40.49 28.62
N GLU B 229 25.74 41.27 27.59
CA GLU B 229 26.22 42.65 27.72
C GLU B 229 25.18 43.56 28.37
N SER B 230 23.91 43.34 28.05
CA SER B 230 22.84 44.15 28.62
C SER B 230 21.77 43.23 29.20
N ASN B 231 22.13 42.52 30.26
CA ASN B 231 21.22 41.59 30.90
C ASN B 231 20.36 42.24 31.98
N VAL B 232 19.44 43.11 31.57
CA VAL B 232 18.62 43.82 32.54
CA VAL B 232 18.59 43.84 32.50
C VAL B 232 17.55 42.93 33.17
N LEU B 233 17.04 41.96 32.43
CA LEU B 233 16.01 41.09 32.99
C LEU B 233 16.59 40.19 34.08
N ASN B 234 17.89 39.96 34.01
CA ASN B 234 18.58 39.20 35.06
C ASN B 234 19.22 40.11 36.12
N GLY B 235 18.82 41.38 36.15
CA GLY B 235 19.29 42.27 37.20
C GLY B 235 20.57 43.02 36.89
N GLY B 236 21.08 42.86 35.68
CA GLY B 236 22.29 43.59 35.29
C GLY B 236 21.99 44.99 34.80
N LYS B 237 23.02 45.70 34.37
CA LYS B 237 22.85 47.05 33.90
C LYS B 237 22.73 47.08 32.38
N PRO B 238 21.98 48.06 31.85
CA PRO B 238 21.91 48.22 30.40
C PRO B 238 23.27 48.59 29.85
N GLY B 239 23.59 48.10 28.66
CA GLY B 239 24.85 48.44 28.00
C GLY B 239 24.79 48.14 26.52
N PRO B 240 25.81 48.59 25.77
CA PRO B 240 25.82 48.38 24.33
C PRO B 240 26.04 46.91 24.00
N HIS B 241 25.39 46.45 22.94
CA HIS B 241 25.57 45.08 22.49
C HIS B 241 25.21 45.04 21.01
N HIS B 242 25.43 43.89 20.36
CA HIS B 242 25.23 43.82 18.91
C HIS B 242 24.02 43.01 18.47
N ILE B 243 23.24 42.51 19.42
CA ILE B 243 22.10 41.68 19.07
C ILE B 243 20.88 42.56 18.76
N THR B 244 20.88 43.12 17.55
CA THR B 244 19.83 44.05 17.17
C THR B 244 18.48 43.39 17.24
N GLY B 245 17.51 44.04 17.86
CA GLY B 245 16.19 43.46 17.98
C GLY B 245 15.95 42.84 19.34
N ASN B 246 17.03 42.61 20.08
CA ASN B 246 16.92 42.17 21.47
C ASN B 246 17.53 43.24 22.39
N GLY B 247 17.41 43.02 23.69
CA GLY B 247 18.11 43.85 24.67
C GLY B 247 17.89 45.33 24.54
N VAL B 248 16.66 45.78 24.73
CA VAL B 248 16.34 47.19 24.59
C VAL B 248 16.81 48.03 25.78
N GLY B 249 17.23 47.36 26.84
CA GLY B 249 17.81 48.06 27.98
C GLY B 249 16.81 48.41 29.07
N PHE B 250 15.60 47.91 28.93
CA PHE B 250 14.53 48.10 29.91
C PHE B 250 13.53 46.95 29.80
N LYS B 251 12.65 46.81 30.80
CA LYS B 251 11.60 45.80 30.73
C LYS B 251 10.39 46.35 30.02
N PRO B 252 10.08 45.85 28.81
CA PRO B 252 8.85 46.31 28.18
C PRO B 252 7.60 46.00 29.00
N ASP B 253 6.63 46.92 28.99
CA ASP B 253 5.39 46.74 29.73
C ASP B 253 4.70 45.43 29.35
N ILE B 254 4.72 45.06 28.07
CA ILE B 254 3.98 43.87 27.63
C ILE B 254 4.65 42.54 27.98
N LEU B 255 5.91 42.58 28.39
CA LEU B 255 6.63 41.34 28.61
C LEU B 255 6.05 40.59 29.80
N ASP B 256 5.67 39.33 29.57
CA ASP B 256 5.08 38.48 30.58
C ASP B 256 6.18 37.63 31.24
N LEU B 257 6.76 38.14 32.33
CA LEU B 257 7.84 37.42 33.01
C LEU B 257 7.41 36.05 33.50
N ASP B 258 6.16 35.95 33.95
CA ASP B 258 5.68 34.72 34.58
C ASP B 258 5.63 33.52 33.66
N VAL B 259 5.46 33.76 32.36
CA VAL B 259 5.29 32.64 31.42
C VAL B 259 6.63 31.95 31.14
N MET B 260 7.74 32.61 31.47
CA MET B 260 9.07 32.10 31.14
C MET B 260 9.71 31.35 32.30
N GLU B 261 10.39 30.24 31.99
CA GLU B 261 11.15 29.52 33.01
C GLU B 261 12.29 30.37 33.53
N LYS B 262 12.97 31.04 32.60
CA LYS B 262 14.05 31.96 32.93
C LYS B 262 14.42 32.68 31.64
N VAL B 263 15.26 33.70 31.78
CA VAL B 263 15.79 34.43 30.63
C VAL B 263 17.26 34.07 30.48
N LEU B 264 17.59 33.41 29.38
CA LEU B 264 18.94 32.95 29.13
C LEU B 264 19.77 34.13 28.64
N GLU B 265 21.08 34.10 28.91
CA GLU B 265 21.98 35.13 28.41
C GLU B 265 22.89 34.61 27.32
N VAL B 266 22.99 35.36 26.23
CA VAL B 266 23.85 34.99 25.12
C VAL B 266 24.74 36.17 24.79
N SER B 267 26.04 35.94 24.61
CA SER B 267 26.94 37.06 24.35
C SER B 267 26.76 37.56 22.91
N SER B 268 27.07 38.82 22.66
CA SER B 268 27.00 39.35 21.30
C SER B 268 27.91 38.56 20.36
N GLU B 269 29.11 38.24 20.85
CA GLU B 269 30.08 37.50 20.06
C GLU B 269 29.54 36.12 19.67
N ASP B 270 28.94 35.40 20.62
CA ASP B 270 28.42 34.09 20.29
C ASP B 270 27.27 34.16 19.29
N ALA B 271 26.41 35.18 19.42
CA ALA B 271 25.25 35.31 18.57
C ALA B 271 25.72 35.60 17.16
N VAL B 272 26.67 36.53 17.03
CA VAL B 272 27.20 36.88 15.71
C VAL B 272 27.92 35.70 15.06
N ASN B 273 28.76 35.01 15.82
CA ASN B 273 29.44 33.84 15.28
C ASN B 273 28.46 32.78 14.80
N MET B 274 27.40 32.55 15.57
CA MET B 274 26.45 31.51 15.16
C MET B 274 25.69 31.93 13.91
N ALA B 275 25.34 33.20 13.78
CA ALA B 275 24.60 33.61 12.58
C ALA B 275 25.46 33.34 11.34
N ARG B 276 26.78 33.56 11.44
CA ARG B 276 27.66 33.29 10.31
C ARG B 276 27.69 31.80 9.94
N VAL B 277 27.73 30.94 10.95
CA VAL B 277 27.75 29.49 10.75
C VAL B 277 26.44 29.00 10.16
N LEU B 278 25.33 29.62 10.54
CA LEU B 278 24.04 29.21 10.02
C LEU B 278 24.01 29.39 8.51
N ALA B 279 24.58 30.48 8.02
CA ALA B 279 24.65 30.70 6.56
C ALA B 279 25.57 29.67 5.89
N LEU B 280 26.76 29.49 6.46
CA LEU B 280 27.78 28.63 5.84
C LEU B 280 27.47 27.14 5.92
N LYS B 281 26.85 26.70 7.02
CA LYS B 281 26.59 25.27 7.22
C LYS B 281 25.16 24.83 6.95
N GLU B 282 24.18 25.68 7.27
CA GLU B 282 22.78 25.28 7.13
C GLU B 282 22.08 25.94 5.95
N GLY B 283 22.74 26.89 5.29
CA GLY B 283 22.14 27.58 4.16
C GLY B 283 21.10 28.59 4.60
N LEU B 284 21.19 29.03 5.85
CA LEU B 284 20.24 30.01 6.38
C LEU B 284 20.91 31.37 6.62
N MET B 285 20.63 32.30 5.73
CA MET B 285 21.20 33.65 5.77
C MET B 285 20.32 34.49 6.69
N VAL B 286 20.64 34.49 7.99
CA VAL B 286 19.75 35.11 8.97
C VAL B 286 20.45 36.16 9.83
N GLY B 287 19.67 36.88 10.64
CA GLY B 287 20.19 38.00 11.40
C GLY B 287 20.87 37.60 12.71
N ILE B 288 21.37 38.59 13.44
CA ILE B 288 22.11 38.33 14.67
C ILE B 288 21.22 37.70 15.76
N SER B 289 19.98 38.17 15.89
CA SER B 289 19.11 37.60 16.90
C SER B 289 18.77 36.14 16.58
N SER B 290 18.79 35.78 15.30
CA SER B 290 18.62 34.38 14.90
C SER B 290 19.77 33.53 15.46
N GLY B 291 20.98 34.08 15.34
CA GLY B 291 22.15 33.42 15.91
C GLY B 291 22.02 33.28 17.41
N ALA B 292 21.58 34.34 18.09
CA ALA B 292 21.40 34.27 19.54
C ALA B 292 20.40 33.18 19.92
N ASN B 293 19.27 33.15 19.22
CA ASN B 293 18.25 32.14 19.51
C ASN B 293 18.79 30.74 19.33
N THR B 294 19.64 30.56 18.34
CA THR B 294 20.16 29.23 18.03
C THR B 294 21.19 28.80 19.06
N VAL B 295 22.02 29.75 19.52
CA VAL B 295 22.93 29.45 20.62
C VAL B 295 22.16 29.01 21.87
N ALA B 296 21.11 29.75 22.20
CA ALA B 296 20.31 29.43 23.36
C ALA B 296 19.68 28.05 23.24
N ALA B 297 19.15 27.72 22.06
CA ALA B 297 18.53 26.41 21.87
C ALA B 297 19.55 25.30 22.05
N LEU B 298 20.75 25.50 21.50
CA LEU B 298 21.79 24.48 21.65
C LEU B 298 22.22 24.30 23.10
N ARG B 299 22.25 25.39 23.86
CA ARG B 299 22.63 25.30 25.26
C ARG B 299 21.60 24.49 26.04
N LEU B 300 20.33 24.66 25.70
CA LEU B 300 19.24 23.94 26.36
C LEU B 300 19.36 22.45 26.05
N ALA B 301 19.81 22.16 24.84
CA ALA B 301 19.94 20.76 24.38
C ALA B 301 21.01 19.99 25.15
N GLN B 302 21.96 20.70 25.74
CA GLN B 302 23.05 20.02 26.43
C GLN B 302 22.60 19.47 27.79
N LEU B 303 21.49 19.99 28.31
CA LEU B 303 20.99 19.59 29.63
C LEU B 303 20.32 18.22 29.60
N PRO B 304 20.57 17.40 30.62
CA PRO B 304 20.04 16.03 30.65
C PRO B 304 18.52 15.98 30.52
N GLU B 305 17.83 16.93 31.14
CA GLU B 305 16.38 16.93 31.16
C GLU B 305 15.78 17.25 29.79
N ASN B 306 16.58 17.76 28.87
CA ASN B 306 16.06 18.13 27.56
C ASN B 306 16.46 17.16 26.44
N LYS B 307 17.20 16.12 26.78
CA LYS B 307 17.55 15.14 25.76
C LYS B 307 16.28 14.53 25.19
N GLY B 308 16.23 14.38 23.86
CA GLY B 308 15.10 13.77 23.19
C GLY B 308 13.86 14.64 23.07
N LYS B 309 13.94 15.89 23.52
CA LYS B 309 12.80 16.79 23.49
C LYS B 309 12.82 17.59 22.19
N LEU B 310 11.67 18.19 21.84
CA LEU B 310 11.58 19.01 20.64
C LEU B 310 11.71 20.47 21.05
N ILE B 311 12.80 21.12 20.63
CA ILE B 311 13.02 22.51 20.94
C ILE B 311 12.72 23.33 19.70
N VAL B 312 11.86 24.33 19.82
CA VAL B 312 11.52 25.16 18.67
C VAL B 312 12.04 26.56 18.96
N THR B 313 12.70 27.18 18.00
CA THR B 313 13.05 28.58 18.16
C THR B 313 12.75 29.30 16.85
N VAL B 314 13.16 30.57 16.77
CA VAL B 314 12.77 31.40 15.63
C VAL B 314 14.01 32.02 15.01
N HIS B 315 13.98 32.25 13.70
CA HIS B 315 15.01 33.08 13.06
C HIS B 315 14.26 34.33 12.59
N PRO B 316 14.34 35.41 13.39
CA PRO B 316 13.36 36.50 13.20
C PRO B 316 13.61 37.41 12.02
N SER B 317 14.78 37.33 11.39
CA SER B 317 15.08 38.25 10.28
C SER B 317 16.12 37.71 9.29
N PHE B 318 16.11 38.27 8.07
CA PHE B 318 16.95 37.82 6.97
C PHE B 318 18.29 38.55 7.00
N GLY B 319 19.38 37.83 6.71
CA GLY B 319 20.74 38.34 6.85
C GLY B 319 21.15 39.52 5.97
N GLU B 320 20.49 39.73 4.84
CA GLU B 320 20.91 40.81 3.96
C GLU B 320 20.62 42.17 4.56
N ARG B 321 19.85 42.21 5.64
CA ARG B 321 19.57 43.46 6.33
C ARG B 321 20.71 43.82 7.28
N TYR B 322 21.76 43.00 7.28
CA TYR B 322 22.86 43.14 8.24
C TYR B 322 24.22 43.27 7.58
N LEU B 323 24.22 43.59 6.29
CA LEU B 323 25.48 43.66 5.57
C LEU B 323 26.43 44.65 6.20
N SER B 324 25.89 45.78 6.66
CA SER B 324 26.72 46.85 7.23
CA SER B 324 26.71 46.85 7.24
C SER B 324 26.91 46.69 8.74
N SER B 325 26.25 45.72 9.35
CA SER B 325 26.44 45.49 10.78
C SER B 325 27.71 44.66 11.01
N VAL B 326 28.04 44.43 12.27
CA VAL B 326 29.21 43.64 12.63
CA VAL B 326 29.19 43.63 12.64
C VAL B 326 29.10 42.22 12.05
N LEU B 327 27.88 41.78 11.76
CA LEU B 327 27.71 40.43 11.22
C LEU B 327 28.49 40.23 9.93
N PHE B 328 28.37 41.16 8.98
CA PHE B 328 28.96 40.94 7.67
C PHE B 328 29.82 42.11 7.18
N GLN B 329 30.06 43.11 8.02
CA GLN B 329 30.74 44.31 7.52
C GLN B 329 32.14 44.03 6.95
N GLU B 330 32.88 43.11 7.56
CA GLU B 330 34.18 42.74 7.04
C GLU B 330 34.09 42.13 5.62
N LEU B 331 33.12 41.25 5.41
CA LEU B 331 32.87 40.71 4.08
C LEU B 331 32.44 41.80 3.12
N ARG B 332 31.59 42.70 3.60
CA ARG B 332 31.11 43.78 2.75
C ARG B 332 32.27 44.64 2.27
N GLN B 333 33.19 44.94 3.19
CA GLN B 333 34.36 45.76 2.82
C GLN B 333 35.22 45.02 1.79
N GLU B 334 35.42 43.72 2.01
CA GLU B 334 36.15 42.91 1.04
C GLU B 334 35.44 42.94 -0.32
N ALA B 335 34.13 42.78 -0.30
CA ALA B 335 33.34 42.78 -1.54
C ALA B 335 33.44 44.12 -2.24
N GLU B 336 33.40 45.20 -1.47
CA GLU B 336 33.45 46.54 -2.07
C GLU B 336 34.76 46.77 -2.79
N ASN B 337 35.81 46.08 -2.35
CA ASN B 337 37.12 46.25 -2.97
C ASN B 337 37.48 45.24 -4.06
N MET B 338 36.59 44.28 -4.30
CA MET B 338 36.79 43.34 -5.41
C MET B 338 36.78 44.09 -6.73
N GLN B 339 37.64 43.64 -7.65
CA GLN B 339 37.76 44.27 -8.97
C GLN B 339 37.58 43.22 -10.04
N PRO B 340 37.11 43.65 -11.22
CA PRO B 340 36.93 42.72 -12.34
C PRO B 340 38.27 42.17 -12.86
N VAL B 341 38.22 40.96 -13.42
CA VAL B 341 39.36 40.40 -14.14
C VAL B 341 39.09 40.44 -15.64
N ALA B 342 40.15 40.48 -16.43
CA ALA B 342 40.03 40.46 -17.88
C ALA B 342 39.46 39.13 -18.36
N VAL B 343 38.76 39.16 -19.48
CA VAL B 343 38.20 37.93 -20.06
C VAL B 343 38.91 37.52 -21.36
N SER C 22 8.12 9.42 -10.94
CA SER C 22 8.33 9.24 -12.38
C SER C 22 8.57 7.76 -12.73
N THR C 23 9.25 7.03 -11.84
CA THR C 23 9.39 5.59 -12.03
C THR C 23 9.15 4.88 -10.70
N ASN C 24 9.19 3.55 -10.72
CA ASN C 24 9.17 2.76 -9.49
C ASN C 24 10.56 2.38 -8.98
N ILE C 25 11.62 2.94 -9.58
CA ILE C 25 12.99 2.63 -9.15
C ILE C 25 13.27 3.24 -7.78
N LYS C 26 13.70 2.42 -6.84
CA LYS C 26 14.03 2.91 -5.50
C LYS C 26 15.25 3.80 -5.53
N LYS C 27 15.20 4.88 -4.77
CA LYS C 27 16.32 5.79 -4.71
C LYS C 27 17.44 5.29 -3.81
N HIS C 28 17.08 4.53 -2.77
CA HIS C 28 18.04 4.05 -1.78
C HIS C 28 17.82 2.57 -1.50
N VAL C 29 18.90 1.85 -1.24
CA VAL C 29 18.80 0.43 -0.97
C VAL C 29 17.94 0.20 0.27
N SER C 30 17.95 1.16 1.19
CA SER C 30 17.17 1.02 2.42
C SER C 30 15.66 1.01 2.13
N GLN C 31 15.27 1.53 0.96
CA GLN C 31 13.86 1.52 0.58
C GLN C 31 13.42 0.12 0.16
N LEU C 32 14.37 -0.81 0.10
CA LEU C 32 14.05 -2.20 -0.22
C LEU C 32 13.52 -2.94 1.03
N ILE C 33 13.64 -2.31 2.18
CA ILE C 33 13.18 -2.91 3.44
C ILE C 33 11.63 -2.87 3.56
N GLY C 34 11.04 -3.94 4.08
CA GLY C 34 9.62 -3.97 4.40
C GLY C 34 8.71 -4.50 3.31
N ARG C 35 7.40 -4.47 3.57
CA ARG C 35 6.39 -4.95 2.64
C ARG C 35 6.63 -6.39 2.17
N THR C 36 6.75 -7.31 3.11
CA THR C 36 6.97 -8.71 2.80
C THR C 36 5.64 -9.45 2.68
N PRO C 37 5.61 -10.54 1.88
CA PRO C 37 4.36 -11.27 1.58
C PRO C 37 3.99 -12.29 2.65
N LEU C 38 2.71 -12.67 2.67
CA LEU C 38 2.21 -13.80 3.45
C LEU C 38 1.92 -14.95 2.50
N VAL C 39 2.14 -16.18 2.95
CA VAL C 39 1.76 -17.33 2.15
C VAL C 39 1.19 -18.41 3.06
N TYR C 40 0.21 -19.16 2.55
CA TYR C 40 -0.36 -20.26 3.32
C TYR C 40 0.57 -21.45 3.36
N LEU C 41 0.56 -22.18 4.47
CA LEU C 41 1.23 -23.46 4.53
C LEU C 41 0.18 -24.49 4.15
N ASN C 42 0.53 -25.43 3.27
CA ASN C 42 -0.43 -26.36 2.72
C ASN C 42 -0.14 -27.83 3.01
N LYS C 43 1.05 -28.11 3.52
CA LYS C 43 1.47 -29.50 3.72
C LYS C 43 1.68 -29.85 5.19
N VAL C 44 2.39 -29.00 5.92
CA VAL C 44 2.64 -29.30 7.33
C VAL C 44 1.35 -29.12 8.16
N THR C 45 0.37 -28.47 7.54
CA THR C 45 -0.91 -28.17 8.19
C THR C 45 -1.90 -29.31 8.04
N GLU C 46 -1.47 -30.42 7.47
CA GLU C 46 -2.34 -31.59 7.33
C GLU C 46 -3.03 -31.91 8.65
N GLY C 47 -4.36 -31.92 8.63
CA GLY C 47 -5.14 -32.29 9.79
C GLY C 47 -5.47 -31.15 10.73
N CYS C 48 -4.93 -29.97 10.44
CA CYS C 48 -5.26 -28.77 11.22
C CYS C 48 -6.61 -28.19 10.86
N GLY C 49 -7.35 -27.74 11.86
CA GLY C 49 -8.63 -27.11 11.62
C GLY C 49 -8.50 -25.66 11.20
N ALA C 50 -7.42 -25.02 11.63
CA ALA C 50 -7.20 -23.61 11.34
C ALA C 50 -6.29 -23.42 10.13
N TYR C 51 -6.34 -22.24 9.54
CA TYR C 51 -5.45 -21.90 8.45
C TYR C 51 -4.22 -21.22 9.04
N VAL C 52 -3.04 -21.51 8.46
CA VAL C 52 -1.82 -20.86 8.92
C VAL C 52 -1.12 -20.16 7.75
N ALA C 53 -0.91 -18.85 7.90
CA ALA C 53 -0.19 -18.06 6.88
C ALA C 53 1.11 -17.59 7.51
N VAL C 54 2.16 -17.45 6.71
CA VAL C 54 3.48 -17.10 7.27
CA VAL C 54 3.47 -17.10 7.27
C VAL C 54 4.12 -15.95 6.51
N LYS C 55 4.64 -14.99 7.27
CA LYS C 55 5.24 -13.79 6.70
C LYS C 55 6.71 -14.02 6.39
N GLN C 56 7.09 -13.73 5.15
CA GLN C 56 8.38 -14.16 4.63
C GLN C 56 9.43 -13.05 4.69
N GLU C 57 10.14 -12.98 5.80
CA GLU C 57 11.12 -11.92 5.99
C GLU C 57 12.43 -12.20 5.24
N MET C 58 12.51 -13.35 4.58
CA MET C 58 13.64 -13.61 3.69
C MET C 58 13.67 -12.59 2.54
N MET C 59 12.53 -11.93 2.29
CA MET C 59 12.44 -10.98 1.17
C MET C 59 13.01 -9.60 1.52
N GLN C 60 13.83 -9.53 2.56
CA GLN C 60 14.45 -8.28 2.97
C GLN C 60 15.87 -8.18 2.38
N PRO C 61 16.41 -6.97 2.26
CA PRO C 61 17.74 -6.86 1.63
C PRO C 61 18.86 -7.63 2.34
N THR C 62 18.78 -7.89 3.65
CA THR C 62 19.72 -8.83 4.26
C THR C 62 19.06 -10.13 4.73
N ALA C 63 17.86 -10.39 4.21
CA ALA C 63 17.21 -11.70 4.36
C ALA C 63 16.81 -12.03 5.79
N SER C 64 16.55 -11.04 6.62
CA SER C 64 15.95 -11.34 7.91
C SER C 64 15.09 -10.19 8.37
N ILE C 65 14.30 -10.46 9.39
CA ILE C 65 13.41 -9.45 9.93
C ILE C 65 14.15 -8.25 10.52
N ALA C 66 15.41 -8.45 10.92
CA ALA C 66 16.15 -7.41 11.64
C ALA C 66 16.43 -6.14 10.84
N ASP C 67 16.21 -6.18 9.52
CA ASP C 67 16.39 -4.97 8.72
C ASP C 67 15.45 -3.86 9.18
N ARG C 68 14.27 -4.23 9.68
CA ARG C 68 13.28 -3.23 10.11
C ARG C 68 13.76 -2.44 11.33
N PRO C 69 14.03 -3.12 12.45
CA PRO C 69 14.52 -2.41 13.64
C PRO C 69 15.88 -1.75 13.45
N ALA C 70 16.79 -2.34 12.68
CA ALA C 70 18.08 -1.71 12.42
C ALA C 70 17.89 -0.35 11.73
N TYR C 71 17.11 -0.34 10.67
CA TYR C 71 16.81 0.92 9.98
C TYR C 71 16.15 1.92 10.93
N ALA C 72 15.16 1.46 11.69
CA ALA C 72 14.43 2.38 12.56
C ALA C 72 15.30 2.94 13.69
N MET C 73 16.09 2.08 14.32
CA MET C 73 16.91 2.56 15.44
C MET C 73 17.99 3.54 15.03
N ILE C 74 18.66 3.27 13.92
CA ILE C 74 19.74 4.16 13.51
C ILE C 74 19.18 5.47 12.97
N THR C 75 18.09 5.37 12.22
CA THR C 75 17.40 6.56 11.75
C THR C 75 16.91 7.43 12.91
N ASP C 76 16.32 6.80 13.92
CA ASP C 76 15.86 7.51 15.11
C ASP C 76 17.03 8.23 15.79
N ALA C 77 18.18 7.56 15.85
CA ALA C 77 19.34 8.15 16.54
C ALA C 77 19.84 9.36 15.78
N GLU C 78 19.75 9.31 14.46
CA GLU C 78 20.18 10.43 13.62
C GLU C 78 19.23 11.61 13.78
N GLU C 79 17.93 11.33 13.85
CA GLU C 79 16.93 12.41 14.01
C GLU C 79 17.09 13.13 15.34
N LYS C 80 17.45 12.38 16.38
CA LYS C 80 17.72 12.97 17.68
C LYS C 80 19.10 13.64 17.78
N ASN C 81 19.84 13.70 16.68
CA ASN C 81 21.16 14.30 16.69
C ASN C 81 22.10 13.67 17.71
N LEU C 82 22.10 12.34 17.74
CA LEU C 82 22.92 11.62 18.71
C LEU C 82 24.19 11.05 18.12
N ILE C 83 24.17 10.76 16.82
CA ILE C 83 25.30 10.09 16.18
C ILE C 83 25.62 10.76 14.85
N THR C 84 26.88 10.67 14.42
CA THR C 84 27.37 11.31 13.21
C THR C 84 28.30 10.38 12.44
N PRO C 85 28.01 10.14 11.15
CA PRO C 85 28.85 9.27 10.31
C PRO C 85 30.29 9.77 10.31
N GLY C 86 31.24 8.84 10.44
CA GLY C 86 32.65 9.19 10.45
C GLY C 86 33.17 9.67 11.80
N LYS C 87 32.28 9.81 12.78
CA LYS C 87 32.68 10.23 14.11
C LYS C 87 32.26 9.20 15.15
N THR C 88 31.00 8.80 15.09
CA THR C 88 30.44 7.87 16.08
C THR C 88 30.76 6.41 15.74
N THR C 89 31.23 5.66 16.73
CA THR C 89 31.36 4.20 16.59
C THR C 89 30.12 3.57 17.18
N LEU C 90 29.39 2.80 16.37
CA LEU C 90 28.17 2.12 16.85
C LEU C 90 28.54 0.73 17.35
N ILE C 91 27.95 0.35 18.49
CA ILE C 91 28.23 -0.93 19.14
C ILE C 91 26.90 -1.58 19.42
N GLU C 92 26.77 -2.86 19.03
CA GLU C 92 25.49 -3.54 19.24
C GLU C 92 25.70 -5.02 19.56
N PRO C 93 25.02 -5.51 20.61
CA PRO C 93 25.05 -6.95 20.90
C PRO C 93 24.02 -7.69 20.04
N THR C 94 24.31 -8.91 19.60
CA THR C 94 23.39 -9.57 18.69
C THR C 94 23.57 -11.06 18.68
N SER C 95 22.52 -11.79 18.32
CA SER C 95 22.63 -13.23 18.06
C SER C 95 22.93 -13.48 16.60
N GLY C 96 23.01 -12.41 15.82
CA GLY C 96 23.50 -12.47 14.46
C GLY C 96 22.77 -11.62 13.45
N ASN C 97 21.45 -11.75 13.36
CA ASN C 97 20.70 -11.06 12.30
C ASN C 97 20.68 -9.55 12.51
N MET C 98 20.52 -9.11 13.75
CA MET C 98 20.60 -7.68 14.04
C MET C 98 21.99 -7.10 13.73
N GLY C 99 23.04 -7.87 13.98
CA GLY C 99 24.39 -7.44 13.67
C GLY C 99 24.61 -7.30 12.18
N ILE C 100 24.06 -8.25 11.42
CA ILE C 100 24.11 -8.17 9.97
C ILE C 100 23.36 -6.94 9.47
N SER C 101 22.16 -6.74 9.99
CA SER C 101 21.35 -5.60 9.56
C SER C 101 22.00 -4.26 9.96
N MET C 102 22.61 -4.22 11.14
CA MET C 102 23.31 -3.01 11.57
C MET C 102 24.55 -2.76 10.72
N ALA C 103 25.27 -3.84 10.37
CA ALA C 103 26.48 -3.70 9.56
C ALA C 103 26.09 -3.15 8.19
N PHE C 104 24.96 -3.65 7.70
CA PHE C 104 24.40 -3.25 6.42
C PHE C 104 24.03 -1.77 6.45
N MET C 105 23.24 -1.35 7.43
CA MET C 105 22.96 0.07 7.60
C MET C 105 24.22 0.92 7.80
N ALA C 106 25.15 0.45 8.62
CA ALA C 106 26.36 1.22 8.86
C ALA C 106 27.21 1.36 7.61
N ALA C 107 27.21 0.34 6.76
CA ALA C 107 27.99 0.40 5.53
C ALA C 107 27.44 1.47 4.59
N MET C 108 26.10 1.56 4.52
CA MET C 108 25.47 2.51 3.60
C MET C 108 25.54 3.92 4.15
N LYS C 109 25.43 4.07 5.46
CA LYS C 109 25.39 5.40 6.06
C LYS C 109 26.76 5.95 6.48
N GLY C 110 27.78 5.11 6.51
CA GLY C 110 29.14 5.57 6.82
C GLY C 110 29.55 5.55 8.28
N TYR C 111 29.08 4.57 9.03
CA TYR C 111 29.47 4.42 10.43
C TYR C 111 30.42 3.23 10.62
N LYS C 112 31.40 3.41 11.49
CA LYS C 112 32.15 2.28 12.03
C LYS C 112 31.19 1.49 12.91
N MET C 113 31.12 0.16 12.68
CA MET C 113 30.16 -0.69 13.38
C MET C 113 30.92 -1.77 14.09
N VAL C 114 30.56 -2.03 15.34
CA VAL C 114 31.22 -3.05 16.15
C VAL C 114 30.13 -3.91 16.75
N LEU C 115 30.18 -5.22 16.54
CA LEU C 115 29.17 -6.12 17.06
C LEU C 115 29.76 -7.07 18.10
N THR C 116 28.98 -7.42 19.12
CA THR C 116 29.32 -8.55 19.99
C THR C 116 28.31 -9.66 19.77
N MET C 117 28.78 -10.91 19.74
CA MET C 117 27.91 -12.06 19.51
C MET C 117 28.50 -13.29 20.19
N PRO C 118 27.65 -14.16 20.75
CA PRO C 118 28.22 -15.41 21.29
C PRO C 118 28.86 -16.28 20.22
N SER C 119 29.88 -17.05 20.59
CA SER C 119 30.63 -17.87 19.63
C SER C 119 29.85 -19.09 19.11
N TYR C 120 28.70 -19.39 19.72
CA TYR C 120 27.95 -20.58 19.31
C TYR C 120 27.04 -20.39 18.11
N THR C 121 26.85 -19.15 17.68
CA THR C 121 25.94 -18.93 16.56
C THR C 121 26.63 -19.26 15.23
N SER C 122 25.85 -19.36 14.16
CA SER C 122 26.38 -19.86 12.88
C SER C 122 27.54 -19.05 12.31
N LEU C 123 28.49 -19.76 11.71
CA LEU C 123 29.61 -19.13 11.04
C LEU C 123 29.15 -18.13 9.99
N GLU C 124 28.09 -18.48 9.27
CA GLU C 124 27.55 -17.57 8.24
C GLU C 124 27.28 -16.16 8.78
N ARG C 125 26.75 -16.07 10.00
CA ARG C 125 26.48 -14.78 10.62
C ARG C 125 27.77 -13.97 10.72
N ARG C 126 28.86 -14.63 11.11
CA ARG C 126 30.15 -13.95 11.24
C ARG C 126 30.64 -13.38 9.91
N VAL C 127 30.55 -14.21 8.88
CA VAL C 127 31.08 -13.82 7.57
C VAL C 127 30.32 -12.66 6.96
N THR C 128 29.00 -12.68 7.10
CA THR C 128 28.16 -11.67 6.45
C THR C 128 28.37 -10.31 7.11
N MET C 129 28.55 -10.29 8.43
CA MET C 129 28.90 -9.06 9.12
C MET C 129 30.23 -8.50 8.64
N ARG C 130 31.22 -9.37 8.46
CA ARG C 130 32.52 -8.94 8.00
C ARG C 130 32.48 -8.48 6.55
N ALA C 131 31.60 -9.08 5.75
CA ALA C 131 31.47 -8.74 4.34
C ALA C 131 30.92 -7.32 4.17
N PHE C 132 30.14 -6.87 5.14
CA PHE C 132 29.68 -5.49 5.14
C PHE C 132 30.69 -4.55 5.83
N GLY C 133 31.83 -5.10 6.23
CA GLY C 133 32.89 -4.28 6.80
C GLY C 133 32.81 -3.99 8.29
N ALA C 134 31.94 -4.69 9.01
CA ALA C 134 31.81 -4.47 10.45
C ALA C 134 32.90 -5.22 11.21
N GLU C 135 33.19 -4.76 12.42
CA GLU C 135 34.13 -5.46 13.30
C GLU C 135 33.31 -6.33 14.24
N LEU C 136 33.80 -7.54 14.50
CA LEU C 136 33.03 -8.50 15.30
C LEU C 136 33.86 -9.02 16.45
N ILE C 137 33.27 -9.03 17.64
CA ILE C 137 33.90 -9.64 18.82
C ILE C 137 33.00 -10.76 19.32
N LEU C 138 33.52 -11.99 19.36
CA LEU C 138 32.79 -13.12 19.89
C LEU C 138 32.96 -13.23 21.40
N THR C 139 31.89 -13.64 22.09
CA THR C 139 31.90 -13.73 23.54
C THR C 139 31.69 -15.15 24.04
N ASP C 140 32.17 -15.40 25.26
CA ASP C 140 32.08 -16.68 25.95
C ASP C 140 30.74 -17.36 25.75
N PRO C 141 30.75 -18.57 25.14
CA PRO C 141 29.46 -19.19 24.83
C PRO C 141 28.69 -19.53 26.09
N ALA C 142 29.42 -19.77 27.18
CA ALA C 142 28.77 -20.14 28.43
C ALA C 142 27.90 -19.02 29.00
N LYS C 143 28.19 -17.78 28.63
CA LYS C 143 27.43 -16.65 29.15
C LYS C 143 26.28 -16.22 28.24
N GLY C 144 26.20 -16.80 27.04
CA GLY C 144 25.11 -16.55 26.12
C GLY C 144 24.89 -15.08 25.81
N MET C 145 23.64 -14.71 25.49
CA MET C 145 23.33 -13.34 25.10
C MET C 145 23.55 -12.32 26.24
N GLY C 146 23.28 -12.73 27.47
CA GLY C 146 23.64 -11.92 28.61
C GLY C 146 25.09 -11.45 28.59
N GLY C 147 26.03 -12.36 28.30
CA GLY C 147 27.43 -12.01 28.28
C GLY C 147 27.73 -11.09 27.13
N THR C 148 27.04 -11.33 26.01
CA THR C 148 27.29 -10.50 24.83
C THR C 148 26.82 -9.07 25.05
N VAL C 149 25.71 -8.90 25.76
CA VAL C 149 25.24 -7.57 26.12
C VAL C 149 26.20 -6.94 27.12
N LYS C 150 26.60 -7.70 28.15
CA LYS C 150 27.56 -7.14 29.08
C LYS C 150 28.83 -6.67 28.37
N LYS C 151 29.34 -7.47 27.43
CA LYS C 151 30.53 -7.08 26.69
C LYS C 151 30.31 -5.79 25.90
N ALA C 152 29.13 -5.66 25.30
CA ALA C 152 28.86 -4.47 24.51
C ALA C 152 28.92 -3.21 25.39
N TYR C 153 28.35 -3.28 26.60
CA TYR C 153 28.43 -2.15 27.51
C TYR C 153 29.87 -1.79 27.90
N GLU C 154 30.69 -2.82 28.08
CA GLU C 154 32.10 -2.61 28.44
C GLU C 154 32.81 -1.91 27.30
N LEU C 155 32.51 -2.32 26.06
CA LEU C 155 33.14 -1.69 24.90
C LEU C 155 32.69 -0.24 24.77
N LEU C 156 31.42 0.02 25.07
CA LEU C 156 30.84 1.36 25.00
C LEU C 156 31.56 2.27 25.97
N GLU C 157 31.76 1.78 27.19
CA GLU C 157 32.40 2.57 28.23
C GLU C 157 33.86 2.86 27.90
N ASN C 158 34.49 1.98 27.12
CA ASN C 158 35.90 2.14 26.83
C ASN C 158 36.23 2.74 25.48
N THR C 159 35.20 3.03 24.68
CA THR C 159 35.39 3.57 23.34
C THR C 159 34.93 5.02 23.22
N PRO C 160 35.84 5.91 22.78
CA PRO C 160 35.50 7.33 22.63
C PRO C 160 34.49 7.56 21.51
N ASN C 161 33.57 8.50 21.71
CA ASN C 161 32.56 8.81 20.71
C ASN C 161 31.82 7.57 20.20
N ALA C 162 31.38 6.74 21.12
CA ALA C 162 30.64 5.53 20.77
C ALA C 162 29.19 5.66 21.20
N HIS C 163 28.33 4.83 20.62
CA HIS C 163 26.92 4.84 20.94
C HIS C 163 26.36 3.44 20.73
N MET C 164 25.48 3.01 21.63
CA MET C 164 24.82 1.71 21.48
C MET C 164 23.31 1.92 21.35
N LEU C 165 22.76 1.42 20.25
CA LEU C 165 21.34 1.50 19.97
C LEU C 165 20.55 0.72 21.03
N GLN C 166 21.11 -0.39 21.49
CA GLN C 166 20.47 -1.18 22.53
C GLN C 166 19.09 -1.77 22.22
N GLN C 167 19.05 -2.60 21.18
CA GLN C 167 17.82 -3.20 20.72
C GLN C 167 16.91 -3.73 21.82
N PHE C 168 17.50 -4.25 22.89
CA PHE C 168 16.68 -4.82 23.96
C PHE C 168 15.95 -3.79 24.81
N SER C 169 16.34 -2.53 24.64
CA SER C 169 15.75 -1.45 25.43
CA SER C 169 15.78 -1.44 25.44
C SER C 169 15.27 -0.28 24.59
N ASN C 170 15.51 -0.34 23.29
CA ASN C 170 15.15 0.78 22.42
C ASN C 170 13.70 0.70 21.89
N PRO C 171 12.84 1.65 22.28
CA PRO C 171 11.43 1.60 21.87
C PRO C 171 11.24 1.80 20.37
N ALA C 172 12.25 2.27 19.66
CA ALA C 172 12.11 2.36 18.21
C ALA C 172 12.03 0.95 17.59
N ASN C 173 12.58 -0.02 18.31
CA ASN C 173 12.48 -1.42 17.88
C ASN C 173 11.01 -1.79 17.81
N THR C 174 10.34 -1.78 18.96
CA THR C 174 8.91 -2.02 19.01
C THR C 174 8.17 -1.15 18.00
N GLN C 175 8.49 0.13 17.96
CA GLN C 175 7.74 1.04 17.10
C GLN C 175 7.74 0.69 15.62
N VAL C 176 8.87 0.21 15.08
CA VAL C 176 8.89 -0.12 13.65
C VAL C 176 7.90 -1.25 13.36
N HIS C 177 7.70 -2.17 14.31
CA HIS C 177 6.74 -3.24 14.08
C HIS C 177 5.31 -2.76 14.26
N PHE C 178 5.12 -1.77 15.11
CA PHE C 178 3.81 -1.17 15.26
C PHE C 178 3.45 -0.44 13.97
N GLU C 179 4.43 0.28 13.44
CA GLU C 179 4.30 1.03 12.19
C GLU C 179 4.22 0.25 10.87
N THR C 180 5.03 -0.81 10.74
CA THR C 180 5.08 -1.54 9.47
C THR C 180 4.78 -3.04 9.36
N THR C 181 5.18 -3.82 10.35
CA THR C 181 5.01 -5.27 10.29
C THR C 181 3.56 -5.57 10.65
N GLY C 182 3.06 -4.87 11.66
CA GLY C 182 1.67 -5.01 12.11
C GLY C 182 0.68 -4.59 11.04
N PRO C 183 0.79 -3.36 10.57
CA PRO C 183 -0.07 -2.89 9.48
C PRO C 183 -0.05 -3.80 8.25
N GLU C 184 1.12 -4.29 7.84
CA GLU C 184 1.21 -5.19 6.69
C GLU C 184 0.38 -6.45 6.90
N ILE C 185 0.42 -6.98 8.11
CA ILE C 185 -0.38 -8.16 8.41
C ILE C 185 -1.88 -7.87 8.39
N TRP C 186 -2.27 -6.75 8.98
CA TRP C 186 -3.68 -6.39 9.02
C TRP C 186 -4.19 -6.20 7.61
N GLU C 187 -3.40 -5.51 6.79
CA GLU C 187 -3.81 -5.20 5.42
C GLU C 187 -3.85 -6.45 4.54
N ASP C 188 -2.80 -7.28 4.62
CA ASP C 188 -2.73 -8.48 3.78
C ASP C 188 -3.75 -9.57 4.15
N THR C 189 -4.19 -9.61 5.40
CA THR C 189 -5.27 -10.52 5.81
C THR C 189 -6.64 -9.85 5.71
N ASN C 190 -6.67 -8.60 5.27
CA ASN C 190 -7.92 -7.85 5.10
C ASN C 190 -8.71 -7.82 6.42
N GLY C 191 -7.97 -7.67 7.52
CA GLY C 191 -8.55 -7.56 8.84
C GLY C 191 -9.06 -8.87 9.41
N GLN C 192 -8.61 -9.99 8.86
CA GLN C 192 -9.12 -11.28 9.30
C GLN C 192 -8.22 -12.13 10.21
N VAL C 193 -7.01 -11.67 10.46
CA VAL C 193 -6.12 -12.42 11.35
C VAL C 193 -6.78 -12.60 12.72
N ASP C 194 -6.85 -13.84 13.20
CA ASP C 194 -7.42 -14.15 14.51
C ASP C 194 -6.36 -14.32 15.60
N ILE C 195 -5.21 -14.87 15.22
CA ILE C 195 -4.13 -15.20 16.14
C ILE C 195 -2.80 -14.84 15.49
N PHE C 196 -1.89 -14.22 16.25
CA PHE C 196 -0.53 -13.98 15.77
C PHE C 196 0.42 -14.64 16.75
N VAL C 197 1.39 -15.36 16.22
CA VAL C 197 2.36 -16.11 17.01
C VAL C 197 3.74 -15.71 16.57
N MET C 198 4.62 -15.41 17.52
CA MET C 198 5.98 -15.00 17.19
C MET C 198 6.96 -15.26 18.32
N GLY C 199 8.09 -15.88 17.98
CA GLY C 199 9.17 -16.09 18.92
C GLY C 199 9.78 -14.79 19.40
N ILE C 200 10.28 -14.80 20.63
CA ILE C 200 10.80 -13.59 21.25
C ILE C 200 12.31 -13.63 21.30
N GLY C 201 12.93 -12.67 20.61
CA GLY C 201 14.34 -12.38 20.76
C GLY C 201 14.45 -11.14 21.62
N SER C 202 14.34 -9.97 20.98
CA SER C 202 14.27 -8.70 21.71
CA SER C 202 14.27 -8.71 21.71
C SER C 202 12.84 -8.44 22.19
N GLY C 203 11.87 -9.11 21.56
CA GLY C 203 10.47 -8.87 21.87
C GLY C 203 9.84 -7.73 21.06
N GLY C 204 10.65 -7.09 20.23
CA GLY C 204 10.17 -5.97 19.43
C GLY C 204 9.03 -6.38 18.52
N THR C 205 9.19 -7.50 17.82
CA THR C 205 8.18 -7.91 16.85
C THR C 205 6.87 -8.29 17.50
N VAL C 206 6.91 -9.19 18.48
CA VAL C 206 5.65 -9.62 19.09
C VAL C 206 4.95 -8.43 19.77
N SER C 207 5.74 -7.55 20.38
CA SER C 207 5.17 -6.41 21.09
CA SER C 207 5.17 -6.41 21.09
C SER C 207 4.58 -5.37 20.14
N GLY C 208 5.32 -5.02 19.10
CA GLY C 208 4.83 -4.04 18.15
C GLY C 208 3.67 -4.54 17.31
N VAL C 209 3.78 -5.75 16.77
CA VAL C 209 2.68 -6.29 15.99
C VAL C 209 1.47 -6.49 16.90
N GLY C 210 1.72 -6.99 18.11
CA GLY C 210 0.61 -7.27 19.01
C GLY C 210 -0.16 -6.00 19.36
N GLN C 211 0.58 -4.95 19.68
CA GLN C 211 -0.04 -3.68 20.04
C GLN C 211 -0.82 -3.13 18.87
N TYR C 212 -0.25 -3.20 17.67
CA TYR C 212 -1.01 -2.76 16.50
C TYR C 212 -2.28 -3.58 16.28
N LEU C 213 -2.14 -4.89 16.21
CA LEU C 213 -3.31 -5.72 15.93
C LEU C 213 -4.41 -5.55 16.99
N LYS C 214 -4.03 -5.43 18.25
CA LYS C 214 -5.01 -5.20 19.33
C LYS C 214 -5.71 -3.86 19.14
N SER C 215 -5.01 -2.90 18.56
CA SER C 215 -5.59 -1.58 18.32
C SER C 215 -6.67 -1.64 17.24
N LYS C 216 -6.59 -2.65 16.37
CA LYS C 216 -7.56 -2.81 15.29
C LYS C 216 -8.69 -3.77 15.68
N ASN C 217 -8.35 -4.77 16.49
CA ASN C 217 -9.31 -5.76 16.96
C ASN C 217 -8.87 -6.29 18.32
N PRO C 218 -9.49 -5.78 19.39
CA PRO C 218 -9.03 -6.14 20.74
C PRO C 218 -9.17 -7.62 21.02
N ASN C 219 -9.92 -8.34 20.18
CA ASN C 219 -10.14 -9.76 20.40
C ASN C 219 -9.10 -10.64 19.72
N VAL C 220 -8.15 -10.04 19.01
CA VAL C 220 -7.06 -10.82 18.43
CA VAL C 220 -7.06 -10.83 18.44
C VAL C 220 -6.24 -11.43 19.58
N LYS C 221 -5.76 -12.65 19.39
CA LYS C 221 -4.92 -13.27 20.39
C LYS C 221 -3.46 -13.28 19.93
N ILE C 222 -2.57 -12.87 20.81
CA ILE C 222 -1.15 -12.77 20.50
C ILE C 222 -0.38 -13.76 21.36
N TYR C 223 0.47 -14.57 20.74
CA TYR C 223 1.27 -15.53 21.49
C TYR C 223 2.74 -15.31 21.23
N GLY C 224 3.54 -15.43 22.29
CA GLY C 224 4.98 -15.44 22.15
C GLY C 224 5.44 -16.88 22.10
N VAL C 225 6.71 -17.09 21.72
CA VAL C 225 7.35 -18.41 21.78
C VAL C 225 8.72 -18.26 22.41
N GLU C 226 9.12 -19.25 23.22
CA GLU C 226 10.48 -19.34 23.74
C GLU C 226 10.93 -20.80 23.76
N PRO C 227 12.25 -21.04 23.84
CA PRO C 227 12.75 -22.41 23.80
C PRO C 227 12.44 -23.10 25.11
N SER C 228 12.03 -24.37 25.08
CA SER C 228 11.79 -25.15 26.29
CA SER C 228 11.76 -25.09 26.31
C SER C 228 13.01 -25.18 27.20
N GLU C 229 14.19 -25.20 26.56
CA GLU C 229 15.48 -25.25 27.26
C GLU C 229 15.90 -23.96 27.96
N SER C 230 15.28 -22.85 27.58
CA SER C 230 15.56 -21.56 28.21
C SER C 230 14.26 -20.79 28.37
N ASN C 231 13.30 -21.37 29.09
CA ASN C 231 11.99 -20.75 29.26
C ASN C 231 11.95 -19.76 30.41
N VAL C 232 12.69 -18.67 30.30
CA VAL C 232 12.76 -17.71 31.40
C VAL C 232 11.48 -16.93 31.57
N LEU C 233 10.75 -16.70 30.48
CA LEU C 233 9.51 -15.94 30.57
C LEU C 233 8.44 -16.76 31.29
N ASN C 234 8.61 -18.07 31.28
CA ASN C 234 7.71 -18.96 32.00
C ASN C 234 8.26 -19.39 33.36
N GLY C 235 9.27 -18.66 33.84
CA GLY C 235 9.82 -18.88 35.17
C GLY C 235 10.93 -19.91 35.27
N GLY C 236 11.43 -20.38 34.12
CA GLY C 236 12.50 -21.35 34.09
C GLY C 236 13.88 -20.71 34.13
N LYS C 237 14.92 -21.52 34.05
CA LYS C 237 16.29 -21.00 34.09
C LYS C 237 16.84 -20.93 32.67
N PRO C 238 17.76 -20.00 32.43
CA PRO C 238 18.36 -19.97 31.10
C PRO C 238 19.17 -21.24 30.90
N GLY C 239 19.24 -21.73 29.66
CA GLY C 239 20.06 -22.90 29.33
C GLY C 239 20.42 -22.79 27.87
N PRO C 240 21.33 -23.64 27.38
CA PRO C 240 21.70 -23.58 25.96
C PRO C 240 20.61 -24.18 25.07
N HIS C 241 20.46 -23.65 23.86
CA HIS C 241 19.40 -24.11 22.96
C HIS C 241 19.81 -23.68 21.56
N HIS C 242 19.14 -24.24 20.56
CA HIS C 242 19.54 -24.02 19.15
C HIS C 242 18.68 -23.01 18.40
N ILE C 243 17.68 -22.44 19.06
CA ILE C 243 16.75 -21.53 18.38
C ILE C 243 17.34 -20.11 18.31
N THR C 244 18.29 -19.93 17.42
CA THR C 244 19.05 -18.69 17.35
C THR C 244 18.11 -17.52 17.07
N GLY C 245 18.27 -16.43 17.80
CA GLY C 245 17.35 -15.32 17.64
C GLY C 245 16.19 -15.34 18.61
N ASN C 246 15.96 -16.47 19.27
CA ASN C 246 15.01 -16.51 20.39
C ASN C 246 15.77 -16.83 21.67
N GLY C 247 15.07 -16.80 22.80
CA GLY C 247 15.64 -17.21 24.08
C GLY C 247 16.98 -16.59 24.46
N VAL C 248 17.00 -15.28 24.72
CA VAL C 248 18.23 -14.62 25.08
C VAL C 248 18.62 -14.81 26.54
N GLY C 249 17.74 -15.43 27.32
CA GLY C 249 18.07 -15.79 28.70
C GLY C 249 17.74 -14.72 29.73
N PHE C 250 17.05 -13.68 29.27
CA PHE C 250 16.59 -12.61 30.16
C PHE C 250 15.34 -11.99 29.56
N LYS C 251 14.61 -11.22 30.36
CA LYS C 251 13.45 -10.49 29.84
C LYS C 251 13.87 -9.13 29.32
N PRO C 252 13.73 -8.90 28.01
CA PRO C 252 14.14 -7.62 27.45
C PRO C 252 13.23 -6.50 27.97
N ASP C 253 13.81 -5.33 28.22
CA ASP C 253 13.03 -4.17 28.67
C ASP C 253 11.87 -3.80 27.77
N ILE C 254 12.03 -3.93 26.46
CA ILE C 254 10.94 -3.56 25.56
C ILE C 254 9.81 -4.57 25.44
N LEU C 255 9.99 -5.79 25.94
CA LEU C 255 8.97 -6.82 25.79
C LEU C 255 7.69 -6.47 26.55
N ASP C 256 6.57 -6.48 25.84
CA ASP C 256 5.26 -6.19 26.40
C ASP C 256 4.55 -7.49 26.80
N LEU C 257 4.70 -7.90 28.04
CA LEU C 257 4.11 -9.16 28.50
C LEU C 257 2.59 -9.14 28.46
N ASP C 258 2.02 -7.98 28.73
CA ASP C 258 0.57 -7.85 28.87
C ASP C 258 -0.17 -8.08 27.56
N VAL C 259 0.49 -7.85 26.44
CA VAL C 259 -0.22 -7.98 25.17
C VAL C 259 -0.44 -9.46 24.79
N MET C 260 0.31 -10.36 25.41
CA MET C 260 0.27 -11.78 25.03
C MET C 260 -0.67 -12.61 25.89
N GLU C 261 -1.37 -13.56 25.26
CA GLU C 261 -2.16 -14.58 25.97
C GLU C 261 -1.24 -15.39 26.88
N LYS C 262 -0.12 -15.81 26.31
CA LYS C 262 0.90 -16.53 27.05
C LYS C 262 2.11 -16.68 26.15
N VAL C 263 3.20 -17.19 26.70
CA VAL C 263 4.38 -17.51 25.92
C VAL C 263 4.44 -19.02 25.79
N LEU C 264 4.31 -19.52 24.56
CA LEU C 264 4.40 -20.96 24.32
C LEU C 264 5.86 -21.43 24.36
N GLU C 265 6.06 -22.70 24.67
CA GLU C 265 7.40 -23.27 24.66
C GLU C 265 7.56 -24.28 23.54
N VAL C 266 8.64 -24.15 22.78
CA VAL C 266 8.94 -25.12 21.72
C VAL C 266 10.36 -25.64 21.95
N SER C 267 10.57 -26.95 21.82
CA SER C 267 11.90 -27.50 22.06
C SER C 267 12.86 -27.24 20.90
N SER C 268 14.15 -27.14 21.22
CA SER C 268 15.19 -27.03 20.20
C SER C 268 15.03 -28.12 19.16
N GLU C 269 14.81 -29.34 19.64
CA GLU C 269 14.67 -30.48 18.75
C GLU C 269 13.53 -30.28 17.76
N ASP C 270 12.35 -29.93 18.28
CA ASP C 270 11.18 -29.76 17.44
C ASP C 270 11.37 -28.59 16.48
N ALA C 271 12.02 -27.53 16.95
CA ALA C 271 12.23 -26.36 16.08
C ALA C 271 13.16 -26.71 14.90
N VAL C 272 14.28 -27.33 15.20
CA VAL C 272 15.21 -27.77 14.17
C VAL C 272 14.54 -28.75 13.20
N ASN C 273 13.80 -29.71 13.73
CA ASN C 273 13.18 -30.71 12.86
C ASN C 273 12.18 -30.07 11.91
N MET C 274 11.40 -29.12 12.41
CA MET C 274 10.39 -28.46 11.60
C MET C 274 11.00 -27.59 10.50
N ALA C 275 12.09 -26.89 10.83
CA ALA C 275 12.78 -26.09 9.80
C ALA C 275 13.21 -26.98 8.63
N ARG C 276 13.73 -28.18 8.94
CA ARG C 276 14.09 -29.11 7.88
C ARG C 276 12.89 -29.56 7.05
N VAL C 277 11.77 -29.82 7.72
CA VAL C 277 10.55 -30.23 7.05
C VAL C 277 10.00 -29.12 6.16
N LEU C 278 10.10 -27.87 6.63
CA LEU C 278 9.63 -26.75 5.83
C LEU C 278 10.35 -26.67 4.48
N ALA C 279 11.65 -26.87 4.47
CA ALA C 279 12.39 -26.93 3.20
C ALA C 279 11.92 -28.10 2.34
N LEU C 280 11.89 -29.29 2.92
CA LEU C 280 11.58 -30.49 2.15
C LEU C 280 10.15 -30.57 1.62
N LYS C 281 9.20 -30.06 2.40
CA LYS C 281 7.79 -30.22 2.07
C LYS C 281 7.11 -28.96 1.58
N GLU C 282 7.48 -27.79 2.11
CA GLU C 282 6.83 -26.56 1.69
C GLU C 282 7.67 -25.73 0.73
N GLY C 283 8.93 -26.11 0.52
CA GLY C 283 9.81 -25.34 -0.33
C GLY C 283 10.27 -24.05 0.32
N LEU C 284 10.24 -24.01 1.65
CA LEU C 284 10.65 -22.82 2.37
C LEU C 284 11.94 -23.07 3.14
N MET C 285 13.04 -22.56 2.59
CA MET C 285 14.36 -22.69 3.17
C MET C 285 14.56 -21.61 4.23
N VAL C 286 14.19 -21.91 5.48
CA VAL C 286 14.15 -20.91 6.51
C VAL C 286 14.93 -21.34 7.76
N GLY C 287 15.12 -20.40 8.67
CA GLY C 287 15.99 -20.64 9.81
C GLY C 287 15.30 -21.37 10.96
N ILE C 288 16.04 -21.55 12.04
CA ILE C 288 15.51 -22.32 13.17
C ILE C 288 14.34 -21.67 13.91
N SER C 289 14.37 -20.35 14.10
CA SER C 289 13.22 -19.71 14.74
C SER C 289 11.98 -19.76 13.85
N SER C 290 12.18 -19.85 12.53
CA SER C 290 11.04 -20.11 11.64
C SER C 290 10.43 -21.47 11.97
N GLY C 291 11.28 -22.46 12.16
CA GLY C 291 10.80 -23.75 12.61
C GLY C 291 10.03 -23.64 13.91
N ALA C 292 10.60 -22.92 14.88
CA ALA C 292 9.95 -22.77 16.20
C ALA C 292 8.57 -22.12 16.05
N ASN C 293 8.50 -21.02 15.32
CA ASN C 293 7.22 -20.36 15.09
C ASN C 293 6.20 -21.30 14.50
N THR C 294 6.66 -22.18 13.61
CA THR C 294 5.74 -23.01 12.86
C THR C 294 5.18 -24.11 13.76
N VAL C 295 6.04 -24.68 14.60
CA VAL C 295 5.58 -25.66 15.58
C VAL C 295 4.50 -25.06 16.50
N ALA C 296 4.75 -23.87 17.02
CA ALA C 296 3.78 -23.20 17.87
C ALA C 296 2.47 -22.95 17.13
N ALA C 297 2.56 -22.41 15.92
CA ALA C 297 1.38 -22.14 15.11
C ALA C 297 0.55 -23.41 14.89
N LEU C 298 1.22 -24.49 14.55
CA LEU C 298 0.51 -25.72 14.23
C LEU C 298 -0.16 -26.26 15.48
N ARG C 299 0.47 -26.08 16.62
CA ARG C 299 -0.10 -26.52 17.89
C ARG C 299 -1.43 -25.78 18.10
N LEU C 300 -1.41 -24.47 17.89
CA LEU C 300 -2.63 -23.67 18.02
C LEU C 300 -3.65 -24.06 16.96
N ALA C 301 -3.18 -24.41 15.77
CA ALA C 301 -4.06 -24.69 14.63
C ALA C 301 -4.80 -26.01 14.80
N GLN C 302 -4.33 -26.82 15.75
CA GLN C 302 -4.93 -28.13 16.01
C GLN C 302 -6.07 -28.05 17.03
N LEU C 303 -6.13 -26.96 17.80
CA LEU C 303 -7.16 -26.81 18.82
C LEU C 303 -8.54 -26.63 18.21
N PRO C 304 -9.49 -27.47 18.65
CA PRO C 304 -10.85 -27.47 18.09
C PRO C 304 -11.46 -26.08 18.11
N GLU C 305 -11.20 -25.31 19.16
CA GLU C 305 -11.79 -23.97 19.27
C GLU C 305 -11.24 -23.02 18.21
N ASN C 306 -10.13 -23.39 17.58
CA ASN C 306 -9.53 -22.56 16.54
C ASN C 306 -9.92 -22.97 15.13
N LYS C 307 -10.79 -23.97 15.04
CA LYS C 307 -11.29 -24.42 13.74
C LYS C 307 -11.79 -23.27 12.85
N GLY C 308 -11.21 -23.16 11.65
CA GLY C 308 -11.65 -22.14 10.70
C GLY C 308 -11.06 -20.76 10.93
N LYS C 309 -10.24 -20.62 11.96
CA LYS C 309 -9.60 -19.33 12.26
C LYS C 309 -8.34 -19.14 11.41
N LEU C 310 -7.89 -17.89 11.28
CA LEU C 310 -6.68 -17.56 10.55
C LEU C 310 -5.53 -17.25 11.51
N ILE C 311 -4.50 -18.09 11.49
CA ILE C 311 -3.33 -17.86 12.33
C ILE C 311 -2.19 -17.34 11.46
N VAL C 312 -1.55 -16.27 11.91
CA VAL C 312 -0.39 -15.73 11.19
C VAL C 312 0.86 -15.85 12.04
N THR C 313 1.96 -16.29 11.41
CA THR C 313 3.24 -16.28 12.10
C THR C 313 4.27 -15.76 11.11
N VAL C 314 5.54 -15.84 11.50
CA VAL C 314 6.60 -15.24 10.72
C VAL C 314 7.72 -16.25 10.50
N HIS C 315 8.36 -16.20 9.33
CA HIS C 315 9.60 -16.95 9.13
C HIS C 315 10.68 -15.89 9.08
N PRO C 316 11.39 -15.67 10.20
CA PRO C 316 12.18 -14.44 10.34
C PRO C 316 13.52 -14.43 9.59
N SER C 317 14.00 -15.57 9.12
CA SER C 317 15.31 -15.60 8.45
C SER C 317 15.42 -16.69 7.40
N PHE C 318 16.30 -16.47 6.42
CA PHE C 318 16.53 -17.40 5.32
C PHE C 318 17.49 -18.50 5.75
N GLY C 319 17.24 -19.74 5.33
CA GLY C 319 17.99 -20.89 5.81
C GLY C 319 19.46 -20.95 5.44
N GLU C 320 19.84 -20.28 4.35
CA GLU C 320 21.22 -20.35 3.90
C GLU C 320 22.18 -19.76 4.92
N ARG C 321 21.66 -18.99 5.86
CA ARG C 321 22.50 -18.43 6.93
C ARG C 321 22.76 -19.50 7.98
N TYR C 322 22.22 -20.70 7.76
CA TYR C 322 22.26 -21.73 8.78
C TYR C 322 22.95 -23.02 8.33
N LEU C 323 23.64 -22.99 7.21
CA LEU C 323 24.20 -24.24 6.66
C LEU C 323 25.16 -24.93 7.63
N SER C 324 25.95 -24.15 8.36
CA SER C 324 26.93 -24.71 9.27
C SER C 324 26.37 -24.90 10.67
N SER C 325 25.14 -24.47 10.90
CA SER C 325 24.49 -24.67 12.19
C SER C 325 23.99 -26.10 12.32
N VAL C 326 23.40 -26.43 13.46
CA VAL C 326 22.86 -27.77 13.64
C VAL C 326 21.79 -28.09 12.61
N LEU C 327 21.17 -27.06 12.03
CA LEU C 327 20.14 -27.29 11.04
C LEU C 327 20.62 -28.15 9.87
N PHE C 328 21.75 -27.79 9.25
CA PHE C 328 22.23 -28.50 8.07
C PHE C 328 23.67 -29.00 8.18
N GLN C 329 24.24 -28.92 9.38
CA GLN C 329 25.65 -29.24 9.64
C GLN C 329 26.07 -30.55 8.99
N GLU C 330 25.28 -31.59 9.26
CA GLU C 330 25.63 -32.94 8.81
C GLU C 330 25.57 -33.05 7.31
N LEU C 331 24.53 -32.45 6.73
CA LEU C 331 24.39 -32.37 5.28
C LEU C 331 25.58 -31.64 4.66
N ARG C 332 26.03 -30.59 5.32
CA ARG C 332 27.15 -29.80 4.80
C ARG C 332 28.44 -30.61 4.81
N GLN C 333 28.64 -31.39 5.87
CA GLN C 333 29.83 -32.23 5.96
C GLN C 333 29.80 -33.31 4.87
N GLU C 334 28.61 -33.85 4.61
CA GLU C 334 28.44 -34.79 3.51
C GLU C 334 28.78 -34.12 2.18
N ALA C 335 28.26 -32.91 1.97
CA ALA C 335 28.52 -32.20 0.72
C ALA C 335 29.99 -31.88 0.53
N GLU C 336 30.65 -31.50 1.63
CA GLU C 336 32.09 -31.21 1.62
C GLU C 336 32.88 -32.42 1.14
N ASN C 337 32.36 -33.61 1.44
CA ASN C 337 33.07 -34.84 1.14
C ASN C 337 32.76 -35.44 -0.23
N MET C 338 31.86 -34.81 -0.97
CA MET C 338 31.49 -35.33 -2.29
C MET C 338 32.66 -35.20 -3.27
N GLN C 339 32.76 -36.13 -4.22
CA GLN C 339 33.85 -36.11 -5.19
C GLN C 339 33.31 -36.09 -6.62
N PRO C 340 34.04 -35.45 -7.54
CA PRO C 340 33.57 -35.43 -8.93
C PRO C 340 33.61 -36.84 -9.56
N VAL C 341 32.69 -37.11 -10.46
CA VAL C 341 32.70 -38.37 -11.21
C VAL C 341 33.19 -38.07 -12.63
N ALA C 342 33.73 -39.09 -13.30
CA ALA C 342 34.23 -38.89 -14.65
C ALA C 342 33.06 -38.75 -15.61
N VAL C 343 33.29 -38.02 -16.69
CA VAL C 343 32.30 -37.88 -17.74
C VAL C 343 32.75 -38.71 -18.95
N ALA D 21 -13.72 -12.84 3.85
CA ALA D 21 -13.38 -11.97 2.73
C ALA D 21 -12.08 -12.42 2.04
N SER D 22 -11.78 -11.78 0.91
CA SER D 22 -10.56 -12.09 0.16
C SER D 22 -9.36 -11.53 0.91
N THR D 23 -8.18 -12.13 0.71
CA THR D 23 -6.96 -11.65 1.33
C THR D 23 -5.84 -11.51 0.30
N ASN D 24 -4.73 -10.89 0.69
CA ASN D 24 -3.53 -10.86 -0.15
C ASN D 24 -2.59 -12.04 0.12
N ILE D 25 -3.04 -13.02 0.87
CA ILE D 25 -2.20 -14.17 1.22
C ILE D 25 -2.03 -15.07 0.00
N LYS D 26 -0.79 -15.40 -0.34
CA LYS D 26 -0.52 -16.30 -1.47
C LYS D 26 -0.95 -17.71 -1.14
N LYS D 27 -1.56 -18.41 -2.10
CA LYS D 27 -2.04 -19.77 -1.85
C LYS D 27 -0.93 -20.81 -1.98
N HIS D 28 0.10 -20.47 -2.75
CA HIS D 28 1.22 -21.37 -3.00
C HIS D 28 2.53 -20.61 -2.91
N VAL D 29 3.57 -21.28 -2.40
CA VAL D 29 4.88 -20.69 -2.32
C VAL D 29 5.42 -20.28 -3.69
N SER D 30 5.07 -21.04 -4.73
CA SER D 30 5.47 -20.66 -6.10
C SER D 30 4.95 -19.28 -6.51
N GLN D 31 3.89 -18.81 -5.87
CA GLN D 31 3.37 -17.50 -6.21
C GLN D 31 4.22 -16.36 -5.64
N LEU D 32 5.25 -16.70 -4.87
CA LEU D 32 6.20 -15.71 -4.37
C LEU D 32 7.31 -15.40 -5.37
N ILE D 33 7.30 -16.09 -6.51
CA ILE D 33 8.34 -15.91 -7.52
C ILE D 33 8.06 -14.68 -8.36
N GLY D 34 9.07 -13.85 -8.59
CA GLY D 34 8.96 -12.73 -9.51
C GLY D 34 8.61 -11.42 -8.85
N ARG D 35 8.34 -10.41 -9.67
CA ARG D 35 8.02 -9.06 -9.21
C ARG D 35 9.08 -8.48 -8.28
N THR D 36 10.33 -8.49 -8.72
CA THR D 36 11.43 -8.00 -7.90
C THR D 36 11.68 -6.52 -8.15
N PRO D 37 12.27 -5.81 -7.16
CA PRO D 37 12.43 -4.34 -7.26
C PRO D 37 13.68 -3.90 -8.05
N LEU D 38 13.68 -2.64 -8.50
CA LEU D 38 14.86 -1.99 -9.08
C LEU D 38 15.33 -0.94 -8.09
N VAL D 39 16.63 -0.74 -8.01
CA VAL D 39 17.19 0.32 -7.18
C VAL D 39 18.35 1.02 -7.87
N TYR D 40 18.42 2.34 -7.74
CA TYR D 40 19.55 3.09 -8.30
C TYR D 40 20.81 2.85 -7.49
N LEU D 41 21.97 2.94 -8.15
CA LEU D 41 23.25 2.93 -7.48
C LEU D 41 23.88 4.30 -7.68
N ASN D 42 24.43 4.88 -6.62
CA ASN D 42 25.12 6.16 -6.72
C ASN D 42 26.52 6.17 -6.12
N LYS D 43 26.94 5.06 -5.52
CA LYS D 43 28.28 4.99 -4.92
C LYS D 43 29.30 4.40 -5.88
N VAL D 44 29.05 3.19 -6.39
CA VAL D 44 29.99 2.61 -7.32
C VAL D 44 29.93 3.35 -8.67
N THR D 45 28.87 4.12 -8.88
CA THR D 45 28.65 4.80 -10.16
C THR D 45 29.15 6.23 -10.12
N GLU D 46 29.81 6.59 -9.03
CA GLU D 46 30.30 7.95 -8.85
C GLU D 46 31.02 8.46 -10.10
N GLY D 47 30.56 9.59 -10.63
CA GLY D 47 31.19 10.20 -11.77
C GLY D 47 30.89 9.57 -13.13
N CYS D 48 30.09 8.51 -13.17
CA CYS D 48 29.93 7.78 -14.45
C CYS D 48 29.06 8.47 -15.49
N GLY D 49 28.22 9.42 -15.07
CA GLY D 49 27.44 10.19 -16.02
C GLY D 49 26.22 9.53 -16.67
N ALA D 50 25.83 8.37 -16.17
CA ALA D 50 24.57 7.74 -16.58
C ALA D 50 23.84 7.25 -15.34
N TYR D 51 22.55 7.02 -15.48
CA TYR D 51 21.75 6.39 -14.43
C TYR D 51 21.98 4.89 -14.52
N VAL D 52 22.20 4.24 -13.38
CA VAL D 52 22.29 2.79 -13.36
C VAL D 52 21.32 2.26 -12.29
N ALA D 53 20.36 1.44 -12.71
CA ALA D 53 19.44 0.80 -11.78
C ALA D 53 19.60 -0.71 -11.86
N VAL D 54 19.52 -1.39 -10.72
CA VAL D 54 19.77 -2.83 -10.67
CA VAL D 54 19.78 -2.82 -10.66
C VAL D 54 18.58 -3.58 -10.10
N LYS D 55 18.22 -4.67 -10.78
CA LYS D 55 17.08 -5.50 -10.41
C LYS D 55 17.54 -6.57 -9.43
N GLN D 56 16.85 -6.66 -8.30
CA GLN D 56 17.30 -7.46 -7.17
C GLN D 56 16.64 -8.82 -7.10
N GLU D 57 17.29 -9.83 -7.69
CA GLU D 57 16.70 -11.15 -7.76
C GLU D 57 16.91 -11.94 -6.47
N MET D 58 17.60 -11.33 -5.50
CA MET D 58 17.68 -11.92 -4.16
C MET D 58 16.31 -11.98 -3.49
N MET D 59 15.33 -11.23 -4.00
CA MET D 59 13.99 -11.21 -3.41
C MET D 59 13.11 -12.37 -3.91
N GLN D 60 13.73 -13.45 -4.36
CA GLN D 60 12.98 -14.62 -4.84
C GLN D 60 13.00 -15.64 -3.72
N PRO D 61 12.09 -16.63 -3.76
CA PRO D 61 12.02 -17.64 -2.70
C PRO D 61 13.30 -18.46 -2.51
N THR D 62 14.12 -18.66 -3.54
CA THR D 62 15.43 -19.29 -3.32
C THR D 62 16.58 -18.33 -3.59
N ALA D 63 16.27 -17.05 -3.70
CA ALA D 63 17.29 -16.02 -3.71
C ALA D 63 18.13 -15.95 -4.98
N SER D 64 17.59 -16.43 -6.10
CA SER D 64 18.23 -16.14 -7.38
C SER D 64 17.22 -16.03 -8.47
N ILE D 65 17.67 -15.54 -9.62
CA ILE D 65 16.83 -15.36 -10.77
C ILE D 65 16.30 -16.69 -11.30
N ALA D 66 16.97 -17.79 -10.98
CA ALA D 66 16.62 -19.09 -11.57
C ALA D 66 15.23 -19.61 -11.18
N ASP D 67 14.62 -19.00 -10.17
CA ASP D 67 13.27 -19.40 -9.76
C ASP D 67 12.29 -19.23 -10.90
N ARG D 68 12.47 -18.18 -11.69
CA ARG D 68 11.57 -17.90 -12.80
C ARG D 68 11.57 -19.02 -13.83
N PRO D 69 12.72 -19.31 -14.46
CA PRO D 69 12.69 -20.39 -15.45
C PRO D 69 12.45 -21.78 -14.85
N ALA D 70 12.89 -22.04 -13.62
CA ALA D 70 12.58 -23.32 -13.02
C ALA D 70 11.06 -23.55 -12.98
N TYR D 71 10.34 -22.57 -12.46
CA TYR D 71 8.89 -22.66 -12.39
C TYR D 71 8.28 -22.79 -13.78
N ALA D 72 8.72 -21.94 -14.70
CA ALA D 72 8.16 -21.92 -16.04
C ALA D 72 8.35 -23.25 -16.76
N MET D 73 9.57 -23.79 -16.69
CA MET D 73 9.86 -25.03 -17.40
C MET D 73 9.11 -26.22 -16.84
N ILE D 74 9.12 -26.39 -15.52
CA ILE D 74 8.36 -27.49 -14.93
C ILE D 74 6.85 -27.38 -15.20
N THR D 75 6.29 -26.18 -15.05
CA THR D 75 4.87 -25.96 -15.35
C THR D 75 4.54 -26.30 -16.80
N ASP D 76 5.42 -25.91 -17.73
CA ASP D 76 5.21 -26.20 -19.14
C ASP D 76 5.18 -27.71 -19.40
N ALA D 77 6.12 -28.44 -18.81
CA ALA D 77 6.17 -29.88 -18.98
C ALA D 77 4.92 -30.52 -18.41
N GLU D 78 4.47 -30.04 -17.26
CA GLU D 78 3.24 -30.54 -16.65
C GLU D 78 2.03 -30.26 -17.53
N GLU D 79 1.94 -29.05 -18.08
CA GLU D 79 0.82 -28.68 -18.95
C GLU D 79 0.72 -29.58 -20.18
N LYS D 80 1.88 -29.97 -20.70
CA LYS D 80 1.97 -30.82 -21.87
C LYS D 80 1.92 -32.30 -21.50
N ASN D 81 1.62 -32.58 -20.24
CA ASN D 81 1.54 -33.96 -19.76
C ASN D 81 2.78 -34.80 -20.09
N LEU D 82 3.95 -34.20 -19.90
CA LEU D 82 5.19 -34.91 -20.15
C LEU D 82 5.76 -35.56 -18.90
N ILE D 83 5.32 -35.10 -17.73
CA ILE D 83 5.89 -35.57 -16.48
C ILE D 83 4.80 -35.80 -15.42
N THR D 84 5.11 -36.63 -14.43
CA THR D 84 4.14 -37.04 -13.43
C THR D 84 4.77 -37.13 -12.04
N PRO D 85 4.20 -36.40 -11.08
CA PRO D 85 4.75 -36.45 -9.72
C PRO D 85 4.73 -37.88 -9.19
N GLY D 86 5.83 -38.30 -8.59
CA GLY D 86 5.91 -39.62 -8.00
C GLY D 86 6.29 -40.69 -9.01
N LYS D 87 6.33 -40.32 -10.28
CA LYS D 87 6.68 -41.28 -11.33
C LYS D 87 7.94 -40.84 -12.06
N THR D 88 7.99 -39.56 -12.44
CA THR D 88 9.10 -39.05 -13.22
C THR D 88 10.28 -38.58 -12.37
N THR D 89 11.48 -38.99 -12.78
CA THR D 89 12.71 -38.45 -12.21
C THR D 89 13.19 -37.32 -13.11
N LEU D 90 13.25 -36.11 -12.56
CA LEU D 90 13.79 -34.97 -13.31
C LEU D 90 15.29 -34.88 -13.14
N ILE D 91 15.98 -34.64 -14.25
CA ILE D 91 17.43 -34.54 -14.27
C ILE D 91 17.81 -33.22 -14.92
N GLU D 92 18.67 -32.46 -14.28
CA GLU D 92 19.02 -31.14 -14.82
C GLU D 92 20.49 -30.78 -14.53
N PRO D 93 21.22 -30.31 -15.55
CA PRO D 93 22.60 -29.85 -15.40
C PRO D 93 22.60 -28.39 -14.95
N THR D 94 23.55 -28.00 -14.11
CA THR D 94 23.48 -26.64 -13.54
C THR D 94 24.83 -26.19 -13.01
N SER D 95 25.01 -24.88 -12.87
CA SER D 95 26.18 -24.38 -12.16
C SER D 95 25.81 -24.03 -10.74
N GLY D 96 24.55 -24.28 -10.38
CA GLY D 96 24.14 -24.12 -9.00
C GLY D 96 22.73 -23.59 -8.80
N ASN D 97 22.48 -22.39 -9.30
CA ASN D 97 21.20 -21.77 -8.98
C ASN D 97 20.00 -22.46 -9.62
N MET D 98 20.13 -22.85 -10.89
CA MET D 98 19.03 -23.58 -11.53
C MET D 98 18.78 -24.87 -10.77
N GLY D 99 19.87 -25.54 -10.39
CA GLY D 99 19.77 -26.74 -9.56
C GLY D 99 18.94 -26.50 -8.32
N ILE D 100 19.26 -25.44 -7.59
CA ILE D 100 18.53 -25.11 -6.36
C ILE D 100 17.06 -24.82 -6.66
N SER D 101 16.79 -24.02 -7.68
CA SER D 101 15.43 -23.66 -8.02
C SER D 101 14.62 -24.87 -8.49
N MET D 102 15.27 -25.77 -9.20
CA MET D 102 14.60 -27.00 -9.63
C MET D 102 14.34 -27.90 -8.43
N ALA D 103 15.31 -28.00 -7.53
CA ALA D 103 15.12 -28.82 -6.32
C ALA D 103 13.96 -28.27 -5.50
N PHE D 104 13.87 -26.94 -5.46
CA PHE D 104 12.80 -26.24 -4.77
C PHE D 104 11.45 -26.54 -5.42
N MET D 105 11.35 -26.44 -6.75
CA MET D 105 10.10 -26.80 -7.40
C MET D 105 9.76 -28.27 -7.23
N ALA D 106 10.77 -29.12 -7.30
CA ALA D 106 10.54 -30.56 -7.15
C ALA D 106 10.05 -30.92 -5.74
N ALA D 107 10.53 -30.20 -4.75
CA ALA D 107 10.14 -30.47 -3.37
C ALA D 107 8.66 -30.16 -3.17
N MET D 108 8.21 -29.07 -3.78
CA MET D 108 6.83 -28.66 -3.61
C MET D 108 5.88 -29.52 -4.40
N LYS D 109 6.30 -29.94 -5.59
CA LYS D 109 5.42 -30.67 -6.49
C LYS D 109 5.55 -32.18 -6.39
N GLY D 110 6.52 -32.65 -5.61
CA GLY D 110 6.70 -34.07 -5.39
C GLY D 110 7.37 -34.87 -6.49
N TYR D 111 8.43 -34.29 -7.06
CA TYR D 111 9.26 -35.00 -8.03
C TYR D 111 10.59 -35.37 -7.43
N LYS D 112 11.07 -36.56 -7.76
CA LYS D 112 12.46 -36.89 -7.50
C LYS D 112 13.32 -36.03 -8.41
N MET D 113 14.34 -35.42 -7.86
CA MET D 113 15.19 -34.50 -8.61
C MET D 113 16.65 -34.95 -8.56
N VAL D 114 17.29 -35.04 -9.71
CA VAL D 114 18.71 -35.33 -9.79
C VAL D 114 19.43 -34.23 -10.54
N LEU D 115 20.50 -33.69 -9.95
CA LEU D 115 21.27 -32.61 -10.58
C LEU D 115 22.70 -33.01 -10.85
N THR D 116 23.25 -32.51 -11.95
CA THR D 116 24.68 -32.62 -12.21
C THR D 116 25.26 -31.21 -12.14
N MET D 117 26.46 -31.09 -11.58
CA MET D 117 27.13 -29.81 -11.37
C MET D 117 28.65 -30.01 -11.30
N PRO D 118 29.44 -29.10 -11.90
CA PRO D 118 30.89 -29.21 -11.77
C PRO D 118 31.30 -29.11 -10.31
N SER D 119 32.40 -29.76 -9.92
CA SER D 119 32.80 -29.78 -8.52
C SER D 119 33.45 -28.47 -8.06
N TYR D 120 33.68 -27.54 -8.98
CA TYR D 120 34.36 -26.29 -8.64
C TYR D 120 33.42 -25.19 -8.13
N THR D 121 32.12 -25.42 -8.19
CA THR D 121 31.19 -24.38 -7.70
C THR D 121 31.05 -24.45 -6.18
N SER D 122 30.48 -23.41 -5.59
CA SER D 122 30.55 -23.26 -4.14
C SER D 122 29.89 -24.40 -3.39
N LEU D 123 30.42 -24.67 -2.21
CA LEU D 123 29.86 -25.67 -1.32
C LEU D 123 28.42 -25.35 -0.99
N GLU D 124 28.13 -24.07 -0.76
CA GLU D 124 26.78 -23.65 -0.42
C GLU D 124 25.76 -24.16 -1.44
N ARG D 125 26.10 -24.09 -2.72
CA ARG D 125 25.21 -24.60 -3.77
C ARG D 125 24.87 -26.06 -3.53
N ARG D 126 25.86 -26.84 -3.13
CA ARG D 126 25.62 -28.27 -2.90
C ARG D 126 24.65 -28.49 -1.74
N VAL D 127 24.87 -27.77 -0.64
CA VAL D 127 24.10 -28.05 0.57
C VAL D 127 22.64 -27.63 0.42
N THR D 128 22.41 -26.53 -0.30
CA THR D 128 21.05 -26.04 -0.45
C THR D 128 20.23 -27.00 -1.31
N MET D 129 20.81 -27.47 -2.41
CA MET D 129 20.15 -28.48 -3.22
C MET D 129 19.74 -29.68 -2.39
N ARG D 130 20.64 -30.16 -1.54
CA ARG D 130 20.37 -31.35 -0.73
C ARG D 130 19.36 -31.07 0.38
N ALA D 131 19.32 -29.81 0.83
CA ALA D 131 18.38 -29.42 1.88
C ALA D 131 16.95 -29.47 1.34
N PHE D 132 16.79 -29.28 0.03
CA PHE D 132 15.50 -29.43 -0.60
C PHE D 132 15.25 -30.88 -1.00
N GLY D 133 16.20 -31.75 -0.70
CA GLY D 133 16.01 -33.18 -0.88
C GLY D 133 16.39 -33.71 -2.25
N ALA D 134 17.09 -32.90 -3.04
CA ALA D 134 17.55 -33.36 -4.35
C ALA D 134 18.80 -34.21 -4.23
N GLU D 135 19.02 -35.08 -5.22
CA GLU D 135 20.23 -35.86 -5.30
C GLU D 135 21.20 -35.12 -6.21
N LEU D 136 22.48 -35.11 -5.86
CA LEU D 136 23.47 -34.33 -6.61
C LEU D 136 24.66 -35.17 -7.03
N ILE D 137 25.05 -35.02 -8.29
CA ILE D 137 26.24 -35.70 -8.78
C ILE D 137 27.22 -34.66 -9.30
N LEU D 138 28.39 -34.60 -8.68
CA LEU D 138 29.41 -33.65 -9.11
C LEU D 138 30.19 -34.20 -10.29
N THR D 139 30.56 -33.32 -11.21
CA THR D 139 31.24 -33.75 -12.44
C THR D 139 32.67 -33.23 -12.52
N ASP D 140 33.46 -33.85 -13.39
CA ASP D 140 34.87 -33.50 -13.50
C ASP D 140 34.96 -32.01 -13.73
N PRO D 141 35.79 -31.37 -12.92
CA PRO D 141 36.00 -29.92 -12.98
C PRO D 141 36.61 -29.49 -14.30
N ALA D 142 37.53 -30.30 -14.80
CA ALA D 142 38.27 -29.94 -16.00
C ALA D 142 37.35 -29.80 -17.22
N LYS D 143 36.17 -30.40 -17.14
CA LYS D 143 35.26 -30.39 -18.27
C LYS D 143 34.13 -29.36 -18.15
N GLY D 144 34.09 -28.64 -17.03
CA GLY D 144 33.18 -27.53 -16.85
C GLY D 144 31.72 -27.88 -17.10
N MET D 145 30.93 -26.89 -17.48
CA MET D 145 29.51 -27.10 -17.69
C MET D 145 29.23 -28.05 -18.86
N GLY D 146 30.11 -28.07 -19.86
CA GLY D 146 29.99 -29.00 -20.97
C GLY D 146 29.95 -30.44 -20.49
N GLY D 147 30.84 -30.76 -19.56
CA GLY D 147 30.88 -32.10 -19.00
C GLY D 147 29.66 -32.38 -18.14
N THR D 148 29.17 -31.36 -17.45
CA THR D 148 27.99 -31.53 -16.60
C THR D 148 26.74 -31.79 -17.44
N VAL D 149 26.66 -31.17 -18.62
CA VAL D 149 25.52 -31.40 -19.50
C VAL D 149 25.61 -32.82 -20.07
N LYS D 150 26.81 -33.21 -20.45
CA LYS D 150 27.05 -34.53 -21.05
C LYS D 150 26.64 -35.61 -20.06
N LYS D 151 27.05 -35.44 -18.81
CA LYS D 151 26.70 -36.38 -17.75
C LYS D 151 25.19 -36.44 -17.54
N ALA D 152 24.52 -35.30 -17.59
CA ALA D 152 23.07 -35.29 -17.41
C ALA D 152 22.38 -36.12 -18.51
N TYR D 153 22.84 -36.00 -19.75
CA TYR D 153 22.28 -36.82 -20.83
C TYR D 153 22.55 -38.30 -20.59
N GLU D 154 23.71 -38.62 -20.03
CA GLU D 154 24.02 -40.01 -19.73
C GLU D 154 23.03 -40.55 -18.72
N LEU D 155 22.81 -39.80 -17.65
CA LEU D 155 21.87 -40.21 -16.61
C LEU D 155 20.46 -40.36 -17.17
N LEU D 156 20.10 -39.48 -18.10
CA LEU D 156 18.78 -39.52 -18.70
C LEU D 156 18.58 -40.84 -19.47
N GLU D 157 19.60 -41.22 -20.23
CA GLU D 157 19.55 -42.47 -21.00
C GLU D 157 19.53 -43.71 -20.11
N ASN D 158 20.21 -43.65 -18.98
CA ASN D 158 20.31 -44.81 -18.08
C ASN D 158 19.22 -44.86 -17.01
N THR D 159 18.31 -43.91 -17.02
CA THR D 159 17.28 -43.83 -15.96
C THR D 159 15.86 -43.99 -16.49
N PRO D 160 15.15 -45.04 -16.03
CA PRO D 160 13.77 -45.25 -16.48
C PRO D 160 12.84 -44.15 -15.99
N ASN D 161 11.89 -43.76 -16.84
CA ASN D 161 10.92 -42.72 -16.52
C ASN D 161 11.59 -41.42 -16.09
N ALA D 162 12.61 -41.01 -16.85
CA ALA D 162 13.35 -39.80 -16.54
C ALA D 162 12.98 -38.70 -17.54
N HIS D 163 13.17 -37.45 -17.14
CA HIS D 163 12.90 -36.34 -18.04
C HIS D 163 13.88 -35.22 -17.72
N MET D 164 14.45 -34.61 -18.76
CA MET D 164 15.33 -33.47 -18.53
C MET D 164 14.71 -32.24 -19.15
N LEU D 165 14.54 -31.21 -18.34
CA LEU D 165 13.99 -29.94 -18.76
C LEU D 165 14.87 -29.26 -19.80
N GLN D 166 16.19 -29.40 -19.65
CA GLN D 166 17.11 -28.78 -20.61
C GLN D 166 17.14 -27.27 -20.77
N GLN D 167 17.35 -26.59 -19.65
CA GLN D 167 17.38 -25.14 -19.63
C GLN D 167 18.10 -24.52 -20.81
N PHE D 168 19.17 -25.16 -21.28
CA PHE D 168 19.93 -24.58 -22.40
C PHE D 168 19.18 -24.65 -23.73
N SER D 169 18.17 -25.50 -23.83
CA SER D 169 17.45 -25.65 -25.09
CA SER D 169 17.45 -25.68 -25.08
C SER D 169 15.95 -25.47 -24.97
N ASN D 170 15.47 -25.25 -23.75
CA ASN D 170 14.03 -25.14 -23.49
C ASN D 170 13.51 -23.72 -23.68
N PRO D 171 12.68 -23.51 -24.70
CA PRO D 171 12.20 -22.16 -25.02
C PRO D 171 11.34 -21.55 -23.90
N ALA D 172 10.86 -22.37 -22.97
CA ALA D 172 10.07 -21.83 -21.86
C ALA D 172 10.94 -20.98 -20.92
N ASN D 173 12.25 -21.22 -20.96
CA ASN D 173 13.25 -20.42 -20.23
C ASN D 173 13.19 -18.98 -20.74
N THR D 174 13.57 -18.79 -21.99
CA THR D 174 13.42 -17.47 -22.60
C THR D 174 12.03 -16.88 -22.37
N GLN D 175 10.99 -17.69 -22.57
CA GLN D 175 9.62 -17.18 -22.50
C GLN D 175 9.29 -16.55 -21.14
N VAL D 176 9.77 -17.13 -20.05
CA VAL D 176 9.40 -16.58 -18.76
C VAL D 176 9.94 -15.17 -18.60
N HIS D 177 11.08 -14.89 -19.23
CA HIS D 177 11.69 -13.57 -19.09
C HIS D 177 11.02 -12.55 -20.02
N PHE D 178 10.49 -13.06 -21.14
CA PHE D 178 9.69 -12.23 -22.03
C PHE D 178 8.36 -11.86 -21.36
N GLU D 179 7.78 -12.85 -20.68
CA GLU D 179 6.55 -12.69 -19.91
C GLU D 179 6.59 -11.88 -18.61
N THR D 180 7.66 -12.05 -17.83
CA THR D 180 7.74 -11.38 -16.53
C THR D 180 8.90 -10.43 -16.26
N THR D 181 10.14 -10.90 -16.44
CA THR D 181 11.31 -10.09 -16.13
C THR D 181 11.39 -8.82 -16.97
N GLY D 182 11.13 -8.96 -18.26
CA GLY D 182 11.12 -7.83 -19.18
C GLY D 182 9.98 -6.86 -18.90
N PRO D 183 8.75 -7.37 -18.86
CA PRO D 183 7.63 -6.47 -18.50
C PRO D 183 7.84 -5.73 -17.18
N GLU D 184 8.43 -6.40 -16.17
CA GLU D 184 8.67 -5.73 -14.90
C GLU D 184 9.61 -4.56 -15.07
N ILE D 185 10.64 -4.74 -15.89
CA ILE D 185 11.62 -3.68 -16.11
C ILE D 185 10.97 -2.53 -16.87
N TRP D 186 10.20 -2.85 -17.90
CA TRP D 186 9.47 -1.80 -18.64
C TRP D 186 8.52 -1.03 -17.73
N GLU D 187 7.73 -1.75 -16.94
CA GLU D 187 6.79 -1.07 -16.04
C GLU D 187 7.52 -0.25 -14.96
N ASP D 188 8.49 -0.86 -14.29
CA ASP D 188 9.16 -0.16 -13.19
C ASP D 188 9.99 1.06 -13.62
N THR D 189 10.43 1.11 -14.87
CA THR D 189 11.20 2.25 -15.36
C THR D 189 10.27 3.22 -16.08
N ASN D 190 8.97 2.92 -16.02
CA ASN D 190 7.94 3.68 -16.72
C ASN D 190 8.35 3.90 -18.18
N GLY D 191 8.90 2.85 -18.80
CA GLY D 191 9.25 2.90 -20.20
C GLY D 191 10.48 3.72 -20.54
N GLN D 192 11.29 4.03 -19.53
CA GLN D 192 12.45 4.90 -19.74
C GLN D 192 13.76 4.15 -19.93
N VAL D 193 13.77 2.84 -19.71
CA VAL D 193 14.99 2.07 -19.87
C VAL D 193 15.59 2.27 -21.27
N ASP D 194 16.88 2.62 -21.33
CA ASP D 194 17.57 2.81 -22.59
C ASP D 194 18.48 1.62 -22.94
N ILE D 195 19.05 1.00 -21.92
CA ILE D 195 20.05 -0.04 -22.10
C ILE D 195 19.79 -1.10 -21.07
N PHE D 196 19.89 -2.37 -21.47
CA PHE D 196 19.82 -3.49 -20.55
C PHE D 196 21.05 -4.38 -20.74
N VAL D 197 21.73 -4.75 -19.67
CA VAL D 197 22.93 -5.56 -19.78
C VAL D 197 22.82 -6.73 -18.80
N MET D 198 23.19 -7.92 -19.25
CA MET D 198 22.99 -9.11 -18.43
C MET D 198 23.94 -10.21 -18.87
N GLY D 199 24.66 -10.81 -17.93
CA GLY D 199 25.58 -11.89 -18.25
C GLY D 199 24.82 -13.10 -18.74
N ILE D 200 25.46 -13.93 -19.54
CA ILE D 200 24.79 -15.05 -20.17
C ILE D 200 25.20 -16.37 -19.53
N GLY D 201 24.22 -17.09 -18.98
CA GLY D 201 24.43 -18.48 -18.57
C GLY D 201 23.74 -19.37 -19.59
N SER D 202 22.44 -19.58 -19.41
CA SER D 202 21.61 -20.20 -20.44
C SER D 202 21.30 -19.20 -21.54
N GLY D 203 21.35 -17.91 -21.22
CA GLY D 203 20.94 -16.90 -22.18
C GLY D 203 19.45 -16.59 -22.13
N GLY D 204 18.72 -17.23 -21.23
CA GLY D 204 17.28 -17.02 -21.17
C GLY D 204 16.91 -15.60 -20.78
N THR D 205 17.62 -15.07 -19.80
CA THR D 205 17.30 -13.74 -19.28
C THR D 205 17.54 -12.67 -20.34
N VAL D 206 18.77 -12.59 -20.83
CA VAL D 206 19.09 -11.57 -21.83
C VAL D 206 18.21 -11.68 -23.08
N SER D 207 17.93 -12.90 -23.52
CA SER D 207 17.10 -13.11 -24.71
C SER D 207 15.65 -12.71 -24.51
N GLY D 208 15.03 -13.17 -23.42
CA GLY D 208 13.65 -12.86 -23.13
C GLY D 208 13.43 -11.39 -22.82
N VAL D 209 14.27 -10.83 -21.96
CA VAL D 209 14.17 -9.41 -21.61
C VAL D 209 14.41 -8.57 -22.85
N GLY D 210 15.43 -8.93 -23.62
CA GLY D 210 15.80 -8.13 -24.79
C GLY D 210 14.70 -8.11 -25.83
N GLN D 211 14.15 -9.27 -26.12
CA GLN D 211 13.02 -9.37 -27.03
C GLN D 211 11.85 -8.54 -26.55
N TYR D 212 11.54 -8.59 -25.26
CA TYR D 212 10.41 -7.81 -24.79
C TYR D 212 10.65 -6.29 -24.88
N LEU D 213 11.80 -5.84 -24.40
CA LEU D 213 12.04 -4.41 -24.35
C LEU D 213 12.07 -3.85 -25.77
N LYS D 214 12.72 -4.57 -26.68
CA LYS D 214 12.75 -4.15 -28.07
C LYS D 214 11.37 -4.14 -28.74
N SER D 215 10.45 -4.93 -28.21
CA SER D 215 9.08 -4.94 -28.73
C SER D 215 8.33 -3.70 -28.25
N LYS D 216 8.82 -3.10 -27.18
CA LYS D 216 8.20 -1.89 -26.65
C LYS D 216 8.88 -0.63 -27.15
N ASN D 217 10.19 -0.69 -27.31
CA ASN D 217 10.96 0.43 -27.87
C ASN D 217 12.16 -0.13 -28.61
N PRO D 218 12.11 -0.10 -29.95
CA PRO D 218 13.16 -0.70 -30.78
C PRO D 218 14.53 -0.08 -30.53
N ASN D 219 14.59 1.13 -29.95
CA ASN D 219 15.87 1.80 -29.71
C ASN D 219 16.64 1.28 -28.51
N VAL D 220 15.99 0.50 -27.65
CA VAL D 220 16.68 -0.07 -26.50
C VAL D 220 17.88 -0.90 -26.95
N LYS D 221 19.00 -0.76 -26.25
CA LYS D 221 20.19 -1.54 -26.56
C LYS D 221 20.37 -2.63 -25.53
N ILE D 222 20.60 -3.86 -25.99
CA ILE D 222 20.70 -5.03 -25.11
C ILE D 222 22.14 -5.55 -25.22
N TYR D 223 22.81 -5.74 -24.09
CA TYR D 223 24.16 -6.27 -24.10
C TYR D 223 24.25 -7.56 -23.31
N GLY D 224 24.90 -8.57 -23.86
CA GLY D 224 25.25 -9.73 -23.06
C GLY D 224 26.60 -9.52 -22.39
N VAL D 225 26.92 -10.35 -21.40
CA VAL D 225 28.25 -10.35 -20.80
C VAL D 225 28.75 -11.79 -20.68
N GLU D 226 30.05 -11.96 -20.92
CA GLU D 226 30.73 -13.23 -20.68
C GLU D 226 32.12 -13.02 -20.06
N PRO D 227 32.71 -14.07 -19.48
CA PRO D 227 34.00 -13.89 -18.82
C PRO D 227 35.11 -13.77 -19.84
N SER D 228 36.06 -12.87 -19.59
CA SER D 228 37.22 -12.73 -20.47
C SER D 228 37.94 -14.06 -20.65
N GLU D 229 37.97 -14.84 -19.58
CA GLU D 229 38.64 -16.14 -19.53
C GLU D 229 38.03 -17.16 -20.48
N SER D 230 36.71 -17.13 -20.62
CA SER D 230 36.03 -18.04 -21.52
C SER D 230 35.08 -17.26 -22.42
N ASN D 231 35.66 -16.46 -23.29
CA ASN D 231 34.88 -15.65 -24.22
C ASN D 231 34.55 -16.40 -25.51
N VAL D 232 33.71 -17.41 -25.40
CA VAL D 232 33.34 -18.23 -26.56
C VAL D 232 32.41 -17.51 -27.52
N LEU D 233 31.56 -16.64 -27.00
CA LEU D 233 30.64 -15.93 -27.89
C LEU D 233 31.37 -14.88 -28.75
N ASN D 234 32.55 -14.47 -28.29
CA ASN D 234 33.39 -13.56 -29.08
C ASN D 234 34.49 -14.30 -29.86
N GLY D 235 34.34 -15.62 -29.96
CA GLY D 235 35.26 -16.41 -30.76
C GLY D 235 36.43 -17.00 -30.01
N GLY D 236 36.46 -16.84 -28.69
CA GLY D 236 37.54 -17.37 -27.87
C GLY D 236 37.37 -18.84 -27.52
N LYS D 237 38.37 -19.40 -26.86
CA LYS D 237 38.29 -20.78 -26.42
C LYS D 237 37.64 -20.83 -25.05
N PRO D 238 36.88 -21.90 -24.78
CA PRO D 238 36.37 -22.08 -23.42
C PRO D 238 37.54 -22.21 -22.43
N GLY D 239 37.33 -21.78 -21.20
CA GLY D 239 38.37 -21.84 -20.20
C GLY D 239 37.82 -21.69 -18.79
N PRO D 240 38.65 -21.95 -17.78
CA PRO D 240 38.17 -21.86 -16.41
C PRO D 240 38.04 -20.39 -15.99
N HIS D 241 37.04 -20.11 -15.17
CA HIS D 241 36.79 -18.75 -14.70
C HIS D 241 35.95 -18.82 -13.42
N HIS D 242 35.78 -17.70 -12.74
CA HIS D 242 35.09 -17.70 -11.45
C HIS D 242 33.71 -17.06 -11.48
N ILE D 243 33.23 -16.64 -12.64
CA ILE D 243 31.93 -15.99 -12.69
C ILE D 243 30.83 -17.04 -12.80
N THR D 244 30.52 -17.63 -11.66
CA THR D 244 29.58 -18.73 -11.62
C THR D 244 28.20 -18.32 -12.12
N GLY D 245 27.61 -19.12 -13.01
CA GLY D 245 26.32 -18.79 -13.57
C GLY D 245 26.44 -18.16 -14.94
N ASN D 246 27.64 -17.73 -15.29
CA ASN D 246 27.93 -17.21 -16.65
C ASN D 246 28.99 -18.10 -17.30
N GLY D 247 29.28 -17.87 -18.57
CA GLY D 247 30.36 -18.57 -19.25
C GLY D 247 30.33 -20.09 -19.18
N VAL D 248 29.29 -20.70 -19.75
CA VAL D 248 29.19 -22.15 -19.73
C VAL D 248 30.14 -22.84 -20.70
N GLY D 249 30.76 -22.08 -21.60
CA GLY D 249 31.79 -22.62 -22.48
C GLY D 249 31.27 -23.15 -23.80
N PHE D 250 30.00 -22.88 -24.06
CA PHE D 250 29.36 -23.20 -25.33
C PHE D 250 28.22 -22.21 -25.55
N LYS D 251 27.68 -22.17 -26.76
CA LYS D 251 26.55 -21.29 -27.04
C LYS D 251 25.26 -22.06 -26.83
N PRO D 252 24.46 -21.65 -25.84
CA PRO D 252 23.20 -22.34 -25.62
C PRO D 252 22.26 -22.20 -26.83
N ASP D 253 21.52 -23.26 -27.13
CA ASP D 253 20.55 -23.24 -28.21
C ASP D 253 19.53 -22.10 -28.09
N ILE D 254 19.16 -21.73 -26.87
CA ILE D 254 18.12 -20.70 -26.72
C ILE D 254 18.66 -19.28 -26.83
N LEU D 255 19.98 -19.11 -26.85
CA LEU D 255 20.53 -17.76 -26.85
C LEU D 255 20.21 -17.08 -28.17
N ASP D 256 19.61 -15.90 -28.07
CA ASP D 256 19.22 -15.11 -29.25
C ASP D 256 20.34 -14.10 -29.54
N LEU D 257 21.24 -14.44 -30.45
CA LEU D 257 22.37 -13.55 -30.75
C LEU D 257 21.93 -12.22 -31.35
N ASP D 258 20.89 -12.27 -32.18
CA ASP D 258 20.44 -11.10 -32.95
C ASP D 258 19.90 -9.96 -32.10
N VAL D 259 19.37 -10.26 -30.92
CA VAL D 259 18.76 -9.22 -30.10
C VAL D 259 19.83 -8.38 -29.40
N MET D 260 21.05 -8.90 -29.33
CA MET D 260 22.14 -8.21 -28.63
C MET D 260 22.93 -7.28 -29.52
N GLU D 261 23.34 -6.14 -28.97
CA GLU D 261 24.23 -5.23 -29.68
C GLU D 261 25.60 -5.88 -29.78
N LYS D 262 26.03 -6.49 -28.67
CA LYS D 262 27.28 -7.22 -28.64
C LYS D 262 27.32 -7.93 -27.28
N VAL D 263 28.30 -8.82 -27.13
CA VAL D 263 28.57 -9.49 -25.86
C VAL D 263 29.84 -8.88 -25.25
N LEU D 264 29.68 -8.24 -24.09
CA LEU D 264 30.82 -7.61 -23.41
C LEU D 264 31.63 -8.65 -22.65
N GLU D 265 32.92 -8.38 -22.47
CA GLU D 265 33.77 -9.27 -21.68
C GLU D 265 34.16 -8.63 -20.36
N VAL D 266 33.99 -9.37 -19.27
CA VAL D 266 34.46 -8.92 -17.97
C VAL D 266 35.32 -10.01 -17.35
N SER D 267 36.46 -9.63 -16.77
CA SER D 267 37.36 -10.63 -16.20
C SER D 267 36.82 -11.17 -14.86
N SER D 268 37.22 -12.38 -14.51
CA SER D 268 36.81 -12.94 -13.23
C SER D 268 37.23 -12.02 -12.08
N GLU D 269 38.44 -11.48 -12.19
CA GLU D 269 39.00 -10.66 -11.13
C GLU D 269 38.16 -9.41 -10.92
N ASP D 270 37.83 -8.72 -12.01
CA ASP D 270 37.03 -7.51 -11.90
C ASP D 270 35.63 -7.81 -11.36
N ALA D 271 35.06 -8.93 -11.76
CA ALA D 271 33.72 -9.31 -11.30
C ALA D 271 33.72 -9.56 -9.79
N VAL D 272 34.69 -10.34 -9.33
CA VAL D 272 34.84 -10.68 -7.91
C VAL D 272 35.07 -9.41 -7.10
N ASN D 273 35.99 -8.58 -7.57
CA ASN D 273 36.28 -7.33 -6.86
C ASN D 273 35.04 -6.44 -6.73
N MET D 274 34.29 -6.29 -7.81
CA MET D 274 33.10 -5.41 -7.77
C MET D 274 32.05 -5.98 -6.82
N ALA D 275 31.89 -7.29 -6.79
CA ALA D 275 30.89 -7.85 -5.89
C ALA D 275 31.25 -7.51 -4.44
N ARG D 276 32.54 -7.53 -4.12
CA ARG D 276 32.98 -7.20 -2.75
C ARG D 276 32.67 -5.75 -2.43
N VAL D 277 32.92 -4.86 -3.38
CA VAL D 277 32.62 -3.45 -3.19
C VAL D 277 31.13 -3.18 -3.07
N LEU D 278 30.31 -3.92 -3.81
CA LEU D 278 28.87 -3.70 -3.75
C LEU D 278 28.36 -3.95 -2.33
N ALA D 279 28.90 -4.96 -1.67
CA ALA D 279 28.49 -5.20 -0.29
C ALA D 279 28.97 -4.05 0.60
N LEU D 280 30.26 -3.73 0.50
CA LEU D 280 30.89 -2.75 1.39
C LEU D 280 30.40 -1.32 1.19
N LYS D 281 30.10 -0.95 -0.06
CA LYS D 281 29.70 0.42 -0.36
C LYS D 281 28.21 0.60 -0.60
N GLU D 282 27.57 -0.36 -1.24
CA GLU D 282 26.16 -0.22 -1.58
C GLU D 282 25.24 -1.00 -0.65
N GLY D 283 25.81 -1.85 0.19
CA GLY D 283 25.01 -2.65 1.12
C GLY D 283 24.28 -3.77 0.40
N LEU D 284 24.82 -4.15 -0.76
CA LEU D 284 24.22 -5.22 -1.55
C LEU D 284 25.13 -6.46 -1.51
N MET D 285 24.71 -7.45 -0.72
CA MET D 285 25.43 -8.71 -0.56
C MET D 285 25.03 -9.62 -1.71
N VAL D 286 25.78 -9.57 -2.82
CA VAL D 286 25.37 -10.25 -4.03
C VAL D 286 26.49 -11.14 -4.59
N GLY D 287 26.15 -11.99 -5.57
CA GLY D 287 27.08 -12.96 -6.09
C GLY D 287 28.02 -12.43 -7.15
N ILE D 288 28.85 -13.29 -7.72
CA ILE D 288 29.92 -12.84 -8.60
C ILE D 288 29.40 -12.32 -9.94
N SER D 289 28.41 -12.98 -10.51
CA SER D 289 27.78 -12.52 -11.75
C SER D 289 27.14 -11.13 -11.56
N SER D 290 26.69 -10.84 -10.35
CA SER D 290 26.18 -9.49 -10.04
C SER D 290 27.30 -8.46 -10.18
N GLY D 291 28.48 -8.82 -9.70
CA GLY D 291 29.65 -7.96 -9.85
C GLY D 291 30.01 -7.78 -11.31
N ALA D 292 30.00 -8.86 -12.08
CA ALA D 292 30.25 -8.77 -13.51
C ALA D 292 29.26 -7.84 -14.23
N ASN D 293 27.98 -8.00 -13.93
CA ASN D 293 26.94 -7.15 -14.54
C ASN D 293 27.18 -5.68 -14.23
N THR D 294 27.63 -5.41 -13.02
CA THR D 294 27.85 -4.03 -12.59
C THR D 294 29.08 -3.43 -13.27
N VAL D 295 30.15 -4.20 -13.37
CA VAL D 295 31.31 -3.75 -14.13
C VAL D 295 30.93 -3.45 -15.57
N ALA D 296 30.14 -4.32 -16.19
CA ALA D 296 29.71 -4.10 -17.57
C ALA D 296 28.86 -2.84 -17.73
N ALA D 297 27.94 -2.62 -16.80
CA ALA D 297 27.11 -1.43 -16.85
C ALA D 297 27.96 -0.16 -16.75
N LEU D 298 28.95 -0.17 -15.86
CA LEU D 298 29.82 0.99 -15.68
C LEU D 298 30.67 1.26 -16.91
N ARG D 299 31.10 0.20 -17.60
CA ARG D 299 31.89 0.35 -18.80
C ARG D 299 31.04 0.99 -19.90
N LEU D 300 29.75 0.66 -19.95
CA LEU D 300 28.87 1.22 -20.95
C LEU D 300 28.65 2.71 -20.64
N ALA D 301 28.62 3.04 -19.36
CA ALA D 301 28.40 4.44 -18.94
C ALA D 301 29.55 5.37 -19.37
N GLN D 302 30.73 4.80 -19.64
CA GLN D 302 31.89 5.60 -20.01
C GLN D 302 31.79 6.13 -21.45
N LEU D 303 30.91 5.54 -22.25
CA LEU D 303 30.85 5.87 -23.67
C LEU D 303 29.99 7.11 -23.90
N PRO D 304 30.43 8.02 -24.79
CA PRO D 304 29.71 9.28 -24.99
C PRO D 304 28.24 9.10 -25.36
N GLU D 305 27.91 8.06 -26.13
CA GLU D 305 26.55 7.88 -26.59
C GLU D 305 25.62 7.47 -25.45
N ASN D 306 26.20 7.01 -24.35
CA ASN D 306 25.41 6.52 -23.24
C ASN D 306 25.26 7.48 -22.07
N LYS D 307 25.88 8.65 -22.15
CA LYS D 307 25.74 9.60 -21.06
C LYS D 307 24.29 10.03 -20.92
N GLY D 308 23.83 10.08 -19.68
CA GLY D 308 22.46 10.49 -19.40
C GLY D 308 21.41 9.46 -19.74
N LYS D 309 21.83 8.26 -20.10
CA LYS D 309 20.88 7.20 -20.41
C LYS D 309 20.61 6.39 -19.15
N LEU D 310 19.46 5.72 -19.11
CA LEU D 310 19.14 4.80 -18.01
C LEU D 310 19.57 3.38 -18.38
N ILE D 311 20.55 2.87 -17.63
CA ILE D 311 21.10 1.54 -17.85
C ILE D 311 20.53 0.65 -16.75
N VAL D 312 19.90 -0.45 -17.14
CA VAL D 312 19.37 -1.40 -16.17
C VAL D 312 20.15 -2.68 -16.25
N THR D 313 20.54 -3.22 -15.11
CA THR D 313 21.13 -4.55 -15.12
C THR D 313 20.55 -5.33 -13.95
N VAL D 314 21.11 -6.50 -13.67
CA VAL D 314 20.49 -7.39 -12.70
C VAL D 314 21.57 -7.84 -11.70
N HIS D 315 21.17 -8.13 -10.47
CA HIS D 315 22.06 -8.79 -9.53
C HIS D 315 21.42 -10.15 -9.29
N PRO D 316 21.86 -11.16 -10.04
CA PRO D 316 21.08 -12.39 -10.14
C PRO D 316 21.08 -13.29 -8.91
N SER D 317 21.93 -13.05 -7.93
CA SER D 317 22.01 -13.99 -6.79
C SER D 317 22.51 -13.35 -5.52
N PHE D 318 22.20 -13.98 -4.39
CA PHE D 318 22.58 -13.48 -3.06
C PHE D 318 23.95 -13.97 -2.63
N GLY D 319 24.72 -13.10 -2.00
CA GLY D 319 26.12 -13.38 -1.68
C GLY D 319 26.42 -14.51 -0.71
N GLU D 320 25.45 -14.90 0.11
CA GLU D 320 25.72 -15.93 1.10
C GLU D 320 25.89 -17.30 0.48
N ARG D 321 25.50 -17.42 -0.78
CA ARG D 321 25.67 -18.67 -1.52
C ARG D 321 27.11 -18.78 -2.05
N TYR D 322 27.93 -17.79 -1.70
CA TYR D 322 29.29 -17.68 -2.23
C TYR D 322 30.38 -17.66 -1.16
N LEU D 323 30.04 -18.07 0.06
CA LEU D 323 30.99 -18.00 1.15
C LEU D 323 32.21 -18.92 0.94
N SER D 324 32.00 -20.01 0.22
CA SER D 324 33.08 -20.96 -0.03
C SER D 324 33.76 -20.73 -1.36
N SER D 325 33.29 -19.71 -2.08
CA SER D 325 33.89 -19.36 -3.36
C SER D 325 35.03 -18.37 -3.15
N VAL D 326 35.77 -18.08 -4.21
CA VAL D 326 36.79 -17.06 -4.17
C VAL D 326 36.27 -15.71 -3.67
N LEU D 327 34.97 -15.47 -3.81
CA LEU D 327 34.38 -14.20 -3.38
C LEU D 327 34.63 -13.92 -1.89
N PHE D 328 34.31 -14.89 -1.05
CA PHE D 328 34.39 -14.68 0.40
C PHE D 328 35.19 -15.71 1.18
N GLN D 329 35.88 -16.63 0.50
CA GLN D 329 36.54 -17.73 1.22
C GLN D 329 37.60 -17.27 2.23
N GLU D 330 38.32 -16.20 1.90
CA GLU D 330 39.31 -15.64 2.82
C GLU D 330 38.63 -15.13 4.09
N LEU D 331 37.53 -14.39 3.94
CA LEU D 331 36.74 -14.00 5.11
C LEU D 331 36.21 -15.19 5.88
N ARG D 332 35.76 -16.22 5.15
CA ARG D 332 35.21 -17.38 5.82
C ARG D 332 36.26 -18.01 6.70
N GLN D 333 37.47 -18.13 6.16
CA GLN D 333 38.57 -18.73 6.91
C GLN D 333 38.90 -17.87 8.13
N GLU D 334 38.97 -16.57 7.92
CA GLU D 334 39.16 -15.61 9.02
C GLU D 334 38.07 -15.80 10.08
N ALA D 335 36.82 -15.91 9.65
CA ALA D 335 35.71 -16.09 10.59
C ALA D 335 35.79 -17.39 11.37
N GLU D 336 36.19 -18.47 10.69
CA GLU D 336 36.28 -19.78 11.32
C GLU D 336 37.27 -19.77 12.47
N ASN D 337 38.31 -18.97 12.34
CA ASN D 337 39.38 -18.91 13.34
C ASN D 337 39.14 -17.93 14.49
N MET D 338 38.04 -17.20 14.45
CA MET D 338 37.73 -16.29 15.55
C MET D 338 37.43 -17.07 16.83
N GLN D 339 37.92 -16.56 17.95
CA GLN D 339 37.70 -17.20 19.26
C GLN D 339 36.88 -16.30 20.17
N PRO D 340 36.10 -16.89 21.09
CA PRO D 340 35.36 -16.06 22.05
C PRO D 340 36.28 -15.39 23.08
N VAL D 341 35.93 -14.19 23.51
CA VAL D 341 36.65 -13.51 24.58
C VAL D 341 35.87 -13.64 25.89
N ALA D 342 36.57 -13.55 27.01
CA ALA D 342 35.91 -13.64 28.31
C ALA D 342 35.07 -12.39 28.57
N VAL D 343 34.03 -12.54 29.38
CA VAL D 343 33.19 -11.41 29.75
C VAL D 343 33.42 -11.03 31.21
N SER E 22 -60.92 3.73 20.81
CA SER E 22 -61.13 4.78 21.81
C SER E 22 -59.91 4.94 22.74
N THR E 23 -59.19 3.85 23.00
CA THR E 23 -58.00 3.92 23.83
C THR E 23 -56.83 3.26 23.13
N ASN E 24 -55.65 3.31 23.74
CA ASN E 24 -54.47 2.62 23.23
C ASN E 24 -54.29 1.27 23.92
N ILE E 25 -55.30 0.84 24.67
CA ILE E 25 -55.22 -0.44 25.37
C ILE E 25 -55.35 -1.61 24.39
N LYS E 26 -54.39 -2.53 24.38
CA LYS E 26 -54.47 -3.73 23.55
C LYS E 26 -55.64 -4.61 23.96
N LYS E 27 -56.34 -5.19 22.98
CA LYS E 27 -57.44 -6.09 23.27
C LYS E 27 -56.99 -7.53 23.50
N HIS E 28 -55.83 -7.88 22.96
CA HIS E 28 -55.31 -9.24 23.07
C HIS E 28 -53.83 -9.24 23.42
N VAL E 29 -53.40 -10.21 24.20
CA VAL E 29 -51.99 -10.32 24.56
C VAL E 29 -51.11 -10.51 23.32
N SER E 30 -51.63 -11.19 22.31
CA SER E 30 -50.88 -11.38 21.07
C SER E 30 -50.57 -10.06 20.37
N GLN E 31 -51.32 -9.00 20.68
CA GLN E 31 -51.03 -7.70 20.09
C GLN E 31 -49.82 -7.01 20.71
N LEU E 32 -49.27 -7.59 21.77
CA LEU E 32 -48.02 -7.09 22.34
C LEU E 32 -46.80 -7.54 21.53
N ILE E 33 -47.01 -8.42 20.55
CA ILE E 33 -45.92 -8.92 19.72
C ILE E 33 -45.47 -7.94 18.66
N GLY E 34 -44.17 -7.75 18.52
CA GLY E 34 -43.59 -7.01 17.40
C GLY E 34 -43.05 -5.66 17.76
N ARG E 35 -42.67 -4.91 16.74
CA ARG E 35 -42.16 -3.54 16.90
C ARG E 35 -41.05 -3.26 17.90
N THR E 36 -39.99 -4.06 17.88
CA THR E 36 -38.89 -3.86 18.80
C THR E 36 -37.84 -2.83 18.41
N PRO E 37 -37.14 -2.26 19.39
CA PRO E 37 -36.21 -1.14 19.15
C PRO E 37 -34.82 -1.57 18.64
N LEU E 38 -34.12 -0.64 18.01
CA LEU E 38 -32.71 -0.80 17.66
C LEU E 38 -31.87 0.07 18.58
N VAL E 39 -30.69 -0.41 18.95
CA VAL E 39 -29.78 0.38 19.76
C VAL E 39 -28.33 0.22 19.29
N TYR E 40 -27.56 1.30 19.36
CA TYR E 40 -26.15 1.24 19.00
C TYR E 40 -25.33 0.52 20.07
N LEU E 41 -24.36 -0.29 19.64
CA LEU E 41 -23.34 -0.80 20.54
C LEU E 41 -22.17 0.19 20.58
N ASN E 42 -21.80 0.63 21.78
CA ASN E 42 -20.76 1.65 21.93
C ASN E 42 -19.46 1.16 22.57
N LYS E 43 -19.54 0.10 23.38
CA LYS E 43 -18.37 -0.36 24.11
C LYS E 43 -17.63 -1.51 23.45
N VAL E 44 -18.34 -2.57 23.08
CA VAL E 44 -17.68 -3.71 22.45
C VAL E 44 -17.21 -3.40 21.04
N THR E 45 -17.62 -2.26 20.49
CA THR E 45 -17.24 -1.86 19.13
C THR E 45 -15.92 -1.08 19.10
N GLU E 46 -15.19 -1.11 20.21
CA GLU E 46 -13.88 -0.49 20.31
C GLU E 46 -13.02 -0.83 19.10
N GLY E 47 -12.64 0.19 18.33
CA GLY E 47 -11.71 0.01 17.24
C GLY E 47 -12.31 -0.26 15.87
N CYS E 48 -13.57 -0.71 15.81
CA CYS E 48 -14.15 -0.99 14.51
CA CYS E 48 -14.27 -0.98 14.56
C CYS E 48 -14.40 0.31 13.76
N GLY E 49 -14.42 0.20 12.43
CA GLY E 49 -14.57 1.38 11.60
C GLY E 49 -15.99 1.59 11.14
N ALA E 50 -16.89 0.68 11.50
CA ALA E 50 -18.29 0.75 11.10
C ALA E 50 -19.19 0.83 12.32
N TYR E 51 -20.46 1.17 12.12
CA TYR E 51 -21.39 1.31 13.22
C TYR E 51 -22.21 0.03 13.33
N VAL E 52 -22.50 -0.38 14.56
CA VAL E 52 -23.29 -1.60 14.77
C VAL E 52 -24.53 -1.33 15.62
N ALA E 53 -25.69 -1.70 15.09
CA ALA E 53 -26.96 -1.50 15.78
C ALA E 53 -27.59 -2.86 15.98
N VAL E 54 -28.25 -3.06 17.11
CA VAL E 54 -28.78 -4.37 17.47
C VAL E 54 -30.26 -4.28 17.82
N LYS E 55 -31.05 -5.16 17.22
CA LYS E 55 -32.50 -5.18 17.40
C LYS E 55 -32.83 -6.04 18.62
N GLN E 56 -33.67 -5.52 19.50
CA GLN E 56 -33.86 -6.13 20.82
C GLN E 56 -35.15 -6.95 20.96
N GLU E 57 -35.07 -8.26 20.70
CA GLU E 57 -36.27 -9.10 20.72
C GLU E 57 -36.67 -9.57 22.13
N MET E 58 -35.91 -9.17 23.13
CA MET E 58 -36.30 -9.43 24.52
C MET E 58 -37.59 -8.66 24.82
N MET E 59 -37.87 -7.65 24.01
CA MET E 59 -39.07 -6.82 24.16
C MET E 59 -40.40 -7.54 23.85
N GLN E 60 -40.33 -8.75 23.32
CA GLN E 60 -41.55 -9.52 23.07
C GLN E 60 -42.19 -10.12 24.32
N PRO E 61 -43.47 -10.51 24.24
CA PRO E 61 -44.18 -11.04 25.41
C PRO E 61 -43.59 -12.31 26.02
N THR E 62 -42.94 -13.20 25.25
CA THR E 62 -42.19 -14.31 25.85
C THR E 62 -40.68 -14.12 25.73
N ALA E 63 -40.28 -12.89 25.43
CA ALA E 63 -38.87 -12.48 25.46
C ALA E 63 -37.95 -13.17 24.44
N SER E 64 -38.49 -13.54 23.29
CA SER E 64 -37.61 -13.92 22.18
C SER E 64 -38.26 -13.64 20.85
N ILE E 65 -37.44 -13.75 19.81
CA ILE E 65 -37.86 -13.44 18.46
C ILE E 65 -38.93 -14.39 17.95
N ALA E 66 -39.04 -15.55 18.60
CA ALA E 66 -39.92 -16.60 18.08
C ALA E 66 -41.41 -16.30 18.25
N ASP E 67 -41.71 -15.23 18.99
CA ASP E 67 -43.11 -14.83 19.13
C ASP E 67 -43.68 -14.49 17.76
N ARG E 68 -42.84 -13.94 16.89
CA ARG E 68 -43.29 -13.54 15.55
C ARG E 68 -43.72 -14.73 14.71
N PRO E 69 -42.82 -15.69 14.46
CA PRO E 69 -43.26 -16.81 13.63
C PRO E 69 -44.27 -17.72 14.31
N ALA E 70 -44.22 -17.87 15.64
CA ALA E 70 -45.25 -18.68 16.30
C ALA E 70 -46.63 -18.12 16.01
N TYR E 71 -46.78 -16.81 16.21
CA TYR E 71 -48.06 -16.17 15.96
C TYR E 71 -48.47 -16.32 14.49
N ALA E 72 -47.52 -16.07 13.58
CA ALA E 72 -47.83 -16.14 12.15
C ALA E 72 -48.22 -17.54 11.69
N MET E 73 -47.52 -18.55 12.19
CA MET E 73 -47.78 -19.92 11.76
C MET E 73 -49.12 -20.43 12.28
N ILE E 74 -49.40 -20.17 13.53
CA ILE E 74 -50.66 -20.67 14.09
C ILE E 74 -51.84 -19.94 13.46
N THR E 75 -51.69 -18.64 13.26
CA THR E 75 -52.77 -17.86 12.67
C THR E 75 -53.03 -18.30 11.23
N ASP E 76 -51.95 -18.50 10.45
CA ASP E 76 -52.04 -19.00 9.09
C ASP E 76 -52.79 -20.34 9.02
N ALA E 77 -52.50 -21.22 9.99
CA ALA E 77 -53.11 -22.55 9.97
C ALA E 77 -54.61 -22.46 10.28
N GLU E 78 -54.98 -21.51 11.14
CA GLU E 78 -56.40 -21.29 11.43
C GLU E 78 -57.13 -20.75 10.21
N GLU E 79 -56.50 -19.79 9.53
CA GLU E 79 -57.10 -19.18 8.33
C GLU E 79 -57.28 -20.18 7.19
N LYS E 80 -56.37 -21.15 7.10
CA LYS E 80 -56.47 -22.23 6.11
C LYS E 80 -57.40 -23.35 6.58
N ASN E 81 -58.05 -23.17 7.72
CA ASN E 81 -58.95 -24.19 8.26
C ASN E 81 -58.28 -25.55 8.45
N LEU E 82 -57.07 -25.52 9.01
CA LEU E 82 -56.31 -26.76 9.23
C LEU E 82 -56.41 -27.24 10.67
N ILE E 83 -56.60 -26.30 11.60
CA ILE E 83 -56.56 -26.64 13.01
C ILE E 83 -57.75 -26.04 13.75
N THR E 84 -58.12 -26.65 14.87
CA THR E 84 -59.30 -26.27 15.64
C THR E 84 -59.02 -26.38 17.14
N PRO E 85 -59.22 -25.29 17.89
CA PRO E 85 -58.96 -25.33 19.33
C PRO E 85 -59.79 -26.40 20.02
N GLY E 86 -59.19 -27.13 20.96
CA GLY E 86 -59.89 -28.16 21.68
C GLY E 86 -60.00 -29.46 20.88
N LYS E 87 -59.62 -29.42 19.61
CA LYS E 87 -59.67 -30.64 18.81
C LYS E 87 -58.29 -31.09 18.34
N THR E 88 -57.52 -30.15 17.81
CA THR E 88 -56.22 -30.45 17.23
C THR E 88 -55.11 -30.45 18.28
N THR E 89 -54.28 -31.47 18.27
CA THR E 89 -53.06 -31.44 19.06
C THR E 89 -51.95 -30.86 18.19
N LEU E 90 -51.36 -29.75 18.63
CA LEU E 90 -50.24 -29.19 17.89
C LEU E 90 -48.94 -29.80 18.39
N ILE E 91 -48.05 -30.11 17.46
CA ILE E 91 -46.78 -30.76 17.77
C ILE E 91 -45.68 -29.96 17.10
N GLU E 92 -44.59 -29.69 17.83
CA GLU E 92 -43.51 -28.88 17.25
C GLU E 92 -42.14 -29.18 17.83
N PRO E 93 -41.14 -29.39 16.97
CA PRO E 93 -39.76 -29.61 17.40
C PRO E 93 -39.11 -28.26 17.65
N THR E 94 -38.27 -28.16 18.67
CA THR E 94 -37.69 -26.86 19.01
C THR E 94 -36.38 -26.96 19.77
N SER E 95 -35.58 -25.88 19.77
CA SER E 95 -34.42 -25.80 20.65
C SER E 95 -34.78 -25.01 21.90
N GLY E 96 -36.03 -24.57 21.97
CA GLY E 96 -36.57 -23.94 23.17
C GLY E 96 -37.46 -22.74 22.94
N ASN E 97 -36.97 -21.74 22.22
CA ASN E 97 -37.74 -20.50 22.13
C ASN E 97 -39.03 -20.64 21.33
N MET E 98 -38.97 -21.32 20.20
CA MET E 98 -40.18 -21.54 19.39
C MET E 98 -41.18 -22.35 20.21
N GLY E 99 -40.68 -23.32 20.97
CA GLY E 99 -41.54 -24.11 21.85
C GLY E 99 -42.28 -23.25 22.87
N ILE E 100 -41.54 -22.31 23.45
CA ILE E 100 -42.14 -21.40 24.42
C ILE E 100 -43.16 -20.50 23.76
N SER E 101 -42.83 -19.97 22.59
CA SER E 101 -43.75 -19.08 21.89
C SER E 101 -45.00 -19.82 21.42
N MET E 102 -44.82 -21.07 21.00
CA MET E 102 -45.97 -21.90 20.65
C MET E 102 -46.79 -22.27 21.88
N ALA E 103 -46.13 -22.53 23.01
CA ALA E 103 -46.88 -22.85 24.22
C ALA E 103 -47.73 -21.63 24.62
N PHE E 104 -47.14 -20.46 24.43
CA PHE E 104 -47.77 -19.19 24.75
C PHE E 104 -49.00 -18.95 23.87
N MET E 105 -48.83 -19.15 22.57
CA MET E 105 -49.95 -19.02 21.63
C MET E 105 -51.03 -20.06 21.93
N ALA E 106 -50.61 -21.29 22.20
CA ALA E 106 -51.57 -22.36 22.45
C ALA E 106 -52.38 -22.17 23.74
N ALA E 107 -51.75 -21.62 24.77
CA ALA E 107 -52.43 -21.27 26.01
C ALA E 107 -53.53 -20.25 25.76
N MET E 108 -53.22 -19.26 24.94
CA MET E 108 -54.19 -18.20 24.69
C MET E 108 -55.34 -18.65 23.78
N LYS E 109 -55.02 -19.47 22.77
CA LYS E 109 -56.02 -19.88 21.79
C LYS E 109 -56.74 -21.16 22.14
N GLY E 110 -56.22 -21.90 23.12
CA GLY E 110 -56.87 -23.11 23.59
C GLY E 110 -56.51 -24.37 22.84
N TYR E 111 -55.24 -24.51 22.45
CA TYR E 111 -54.73 -25.75 21.82
C TYR E 111 -53.93 -26.58 22.80
N LYS E 112 -54.06 -27.90 22.70
CA LYS E 112 -53.12 -28.78 23.34
C LYS E 112 -51.80 -28.68 22.57
N MET E 113 -50.69 -28.48 23.27
CA MET E 113 -49.40 -28.26 22.63
C MET E 113 -48.40 -29.29 23.15
N VAL E 114 -47.74 -29.99 22.23
CA VAL E 114 -46.69 -30.95 22.56
C VAL E 114 -45.41 -30.51 21.85
N LEU E 115 -44.31 -30.41 22.61
CA LEU E 115 -43.05 -30.00 22.03
C LEU E 115 -42.02 -31.10 22.22
N THR E 116 -41.14 -31.24 21.24
CA THR E 116 -39.96 -32.07 21.40
C THR E 116 -38.74 -31.15 21.38
N MET E 117 -37.78 -31.44 22.24
CA MET E 117 -36.58 -30.61 22.41
C MET E 117 -35.45 -31.50 22.90
N PRO E 118 -34.21 -31.27 22.42
CA PRO E 118 -33.10 -32.08 22.93
C PRO E 118 -32.88 -31.82 24.41
N SER E 119 -32.36 -32.79 25.14
CA SER E 119 -32.17 -32.64 26.58
C SER E 119 -30.99 -31.74 26.96
N TYR E 120 -30.21 -31.28 25.98
CA TYR E 120 -29.03 -30.49 26.31
C TYR E 120 -29.29 -29.00 26.44
N THR E 121 -30.48 -28.55 26.05
CA THR E 121 -30.79 -27.14 26.15
C THR E 121 -31.18 -26.77 27.59
N SER E 122 -31.19 -25.46 27.87
CA SER E 122 -31.29 -24.98 29.24
C SER E 122 -32.56 -25.41 29.96
N LEU E 123 -32.41 -25.64 31.26
CA LEU E 123 -33.52 -25.98 32.14
C LEU E 123 -34.64 -24.95 32.05
N GLU E 124 -34.26 -23.68 31.97
CA GLU E 124 -35.26 -22.61 31.95
C GLU E 124 -36.25 -22.80 30.82
N ARG E 125 -35.77 -23.31 29.69
CA ARG E 125 -36.63 -23.53 28.54
C ARG E 125 -37.72 -24.55 28.89
N ARG E 126 -37.33 -25.61 29.61
CA ARG E 126 -38.29 -26.63 30.02
C ARG E 126 -39.38 -26.09 30.95
N VAL E 127 -38.97 -25.32 31.95
CA VAL E 127 -39.90 -24.81 32.94
C VAL E 127 -40.91 -23.83 32.34
N THR E 128 -40.43 -22.95 31.47
CA THR E 128 -41.30 -21.94 30.89
C THR E 128 -42.36 -22.55 29.95
N MET E 129 -41.98 -23.52 29.12
CA MET E 129 -42.99 -24.23 28.33
C MET E 129 -44.03 -24.88 29.20
N ARG E 130 -43.59 -25.48 30.30
CA ARG E 130 -44.54 -26.17 31.15
C ARG E 130 -45.41 -25.20 31.94
N ALA E 131 -44.88 -24.01 32.23
CA ALA E 131 -45.64 -22.98 32.91
C ALA E 131 -46.79 -22.47 32.04
N PHE E 132 -46.62 -22.54 30.72
CA PHE E 132 -47.71 -22.20 29.82
C PHE E 132 -48.62 -23.41 29.59
N GLY E 133 -48.28 -24.53 30.22
CA GLY E 133 -49.17 -25.69 30.19
C GLY E 133 -48.93 -26.67 29.07
N ALA E 134 -47.82 -26.51 28.36
CA ALA E 134 -47.52 -27.43 27.26
C ALA E 134 -46.93 -28.72 27.77
N GLU E 135 -47.10 -29.78 26.99
CA GLU E 135 -46.41 -31.03 27.24
C GLU E 135 -45.05 -31.04 26.53
N LEU E 136 -44.02 -31.46 27.24
CA LEU E 136 -42.67 -31.45 26.71
C LEU E 136 -42.08 -32.85 26.68
N ILE E 137 -41.55 -33.25 25.53
CA ILE E 137 -40.84 -34.51 25.44
C ILE E 137 -39.39 -34.22 25.09
N LEU E 138 -38.46 -34.62 25.95
CA LEU E 138 -37.05 -34.43 25.69
C LEU E 138 -36.53 -35.56 24.83
N THR E 139 -35.62 -35.25 23.91
CA THR E 139 -35.04 -36.26 23.03
C THR E 139 -33.53 -36.47 23.22
N ASP E 140 -33.08 -37.67 22.88
CA ASP E 140 -31.69 -38.11 22.99
C ASP E 140 -30.69 -37.04 22.54
N PRO E 141 -29.88 -36.54 23.47
CA PRO E 141 -29.01 -35.41 23.15
C PRO E 141 -28.00 -35.73 22.04
N ALA E 142 -27.61 -37.01 21.92
CA ALA E 142 -26.65 -37.40 20.89
C ALA E 142 -27.20 -37.18 19.47
N LYS E 143 -28.52 -37.12 19.34
CA LYS E 143 -29.17 -36.99 18.03
C LYS E 143 -29.49 -35.55 17.65
N GLY E 144 -29.31 -34.63 18.60
CA GLY E 144 -29.44 -33.21 18.32
C GLY E 144 -30.82 -32.80 17.83
N MET E 145 -30.87 -31.69 17.09
CA MET E 145 -32.15 -31.18 16.57
C MET E 145 -32.74 -32.10 15.51
N GLY E 146 -31.88 -32.80 14.77
CA GLY E 146 -32.34 -33.80 13.82
C GLY E 146 -33.20 -34.85 14.51
N GLY E 147 -32.76 -35.29 15.67
CA GLY E 147 -33.51 -36.27 16.44
C GLY E 147 -34.81 -35.70 16.93
N THR E 148 -34.79 -34.44 17.36
CA THR E 148 -36.00 -33.83 17.85
C THR E 148 -37.04 -33.72 16.75
N VAL E 149 -36.60 -33.42 15.54
CA VAL E 149 -37.55 -33.33 14.43
C VAL E 149 -38.10 -34.71 14.09
N LYS E 150 -37.23 -35.72 14.07
CA LYS E 150 -37.67 -37.09 13.80
C LYS E 150 -38.75 -37.49 14.79
N LYS E 151 -38.53 -37.17 16.06
CA LYS E 151 -39.46 -37.57 17.12
C LYS E 151 -40.79 -36.84 16.94
N ALA E 152 -40.74 -35.59 16.51
CA ALA E 152 -41.96 -34.84 16.29
C ALA E 152 -42.79 -35.52 15.20
N TYR E 153 -42.12 -35.98 14.14
CA TYR E 153 -42.83 -36.63 13.03
C TYR E 153 -43.44 -37.94 13.49
N GLU E 154 -42.71 -38.66 14.33
CA GLU E 154 -43.20 -39.91 14.88
C GLU E 154 -44.47 -39.67 15.68
N LEU E 155 -44.45 -38.64 16.53
CA LEU E 155 -45.62 -38.32 17.32
C LEU E 155 -46.81 -37.91 16.44
N LEU E 156 -46.54 -37.13 15.40
CA LEU E 156 -47.59 -36.67 14.51
C LEU E 156 -48.27 -37.86 13.82
N GLU E 157 -47.44 -38.79 13.35
CA GLU E 157 -47.96 -39.95 12.61
C GLU E 157 -48.78 -40.89 13.48
N ASN E 158 -48.54 -40.84 14.78
CA ASN E 158 -49.20 -41.73 15.73
C ASN E 158 -50.37 -41.11 16.47
N THR E 159 -50.62 -39.81 16.25
CA THR E 159 -51.64 -39.09 17.00
C THR E 159 -52.83 -38.67 16.14
N PRO E 160 -54.05 -39.09 16.53
CA PRO E 160 -55.24 -38.64 15.76
C PRO E 160 -55.42 -37.12 15.89
N ASN E 161 -55.96 -36.47 14.86
CA ASN E 161 -56.25 -35.05 14.90
C ASN E 161 -55.07 -34.21 15.41
N ALA E 162 -53.91 -34.44 14.81
CA ALA E 162 -52.71 -33.70 15.17
C ALA E 162 -52.22 -32.91 13.97
N HIS E 163 -51.43 -31.88 14.24
CA HIS E 163 -50.88 -31.05 13.18
C HIS E 163 -49.53 -30.53 13.64
N MET E 164 -48.56 -30.49 12.74
CA MET E 164 -47.28 -29.89 13.06
C MET E 164 -47.10 -28.68 12.18
N LEU E 165 -46.90 -27.53 12.80
CA LEU E 165 -46.67 -26.28 12.09
C LEU E 165 -45.40 -26.38 11.25
N GLN E 166 -44.39 -27.08 11.76
CA GLN E 166 -43.15 -27.29 11.02
C GLN E 166 -42.31 -26.08 10.62
N GLN E 167 -41.89 -25.32 11.61
CA GLN E 167 -41.13 -24.10 11.42
C GLN E 167 -40.01 -24.20 10.38
N PHE E 168 -39.41 -25.38 10.26
CA PHE E 168 -38.28 -25.56 9.34
C PHE E 168 -38.71 -25.60 7.88
N SER E 169 -40.00 -25.81 7.65
CA SER E 169 -40.52 -25.89 6.28
CA SER E 169 -40.54 -25.90 6.28
C SER E 169 -41.69 -24.95 6.00
N ASN E 170 -42.15 -24.24 7.02
CA ASN E 170 -43.35 -23.40 6.88
C ASN E 170 -43.07 -21.99 6.37
N PRO E 171 -43.50 -21.67 5.14
CA PRO E 171 -43.19 -20.36 4.59
C PRO E 171 -43.77 -19.17 5.34
N ALA E 172 -44.73 -19.41 6.23
CA ALA E 172 -45.29 -18.34 7.04
C ALA E 172 -44.24 -17.81 8.03
N ASN E 173 -43.28 -18.65 8.35
CA ASN E 173 -42.14 -18.27 9.20
C ASN E 173 -41.36 -17.15 8.50
N THR E 174 -40.80 -17.47 7.34
CA THR E 174 -40.11 -16.46 6.53
C THR E 174 -40.97 -15.21 6.33
N GLN E 175 -42.24 -15.43 6.01
CA GLN E 175 -43.15 -14.34 5.67
C GLN E 175 -43.33 -13.33 6.79
N VAL E 176 -43.38 -13.76 8.05
CA VAL E 176 -43.59 -12.79 9.11
C VAL E 176 -42.40 -11.84 9.22
N HIS E 177 -41.20 -12.33 8.93
CA HIS E 177 -40.01 -11.48 8.99
C HIS E 177 -39.91 -10.58 7.77
N PHE E 178 -40.49 -11.02 6.65
CA PHE E 178 -40.56 -10.18 5.45
C PHE E 178 -41.53 -9.02 5.68
N GLU E 179 -42.61 -9.32 6.40
CA GLU E 179 -43.65 -8.35 6.70
C GLU E 179 -43.45 -7.45 7.93
N THR E 180 -42.72 -7.94 8.93
CA THR E 180 -42.54 -7.14 10.16
C THR E 180 -41.13 -6.80 10.67
N THR E 181 -40.24 -7.77 10.67
CA THR E 181 -38.90 -7.57 11.21
C THR E 181 -38.07 -6.77 10.22
N GLY E 182 -38.21 -7.12 8.95
CA GLY E 182 -37.48 -6.43 7.88
C GLY E 182 -37.91 -4.97 7.76
N PRO E 183 -39.21 -4.72 7.55
CA PRO E 183 -39.75 -3.36 7.54
C PRO E 183 -39.32 -2.52 8.75
N GLU E 184 -39.38 -3.07 9.96
CA GLU E 184 -38.95 -2.32 11.14
C GLU E 184 -37.50 -1.87 11.05
N ILE E 185 -36.64 -2.75 10.57
CA ILE E 185 -35.23 -2.41 10.41
C ILE E 185 -35.05 -1.32 9.35
N TRP E 186 -35.73 -1.47 8.21
CA TRP E 186 -35.63 -0.47 7.15
C TRP E 186 -36.11 0.91 7.65
N GLU E 187 -37.25 0.91 8.34
CA GLU E 187 -37.80 2.16 8.87
C GLU E 187 -36.94 2.76 9.98
N ASP E 188 -36.54 1.94 10.96
CA ASP E 188 -35.76 2.48 12.07
C ASP E 188 -34.38 3.01 11.67
N THR E 189 -33.80 2.47 10.60
CA THR E 189 -32.51 2.97 10.11
C THR E 189 -32.71 4.04 9.04
N ASN E 190 -33.97 4.38 8.77
CA ASN E 190 -34.30 5.35 7.73
C ASN E 190 -33.61 5.00 6.41
N GLY E 191 -33.69 3.73 6.05
CA GLY E 191 -33.10 3.23 4.82
C GLY E 191 -31.58 3.26 4.75
N GLN E 192 -30.90 3.41 5.89
CA GLN E 192 -29.45 3.55 5.89
CA GLN E 192 -29.45 3.55 5.89
C GLN E 192 -28.68 2.24 6.15
N VAL E 193 -29.41 1.19 6.52
CA VAL E 193 -28.75 -0.09 6.80
C VAL E 193 -27.96 -0.59 5.59
N ASP E 194 -26.69 -0.96 5.80
CA ASP E 194 -25.82 -1.42 4.72
C ASP E 194 -25.66 -2.94 4.73
N ILE E 195 -25.65 -3.50 5.94
CA ILE E 195 -25.37 -4.92 6.11
C ILE E 195 -26.27 -5.44 7.22
N PHE E 196 -26.78 -6.65 7.06
CA PHE E 196 -27.58 -7.28 8.09
C PHE E 196 -27.01 -8.66 8.33
N VAL E 197 -26.81 -9.02 9.59
CA VAL E 197 -26.24 -10.32 9.91
C VAL E 197 -27.14 -11.02 10.94
N MET E 198 -27.39 -12.31 10.76
CA MET E 198 -28.30 -13.01 11.65
C MET E 198 -27.99 -14.49 11.62
N GLY E 199 -27.82 -15.08 12.81
CA GLY E 199 -27.62 -16.51 12.93
C GLY E 199 -28.82 -17.28 12.43
N ILE E 200 -28.59 -18.51 12.00
CA ILE E 200 -29.62 -19.31 11.36
C ILE E 200 -30.04 -20.46 12.27
N GLY E 201 -31.32 -20.46 12.66
CA GLY E 201 -31.92 -21.62 13.30
C GLY E 201 -32.80 -22.30 12.26
N SER E 202 -34.01 -21.78 12.08
CA SER E 202 -34.88 -22.21 11.01
C SER E 202 -34.51 -21.49 9.72
N GLY E 203 -33.84 -20.35 9.85
CA GLY E 203 -33.51 -19.55 8.68
C GLY E 203 -34.59 -18.55 8.30
N GLY E 204 -35.69 -18.52 9.07
CA GLY E 204 -36.79 -17.63 8.78
C GLY E 204 -36.40 -16.16 8.84
N THR E 205 -35.70 -15.79 9.90
CA THR E 205 -35.35 -14.37 10.13
C THR E 205 -34.41 -13.83 9.04
N VAL E 206 -33.30 -14.53 8.79
CA VAL E 206 -32.33 -14.03 7.83
C VAL E 206 -32.96 -14.05 6.44
N SER E 207 -33.76 -15.07 6.14
CA SER E 207 -34.42 -15.14 4.84
C SER E 207 -35.45 -14.04 4.62
N GLY E 208 -36.33 -13.82 5.59
CA GLY E 208 -37.41 -12.87 5.43
C GLY E 208 -36.89 -11.44 5.50
N VAL E 209 -36.00 -11.19 6.46
CA VAL E 209 -35.40 -9.86 6.59
C VAL E 209 -34.58 -9.55 5.34
N GLY E 210 -33.81 -10.52 4.88
CA GLY E 210 -32.93 -10.31 3.75
C GLY E 210 -33.70 -10.00 2.49
N GLN E 211 -34.73 -10.79 2.23
CA GLN E 211 -35.59 -10.58 1.07
C GLN E 211 -36.20 -9.19 1.12
N TYR E 212 -36.71 -8.79 2.28
CA TYR E 212 -37.30 -7.47 2.39
C TYR E 212 -36.27 -6.35 2.15
N LEU E 213 -35.15 -6.39 2.88
CA LEU E 213 -34.15 -5.34 2.70
C LEU E 213 -33.65 -5.28 1.25
N LYS E 214 -33.37 -6.43 0.64
CA LYS E 214 -32.91 -6.43 -0.76
C LYS E 214 -33.97 -5.87 -1.71
N SER E 215 -35.24 -5.99 -1.34
CA SER E 215 -36.32 -5.46 -2.15
C SER E 215 -36.36 -3.93 -2.09
N LYS E 216 -35.84 -3.36 -1.01
CA LYS E 216 -35.79 -1.90 -0.84
C LYS E 216 -34.48 -1.31 -1.36
N ASN E 217 -33.41 -2.09 -1.23
CA ASN E 217 -32.09 -1.69 -1.72
C ASN E 217 -31.25 -2.91 -2.06
N PRO E 218 -31.14 -3.21 -3.36
CA PRO E 218 -30.43 -4.42 -3.82
C PRO E 218 -28.97 -4.47 -3.35
N ASN E 219 -28.42 -3.33 -2.96
CA ASN E 219 -27.01 -3.26 -2.57
C ASN E 219 -26.75 -3.70 -1.14
N VAL E 220 -27.81 -3.84 -0.36
CA VAL E 220 -27.68 -4.30 1.03
C VAL E 220 -27.10 -5.71 1.03
N LYS E 221 -26.15 -5.97 1.91
CA LYS E 221 -25.53 -7.28 2.00
C LYS E 221 -26.08 -8.04 3.21
N ILE E 222 -26.43 -9.30 3.01
CA ILE E 222 -27.05 -10.12 4.05
C ILE E 222 -26.13 -11.29 4.39
N TYR E 223 -25.87 -11.50 5.67
CA TYR E 223 -25.00 -12.58 6.11
C TYR E 223 -25.72 -13.48 7.12
N GLY E 224 -25.62 -14.79 6.92
CA GLY E 224 -26.04 -15.73 7.95
C GLY E 224 -24.88 -16.05 8.88
N VAL E 225 -25.17 -16.71 10.00
CA VAL E 225 -24.12 -17.18 10.90
C VAL E 225 -24.45 -18.60 11.32
N GLU E 226 -23.43 -19.46 11.38
CA GLU E 226 -23.57 -20.78 11.96
C GLU E 226 -22.40 -21.11 12.90
N PRO E 227 -22.56 -22.14 13.74
CA PRO E 227 -21.48 -22.51 14.66
C PRO E 227 -20.31 -23.15 13.90
N SER E 228 -19.08 -22.78 14.24
CA SER E 228 -17.90 -23.40 13.64
CA SER E 228 -17.94 -23.39 13.60
C SER E 228 -17.91 -24.90 13.85
N GLU E 229 -18.43 -25.32 15.01
CA GLU E 229 -18.55 -26.72 15.39
C GLU E 229 -19.49 -27.52 14.48
N SER E 230 -20.57 -26.89 14.05
CA SER E 230 -21.51 -27.56 13.17
C SER E 230 -21.79 -26.65 11.97
N ASN E 231 -20.77 -26.46 11.14
CA ASN E 231 -20.88 -25.63 9.96
C ASN E 231 -21.33 -26.44 8.74
N VAL E 232 -22.58 -26.89 8.77
CA VAL E 232 -23.10 -27.68 7.66
C VAL E 232 -23.42 -26.85 6.43
N LEU E 233 -23.70 -25.57 6.61
CA LEU E 233 -24.03 -24.74 5.46
C LEU E 233 -22.76 -24.41 4.69
N ASN E 234 -21.62 -24.55 5.36
CA ASN E 234 -20.32 -24.35 4.72
C ASN E 234 -19.67 -25.68 4.34
N GLY E 235 -20.46 -26.74 4.34
CA GLY E 235 -20.01 -28.03 3.85
C GLY E 235 -19.33 -28.88 4.90
N GLY E 236 -19.41 -28.45 6.15
CA GLY E 236 -18.85 -29.24 7.24
C GLY E 236 -19.85 -30.21 7.82
N LYS E 237 -19.43 -31.00 8.80
CA LYS E 237 -20.30 -32.01 9.41
C LYS E 237 -21.04 -31.44 10.61
N PRO E 238 -22.24 -31.95 10.88
CA PRO E 238 -22.97 -31.58 12.10
C PRO E 238 -22.21 -32.01 13.34
N GLY E 239 -22.28 -31.21 14.39
CA GLY E 239 -21.61 -31.53 15.65
C GLY E 239 -22.23 -30.78 16.81
N PRO E 240 -21.93 -31.21 18.05
CA PRO E 240 -22.49 -30.55 19.23
C PRO E 240 -21.88 -29.17 19.40
N HIS E 241 -22.67 -28.23 19.88
CA HIS E 241 -22.23 -26.85 20.09
C HIS E 241 -23.18 -26.23 21.10
N HIS E 242 -22.83 -25.03 21.57
CA HIS E 242 -23.61 -24.41 22.64
C HIS E 242 -24.45 -23.23 22.20
N ILE E 243 -24.45 -22.90 20.91
CA ILE E 243 -25.21 -21.76 20.45
C ILE E 243 -26.65 -22.15 20.21
N THR E 244 -27.41 -22.23 21.30
CA THR E 244 -28.78 -22.71 21.23
C THR E 244 -29.61 -21.81 20.36
N GLY E 245 -30.38 -22.40 19.45
CA GLY E 245 -31.19 -21.61 18.54
C GLY E 245 -30.53 -21.43 17.19
N ASN E 246 -29.24 -21.77 17.09
CA ASN E 246 -28.57 -21.84 15.80
C ASN E 246 -28.07 -23.26 15.55
N GLY E 247 -27.49 -23.47 14.38
CA GLY E 247 -26.87 -24.74 14.02
C GLY E 247 -27.67 -25.98 14.33
N VAL E 248 -28.78 -26.18 13.61
CA VAL E 248 -29.63 -27.35 13.83
C VAL E 248 -29.06 -28.63 13.25
N GLY E 249 -28.00 -28.50 12.45
CA GLY E 249 -27.28 -29.65 11.93
C GLY E 249 -27.82 -30.19 10.62
N PHE E 250 -28.67 -29.39 9.99
CA PHE E 250 -29.23 -29.71 8.67
C PHE E 250 -29.63 -28.39 8.01
N LYS E 251 -29.87 -28.39 6.70
CA LYS E 251 -30.37 -27.19 6.03
C LYS E 251 -31.88 -27.13 6.11
N PRO E 252 -32.43 -26.08 6.75
CA PRO E 252 -33.88 -25.99 6.80
C PRO E 252 -34.47 -25.72 5.42
N ASP E 253 -35.61 -26.34 5.13
CA ASP E 253 -36.27 -26.11 3.85
C ASP E 253 -36.50 -24.63 3.53
N ILE E 254 -36.90 -23.83 4.52
CA ILE E 254 -37.21 -22.42 4.24
C ILE E 254 -35.99 -21.52 4.04
N LEU E 255 -34.79 -22.00 4.37
CA LEU E 255 -33.62 -21.13 4.30
C LEU E 255 -33.31 -20.72 2.85
N ASP E 256 -33.27 -19.41 2.61
CA ASP E 256 -33.03 -18.85 1.29
C ASP E 256 -31.53 -18.58 1.12
N LEU E 257 -30.80 -19.56 0.57
CA LEU E 257 -29.37 -19.41 0.38
C LEU E 257 -29.01 -18.26 -0.55
N ASP E 258 -29.87 -18.00 -1.53
CA ASP E 258 -29.60 -17.00 -2.56
C ASP E 258 -29.52 -15.57 -2.04
N VAL E 259 -30.15 -15.30 -0.90
CA VAL E 259 -30.22 -13.92 -0.42
C VAL E 259 -28.95 -13.52 0.34
N MET E 260 -28.16 -14.51 0.76
CA MET E 260 -26.97 -14.26 1.57
C MET E 260 -25.69 -14.17 0.75
N GLU E 261 -24.82 -13.23 1.12
CA GLU E 261 -23.48 -13.17 0.57
C GLU E 261 -22.74 -14.45 0.95
N LYS E 262 -22.90 -14.86 2.20
CA LYS E 262 -22.31 -16.10 2.70
C LYS E 262 -22.76 -16.37 4.13
N VAL E 263 -22.40 -17.53 4.64
CA VAL E 263 -22.71 -17.88 6.03
C VAL E 263 -21.43 -17.83 6.84
N LEU E 264 -21.36 -16.87 7.76
CA LEU E 264 -20.18 -16.73 8.62
C LEU E 264 -20.18 -17.79 9.71
N GLU E 265 -19.02 -18.03 10.31
CA GLU E 265 -18.91 -19.03 11.37
C GLU E 265 -18.43 -18.39 12.66
N VAL E 266 -19.07 -18.79 13.77
CA VAL E 266 -18.66 -18.34 15.10
C VAL E 266 -18.57 -19.55 16.02
N SER E 267 -17.55 -19.58 16.87
CA SER E 267 -17.38 -20.70 17.80
C SER E 267 -18.28 -20.54 19.01
N SER E 268 -18.65 -21.65 19.64
CA SER E 268 -19.42 -21.61 20.88
C SER E 268 -18.68 -20.76 21.91
N GLU E 269 -17.36 -20.98 22.02
CA GLU E 269 -16.56 -20.22 22.96
C GLU E 269 -16.70 -18.72 22.78
N ASP E 270 -16.52 -18.26 21.54
CA ASP E 270 -16.61 -16.84 21.24
C ASP E 270 -18.02 -16.27 21.46
N ALA E 271 -19.05 -17.02 21.08
CA ALA E 271 -20.43 -16.55 21.29
C ALA E 271 -20.70 -16.45 22.79
N VAL E 272 -20.31 -17.47 23.53
CA VAL E 272 -20.53 -17.44 24.99
C VAL E 272 -19.78 -16.28 25.64
N ASN E 273 -18.52 -16.08 25.26
CA ASN E 273 -17.73 -14.98 25.82
C ASN E 273 -18.36 -13.62 25.54
N MET E 274 -18.83 -13.43 24.31
CA MET E 274 -19.36 -12.15 23.89
C MET E 274 -20.67 -11.85 24.63
N ALA E 275 -21.50 -12.88 24.79
CA ALA E 275 -22.74 -12.69 25.55
C ALA E 275 -22.45 -12.20 26.98
N ARG E 276 -21.42 -12.75 27.62
CA ARG E 276 -21.04 -12.28 28.95
C ARG E 276 -20.60 -10.82 28.93
N VAL E 277 -19.78 -10.47 27.96
CA VAL E 277 -19.30 -9.10 27.83
CA VAL E 277 -19.30 -9.10 27.83
C VAL E 277 -20.43 -8.14 27.55
N LEU E 278 -21.40 -8.56 26.75
CA LEU E 278 -22.54 -7.69 26.45
C LEU E 278 -23.26 -7.30 27.73
N ALA E 279 -23.44 -8.26 28.64
CA ALA E 279 -24.08 -7.95 29.89
C ALA E 279 -23.22 -7.00 30.73
N LEU E 280 -21.93 -7.33 30.87
CA LEU E 280 -21.04 -6.56 31.75
C LEU E 280 -20.73 -5.14 31.27
N LYS E 281 -20.58 -4.97 29.96
CA LYS E 281 -20.18 -3.68 29.40
C LYS E 281 -21.29 -2.89 28.70
N GLU E 282 -22.25 -3.58 28.09
CA GLU E 282 -23.32 -2.86 27.38
C GLU E 282 -24.63 -2.82 28.17
N GLY E 283 -24.71 -3.60 29.23
CA GLY E 283 -25.94 -3.69 30.00
C GLY E 283 -27.03 -4.45 29.26
N LEU E 284 -26.62 -5.34 28.38
CA LEU E 284 -27.56 -6.16 27.61
C LEU E 284 -27.43 -7.63 28.02
N MET E 285 -28.39 -8.08 28.81
CA MET E 285 -28.44 -9.44 29.33
C MET E 285 -29.10 -10.32 28.27
N VAL E 286 -28.29 -10.90 27.39
CA VAL E 286 -28.83 -11.61 26.23
C VAL E 286 -28.31 -13.04 26.09
N GLY E 287 -28.95 -13.78 25.19
CA GLY E 287 -28.65 -15.20 25.03
C GLY E 287 -27.38 -15.51 24.27
N ILE E 288 -27.09 -16.80 24.12
CA ILE E 288 -25.86 -17.20 23.45
C ILE E 288 -25.84 -16.84 21.96
N SER E 289 -26.96 -17.01 21.26
CA SER E 289 -27.03 -16.62 19.86
C SER E 289 -26.88 -15.11 19.66
N SER E 290 -27.26 -14.34 20.67
CA SER E 290 -27.03 -12.90 20.64
C SER E 290 -25.54 -12.61 20.66
N GLY E 291 -24.81 -13.37 21.47
CA GLY E 291 -23.37 -13.27 21.47
C GLY E 291 -22.80 -13.66 20.12
N ALA E 292 -23.30 -14.75 19.54
CA ALA E 292 -22.83 -15.18 18.22
C ALA E 292 -23.03 -14.09 17.17
N ASN E 293 -24.23 -13.51 17.16
CA ASN E 293 -24.55 -12.48 16.18
C ASN E 293 -23.61 -11.29 16.32
N THR E 294 -23.32 -10.94 17.56
CA THR E 294 -22.48 -9.78 17.84
C THR E 294 -21.03 -10.04 17.42
N VAL E 295 -20.54 -11.25 17.69
CA VAL E 295 -19.20 -11.62 17.23
C VAL E 295 -19.09 -11.42 15.72
N ALA E 296 -20.06 -11.94 14.98
CA ALA E 296 -20.07 -11.82 13.51
C ALA E 296 -20.15 -10.37 13.05
N ALA E 297 -21.04 -9.60 13.66
CA ALA E 297 -21.23 -8.20 13.30
C ALA E 297 -19.94 -7.41 13.53
N LEU E 298 -19.28 -7.65 14.67
CA LEU E 298 -18.04 -6.96 14.96
C LEU E 298 -16.95 -7.27 13.94
N ARG E 299 -16.85 -8.54 13.54
CA ARG E 299 -15.84 -8.92 12.57
C ARG E 299 -16.12 -8.24 11.24
N LEU E 300 -17.40 -8.15 10.85
CA LEU E 300 -17.76 -7.42 9.64
C LEU E 300 -17.43 -5.95 9.77
N ALA E 301 -17.64 -5.42 10.97
CA ALA E 301 -17.42 -4.01 11.23
C ALA E 301 -15.94 -3.67 11.18
N GLN E 302 -15.10 -4.68 11.31
CA GLN E 302 -13.65 -4.46 11.34
C GLN E 302 -13.00 -4.56 9.95
N LEU E 303 -13.72 -5.10 8.98
CA LEU E 303 -13.19 -5.19 7.63
C LEU E 303 -12.96 -3.78 7.09
N PRO E 304 -11.77 -3.53 6.52
CA PRO E 304 -11.46 -2.21 5.95
C PRO E 304 -12.55 -1.73 4.99
N GLU E 305 -13.06 -2.61 4.13
CA GLU E 305 -14.04 -2.21 3.13
C GLU E 305 -15.35 -1.69 3.75
N ASN E 306 -15.58 -2.01 5.02
CA ASN E 306 -16.84 -1.64 5.66
C ASN E 306 -16.77 -0.37 6.49
N LYS E 307 -15.66 0.35 6.38
CA LYS E 307 -15.50 1.57 7.18
C LYS E 307 -16.67 2.51 6.95
N GLY E 308 -17.24 3.01 8.04
CA GLY E 308 -18.33 3.97 7.95
C GLY E 308 -19.72 3.42 7.66
N LYS E 309 -19.83 2.12 7.40
CA LYS E 309 -21.13 1.53 7.11
C LYS E 309 -21.97 1.26 8.36
N LEU E 310 -23.27 1.04 8.14
CA LEU E 310 -24.19 0.68 9.21
C LEU E 310 -24.48 -0.82 9.15
N ILE E 311 -24.10 -1.54 10.21
CA ILE E 311 -24.37 -2.98 10.30
C ILE E 311 -25.49 -3.19 11.33
N VAL E 312 -26.51 -3.95 10.96
CA VAL E 312 -27.58 -4.25 11.89
C VAL E 312 -27.59 -5.73 12.19
N THR E 313 -27.73 -6.09 13.47
CA THR E 313 -27.94 -7.50 13.81
C THR E 313 -29.04 -7.60 14.84
N VAL E 314 -29.20 -8.79 15.40
CA VAL E 314 -30.34 -9.05 16.30
C VAL E 314 -29.83 -9.71 17.57
N HIS E 315 -30.46 -9.41 18.69
CA HIS E 315 -30.25 -10.14 19.92
C HIS E 315 -31.55 -10.90 20.20
N PRO E 316 -31.62 -12.16 19.75
CA PRO E 316 -32.89 -12.88 19.66
C PRO E 316 -33.51 -13.30 20.97
N SER E 317 -32.75 -13.35 22.07
CA SER E 317 -33.33 -13.85 23.31
C SER E 317 -32.71 -13.20 24.55
N PHE E 318 -33.46 -13.21 25.65
CA PHE E 318 -33.06 -12.57 26.90
C PHE E 318 -32.24 -13.55 27.73
N GLY E 319 -31.22 -13.06 28.44
CA GLY E 319 -30.25 -13.92 29.08
C GLY E 319 -30.71 -14.73 30.28
N GLU E 320 -31.83 -14.35 30.87
CA GLU E 320 -32.33 -15.09 32.04
C GLU E 320 -32.79 -16.50 31.70
N ARG E 321 -33.04 -16.73 30.42
CA ARG E 321 -33.39 -18.06 29.96
C ARG E 321 -32.16 -18.97 29.88
N TYR E 322 -31.00 -18.45 30.28
CA TYR E 322 -29.72 -19.15 30.06
C TYR E 322 -28.91 -19.35 31.34
N LEU E 323 -29.52 -19.08 32.48
CA LEU E 323 -28.79 -19.14 33.76
C LEU E 323 -28.20 -20.51 34.01
N SER E 324 -28.87 -21.55 33.57
CA SER E 324 -28.41 -22.91 33.81
C SER E 324 -27.52 -23.47 32.70
N SER E 325 -27.44 -22.75 31.59
CA SER E 325 -26.58 -23.13 30.46
C SER E 325 -25.12 -22.79 30.75
N VAL E 326 -24.24 -23.11 29.83
CA VAL E 326 -22.82 -22.81 30.00
C VAL E 326 -22.60 -21.29 30.12
N LEU E 327 -23.58 -20.50 29.68
CA LEU E 327 -23.41 -19.05 29.74
C LEU E 327 -23.18 -18.55 31.16
N PHE E 328 -24.01 -19.01 32.09
CA PHE E 328 -23.96 -18.48 33.44
C PHE E 328 -23.96 -19.58 34.51
N GLN E 329 -23.80 -20.83 34.12
CA GLN E 329 -23.95 -21.89 35.12
C GLN E 329 -22.93 -21.82 36.25
N GLU E 330 -21.70 -21.38 35.95
CA GLU E 330 -20.69 -21.26 36.99
C GLU E 330 -21.08 -20.17 37.98
N LEU E 331 -21.55 -19.05 37.45
CA LEU E 331 -22.08 -17.97 38.27
C LEU E 331 -23.29 -18.47 39.08
N ARG E 332 -24.13 -19.30 38.47
CA ARG E 332 -25.32 -19.80 39.15
C ARG E 332 -24.94 -20.70 40.33
N GLN E 333 -23.90 -21.50 40.15
CA GLN E 333 -23.46 -22.36 41.25
C GLN E 333 -22.88 -21.53 42.39
N GLU E 334 -22.14 -20.47 42.05
CA GLU E 334 -21.61 -19.57 43.09
C GLU E 334 -22.76 -18.93 43.84
N ALA E 335 -23.75 -18.44 43.11
CA ALA E 335 -24.91 -17.82 43.73
C ALA E 335 -25.68 -18.78 44.66
N GLU E 336 -25.89 -20.01 44.20
CA GLU E 336 -26.53 -21.05 45.00
C GLU E 336 -25.80 -21.30 46.33
N ASN E 337 -24.49 -21.08 46.35
CA ASN E 337 -23.69 -21.40 47.52
C ASN E 337 -23.52 -20.23 48.50
N MET E 338 -23.93 -19.05 48.08
CA MET E 338 -23.89 -17.88 48.94
C MET E 338 -24.66 -18.11 50.23
N GLN E 339 -24.18 -17.52 51.32
CA GLN E 339 -24.81 -17.66 52.62
C GLN E 339 -25.15 -16.28 53.17
N PRO E 340 -26.23 -16.18 53.94
CA PRO E 340 -26.64 -14.89 54.53
C PRO E 340 -25.67 -14.48 55.63
N VAL E 341 -25.46 -13.18 55.79
CA VAL E 341 -24.62 -12.69 56.88
C VAL E 341 -25.47 -12.04 57.97
N ALA E 342 -24.97 -12.08 59.20
CA ALA E 342 -25.69 -11.49 60.32
C ALA E 342 -25.79 -9.98 60.14
N VAL E 343 -26.85 -9.39 60.69
CA VAL E 343 -27.07 -7.95 60.61
C VAL E 343 -26.88 -7.29 61.97
N SER F 22 -19.34 -15.40 -52.21
CA SER F 22 -19.00 -16.10 -53.44
C SER F 22 -19.54 -17.54 -53.42
N THR F 23 -19.39 -18.21 -52.28
CA THR F 23 -19.94 -19.56 -52.11
C THR F 23 -20.63 -19.69 -50.76
N ASN F 24 -21.34 -20.81 -50.58
CA ASN F 24 -21.99 -21.10 -49.31
C ASN F 24 -21.14 -22.02 -48.43
N ILE F 25 -19.87 -22.21 -48.79
CA ILE F 25 -19.01 -23.06 -47.98
C ILE F 25 -18.63 -22.38 -46.69
N LYS F 26 -18.92 -23.04 -45.56
CA LYS F 26 -18.53 -22.54 -44.25
C LYS F 26 -17.02 -22.41 -44.10
N LYS F 27 -16.60 -21.31 -43.50
CA LYS F 27 -15.18 -21.04 -43.33
C LYS F 27 -14.64 -21.73 -42.10
N HIS F 28 -15.51 -21.96 -41.11
CA HIS F 28 -15.10 -22.61 -39.87
C HIS F 28 -16.12 -23.68 -39.47
N VAL F 29 -15.66 -24.76 -38.85
CA VAL F 29 -16.57 -25.80 -38.42
C VAL F 29 -17.61 -25.29 -37.40
N SER F 30 -17.24 -24.30 -36.60
CA SER F 30 -18.18 -23.74 -35.63
C SER F 30 -19.37 -23.07 -36.31
N GLN F 31 -19.23 -22.72 -37.57
CA GLN F 31 -20.34 -22.15 -38.31
C GLN F 31 -21.40 -23.20 -38.66
N LEU F 32 -21.09 -24.46 -38.37
CA LEU F 32 -22.06 -25.54 -38.54
C LEU F 32 -23.08 -25.55 -37.41
N ILE F 33 -22.79 -24.80 -36.34
CA ILE F 33 -23.67 -24.76 -35.18
C ILE F 33 -24.89 -23.93 -35.48
N GLY F 34 -26.05 -24.41 -34.99
CA GLY F 34 -27.34 -23.75 -35.14
C GLY F 34 -28.28 -24.21 -36.25
N ARG F 35 -29.41 -23.52 -36.35
CA ARG F 35 -30.44 -23.77 -37.37
C ARG F 35 -31.11 -25.15 -37.45
N THR F 36 -31.45 -25.73 -36.31
CA THR F 36 -32.13 -27.03 -36.26
C THR F 36 -33.62 -26.98 -36.68
N PRO F 37 -34.14 -28.09 -37.22
CA PRO F 37 -35.53 -28.16 -37.68
C PRO F 37 -36.52 -28.59 -36.59
N LEU F 38 -37.82 -28.32 -36.81
CA LEU F 38 -38.89 -28.87 -35.98
C LEU F 38 -39.66 -29.90 -36.79
N VAL F 39 -40.14 -30.94 -36.13
CA VAL F 39 -40.96 -31.95 -36.79
C VAL F 39 -42.16 -32.33 -35.93
N TYR F 40 -43.32 -32.50 -36.55
CA TYR F 40 -44.51 -32.94 -35.83
C TYR F 40 -44.37 -34.40 -35.43
N LEU F 41 -44.94 -34.76 -34.28
CA LEU F 41 -45.09 -36.17 -33.93
C LEU F 41 -46.57 -36.56 -34.02
N ASN F 42 -46.84 -37.68 -34.67
CA ASN F 42 -48.20 -38.17 -34.85
C ASN F 42 -48.42 -39.60 -34.40
N LYS F 43 -47.35 -40.26 -33.97
CA LYS F 43 -47.47 -41.64 -33.51
C LYS F 43 -47.51 -41.77 -31.98
N VAL F 44 -46.47 -41.28 -31.30
CA VAL F 44 -46.51 -41.36 -29.84
C VAL F 44 -47.59 -40.42 -29.31
N THR F 45 -48.10 -39.55 -30.17
CA THR F 45 -49.07 -38.56 -29.75
C THR F 45 -50.51 -38.98 -30.10
N GLU F 46 -50.70 -40.22 -30.53
CA GLU F 46 -52.01 -40.67 -30.95
C GLU F 46 -53.08 -40.37 -29.91
N GLY F 47 -54.15 -39.70 -30.36
CA GLY F 47 -55.29 -39.42 -29.51
C GLY F 47 -55.14 -38.28 -28.51
N CYS F 48 -54.00 -37.61 -28.51
CA CYS F 48 -53.74 -36.62 -27.44
C CYS F 48 -54.47 -35.29 -27.63
N GLY F 49 -54.89 -35.00 -28.85
CA GLY F 49 -55.75 -33.84 -29.11
C GLY F 49 -55.06 -32.49 -29.25
N ALA F 50 -53.74 -32.48 -29.25
CA ALA F 50 -52.99 -31.24 -29.47
C ALA F 50 -51.87 -31.49 -30.45
N TYR F 51 -51.33 -30.43 -31.05
CA TYR F 51 -50.18 -30.57 -31.93
C TYR F 51 -48.92 -30.61 -31.07
N VAL F 52 -48.01 -31.53 -31.37
CA VAL F 52 -46.73 -31.58 -30.70
C VAL F 52 -45.61 -31.57 -31.73
N ALA F 53 -44.74 -30.58 -31.65
CA ALA F 53 -43.61 -30.48 -32.57
C ALA F 53 -42.32 -30.50 -31.77
N VAL F 54 -41.28 -31.11 -32.32
CA VAL F 54 -40.04 -31.28 -31.58
CA VAL F 54 -40.04 -31.26 -31.58
C VAL F 54 -38.83 -30.74 -32.34
N LYS F 55 -37.96 -30.05 -31.63
CA LYS F 55 -36.75 -29.47 -32.20
C LYS F 55 -35.61 -30.48 -32.16
N GLN F 56 -34.95 -30.69 -33.30
CA GLN F 56 -33.97 -31.78 -33.40
C GLN F 56 -32.52 -31.30 -33.26
N GLU F 57 -31.98 -31.38 -32.05
CA GLU F 57 -30.64 -30.89 -31.83
C GLU F 57 -29.55 -31.92 -32.20
N MET F 58 -29.95 -33.09 -32.68
CA MET F 58 -29.01 -34.09 -33.16
C MET F 58 -28.31 -33.53 -34.40
N MET F 59 -28.88 -32.47 -34.94
CA MET F 59 -28.38 -31.88 -36.18
C MET F 59 -27.22 -30.91 -35.96
N GLN F 60 -26.67 -30.87 -34.75
CA GLN F 60 -25.52 -30.02 -34.46
C GLN F 60 -24.23 -30.82 -34.71
N PRO F 61 -23.09 -30.13 -34.86
CA PRO F 61 -21.81 -30.81 -35.15
C PRO F 61 -21.35 -31.85 -34.14
N THR F 62 -21.74 -31.74 -32.88
CA THR F 62 -21.45 -32.80 -31.90
C THR F 62 -22.72 -33.47 -31.41
N ALA F 63 -23.81 -33.21 -32.14
CA ALA F 63 -25.05 -33.96 -31.95
C ALA F 63 -25.75 -33.73 -30.62
N SER F 64 -25.61 -32.53 -30.04
CA SER F 64 -26.45 -32.17 -28.92
C SER F 64 -26.65 -30.67 -28.85
N ILE F 65 -27.61 -30.25 -28.04
CA ILE F 65 -27.92 -28.83 -27.89
C ILE F 65 -26.74 -28.03 -27.30
N ALA F 66 -25.82 -28.71 -26.64
CA ALA F 66 -24.76 -28.04 -25.89
C ALA F 66 -23.77 -27.27 -26.78
N ASP F 67 -23.76 -27.55 -28.06
CA ASP F 67 -22.91 -26.81 -28.99
C ASP F 67 -23.20 -25.31 -28.95
N ARG F 68 -24.46 -24.95 -28.76
CA ARG F 68 -24.84 -23.53 -28.74
C ARG F 68 -24.17 -22.76 -27.57
N PRO F 69 -24.44 -23.18 -26.32
CA PRO F 69 -23.81 -22.45 -25.21
C PRO F 69 -22.28 -22.63 -25.13
N ALA F 70 -21.75 -23.77 -25.55
CA ALA F 70 -20.30 -23.95 -25.53
C ALA F 70 -19.69 -22.89 -26.43
N TYR F 71 -20.22 -22.75 -27.63
CA TYR F 71 -19.70 -21.75 -28.55
C TYR F 71 -19.84 -20.35 -27.98
N ALA F 72 -21.03 -20.05 -27.47
CA ALA F 72 -21.33 -18.71 -26.96
C ALA F 72 -20.47 -18.35 -25.75
N MET F 73 -20.27 -19.28 -24.83
CA MET F 73 -19.49 -19.00 -23.63
C MET F 73 -18.02 -18.78 -23.95
N ILE F 74 -17.42 -19.66 -24.75
CA ILE F 74 -16.01 -19.52 -25.07
C ILE F 74 -15.77 -18.25 -25.89
N THR F 75 -16.66 -17.97 -26.82
CA THR F 75 -16.54 -16.77 -27.66
C THR F 75 -16.66 -15.50 -26.81
N ASP F 76 -17.59 -15.53 -25.86
CA ASP F 76 -17.77 -14.42 -24.93
C ASP F 76 -16.52 -14.17 -24.08
N ALA F 77 -15.85 -15.24 -23.69
CA ALA F 77 -14.66 -15.12 -22.85
C ALA F 77 -13.48 -14.57 -23.66
N GLU F 78 -13.43 -14.93 -24.93
CA GLU F 78 -12.41 -14.39 -25.83
C GLU F 78 -12.64 -12.91 -26.09
N GLU F 79 -13.89 -12.53 -26.33
CA GLU F 79 -14.22 -11.14 -26.62
C GLU F 79 -13.91 -10.23 -25.44
N LYS F 80 -13.97 -10.78 -24.23
CA LYS F 80 -13.67 -10.03 -23.04
C LYS F 80 -12.21 -10.18 -22.66
N ASN F 81 -11.44 -10.79 -23.57
CA ASN F 81 -10.04 -11.06 -23.32
C ASN F 81 -9.79 -11.67 -21.95
N LEU F 82 -10.53 -12.73 -21.63
CA LEU F 82 -10.33 -13.42 -20.36
C LEU F 82 -9.52 -14.71 -20.57
N ILE F 83 -9.43 -15.16 -21.82
CA ILE F 83 -8.72 -16.39 -22.12
C ILE F 83 -7.92 -16.28 -23.41
N THR F 84 -6.88 -17.08 -23.53
CA THR F 84 -5.98 -16.99 -24.66
C THR F 84 -5.60 -18.37 -25.15
N PRO F 85 -5.84 -18.64 -26.44
CA PRO F 85 -5.52 -19.93 -27.05
C PRO F 85 -4.04 -20.28 -26.87
N GLY F 86 -3.76 -21.53 -26.52
CA GLY F 86 -2.38 -21.96 -26.35
C GLY F 86 -1.83 -21.62 -24.99
N LYS F 87 -2.53 -20.74 -24.26
CA LYS F 87 -2.09 -20.35 -22.93
C LYS F 87 -3.06 -20.79 -21.83
N THR F 88 -4.34 -20.57 -22.05
CA THR F 88 -5.32 -20.84 -21.01
C THR F 88 -5.79 -22.29 -21.00
N THR F 89 -5.89 -22.87 -19.81
CA THR F 89 -6.52 -24.18 -19.64
C THR F 89 -7.97 -23.97 -19.19
N LEU F 90 -8.92 -24.53 -19.95
CA LEU F 90 -10.33 -24.41 -19.62
C LEU F 90 -10.78 -25.63 -18.84
N ILE F 91 -11.55 -25.39 -17.78
CA ILE F 91 -12.02 -26.45 -16.91
C ILE F 91 -13.52 -26.31 -16.81
N GLU F 92 -14.24 -27.42 -16.97
CA GLU F 92 -15.70 -27.35 -16.97
C GLU F 92 -16.34 -28.60 -16.38
N PRO F 93 -17.30 -28.43 -15.48
CA PRO F 93 -18.08 -29.57 -14.97
C PRO F 93 -19.20 -29.92 -15.95
N THR F 94 -19.52 -31.20 -16.10
CA THR F 94 -20.53 -31.59 -17.08
C THR F 94 -21.17 -32.93 -16.78
N SER F 95 -22.36 -33.15 -17.34
CA SER F 95 -22.97 -34.46 -17.32
C SER F 95 -22.66 -35.19 -18.62
N GLY F 96 -21.93 -34.52 -19.52
CA GLY F 96 -21.47 -35.17 -20.73
C GLY F 96 -21.48 -34.30 -21.98
N ASN F 97 -22.66 -33.83 -22.37
CA ASN F 97 -22.80 -33.09 -23.63
C ASN F 97 -22.02 -31.76 -23.68
N MET F 98 -22.11 -30.98 -22.61
CA MET F 98 -21.39 -29.71 -22.54
C MET F 98 -19.88 -29.96 -22.62
N GLY F 99 -19.43 -30.97 -21.90
CA GLY F 99 -18.02 -31.37 -21.97
C GLY F 99 -17.60 -31.70 -23.39
N ILE F 100 -18.44 -32.47 -24.09
CA ILE F 100 -18.13 -32.82 -25.47
C ILE F 100 -18.08 -31.57 -26.34
N SER F 101 -19.06 -30.69 -26.15
CA SER F 101 -19.14 -29.47 -26.95
C SER F 101 -17.96 -28.56 -26.62
N MET F 102 -17.56 -28.53 -25.35
CA MET F 102 -16.38 -27.75 -24.95
C MET F 102 -15.09 -28.34 -25.53
N ALA F 103 -14.99 -29.66 -25.51
CA ALA F 103 -13.80 -30.32 -26.07
C ALA F 103 -13.70 -30.02 -27.56
N PHE F 104 -14.86 -30.03 -28.21
CA PHE F 104 -15.01 -29.70 -29.61
C PHE F 104 -14.55 -28.27 -29.89
N MET F 105 -15.10 -27.31 -29.18
CA MET F 105 -14.65 -25.92 -29.35
C MET F 105 -13.16 -25.76 -29.03
N ALA F 106 -12.71 -26.41 -27.96
CA ALA F 106 -11.31 -26.33 -27.54
C ALA F 106 -10.35 -26.91 -28.58
N ALA F 107 -10.76 -28.00 -29.23
CA ALA F 107 -9.95 -28.63 -30.26
C ALA F 107 -9.74 -27.68 -31.42
N MET F 108 -10.81 -26.99 -31.83
CA MET F 108 -10.73 -26.10 -32.98
C MET F 108 -9.97 -24.83 -32.67
N LYS F 109 -10.22 -24.27 -31.49
CA LYS F 109 -9.67 -22.96 -31.14
C LYS F 109 -8.29 -23.07 -30.48
N GLY F 110 -7.91 -24.29 -30.11
CA GLY F 110 -6.59 -24.54 -29.56
C GLY F 110 -6.43 -24.29 -28.07
N TYR F 111 -7.38 -24.77 -27.27
CA TYR F 111 -7.26 -24.69 -25.81
C TYR F 111 -7.09 -26.08 -25.23
N LYS F 112 -6.28 -26.18 -24.18
CA LYS F 112 -6.27 -27.39 -23.37
C LYS F 112 -7.58 -27.43 -22.59
N MET F 113 -8.26 -28.58 -22.62
CA MET F 113 -9.58 -28.69 -22.01
C MET F 113 -9.59 -29.80 -20.96
N VAL F 114 -10.12 -29.48 -19.79
CA VAL F 114 -10.22 -30.43 -18.71
C VAL F 114 -11.67 -30.47 -18.20
N LEU F 115 -12.24 -31.67 -18.16
CA LEU F 115 -13.63 -31.79 -17.76
C LEU F 115 -13.74 -32.65 -16.51
N THR F 116 -14.72 -32.33 -15.67
CA THR F 116 -15.10 -33.21 -14.57
C THR F 116 -16.51 -33.72 -14.87
N MET F 117 -16.77 -34.97 -14.53
CA MET F 117 -18.07 -35.59 -14.81
C MET F 117 -18.27 -36.74 -13.84
N PRO F 118 -19.52 -36.95 -13.40
CA PRO F 118 -19.76 -38.10 -12.51
C PRO F 118 -19.52 -39.41 -13.28
N SER F 119 -19.09 -40.46 -12.56
CA SER F 119 -18.76 -41.74 -13.20
C SER F 119 -19.97 -42.59 -13.59
N TYR F 120 -21.18 -42.10 -13.32
CA TYR F 120 -22.38 -42.85 -13.66
C TYR F 120 -22.95 -42.57 -15.05
N THR F 121 -22.43 -41.55 -15.73
CA THR F 121 -22.90 -41.21 -17.08
C THR F 121 -22.29 -42.15 -18.12
N SER F 122 -22.84 -42.14 -19.33
CA SER F 122 -22.54 -43.20 -20.30
C SER F 122 -21.08 -43.24 -20.72
N LEU F 123 -20.58 -44.44 -21.02
CA LEU F 123 -19.22 -44.62 -21.49
C LEU F 123 -18.97 -43.78 -22.75
N GLU F 124 -19.96 -43.72 -23.63
CA GLU F 124 -19.81 -42.96 -24.89
C GLU F 124 -19.42 -41.51 -24.63
N ARG F 125 -19.99 -40.92 -23.59
CA ARG F 125 -19.62 -39.55 -23.23
C ARG F 125 -18.12 -39.45 -22.95
N ARG F 126 -17.57 -40.39 -22.20
CA ARG F 126 -16.14 -40.33 -21.88
C ARG F 126 -15.30 -40.41 -23.14
N VAL F 127 -15.68 -41.30 -24.05
CA VAL F 127 -14.83 -41.57 -25.20
C VAL F 127 -14.81 -40.40 -26.16
N THR F 128 -15.99 -39.83 -26.40
CA THR F 128 -16.09 -38.72 -27.35
C THR F 128 -15.26 -37.53 -26.87
N MET F 129 -15.33 -37.22 -25.58
CA MET F 129 -14.51 -36.13 -25.04
C MET F 129 -13.05 -36.38 -25.31
N ARG F 130 -12.60 -37.61 -25.09
CA ARG F 130 -11.20 -37.97 -25.27
C ARG F 130 -10.80 -37.92 -26.74
N ALA F 131 -11.71 -38.30 -27.63
CA ALA F 131 -11.46 -38.25 -29.07
C ALA F 131 -11.19 -36.84 -29.55
N PHE F 132 -11.78 -35.85 -28.88
CA PHE F 132 -11.50 -34.45 -29.17
C PHE F 132 -10.26 -33.94 -28.40
N GLY F 133 -9.63 -34.82 -27.62
CA GLY F 133 -8.36 -34.48 -27.00
C GLY F 133 -8.44 -33.82 -25.64
N ALA F 134 -9.63 -33.87 -25.03
CA ALA F 134 -9.82 -33.28 -23.70
C ALA F 134 -9.34 -34.26 -22.65
N GLU F 135 -8.97 -33.72 -21.50
CA GLU F 135 -8.63 -34.53 -20.33
C GLU F 135 -9.91 -34.69 -19.51
N LEU F 136 -10.15 -35.89 -18.98
CA LEU F 136 -11.37 -36.14 -18.23
C LEU F 136 -11.07 -36.66 -16.83
N ILE F 137 -11.71 -36.07 -15.83
CA ILE F 137 -11.63 -36.57 -14.46
C ILE F 137 -13.03 -36.99 -13.98
N LEU F 138 -13.21 -38.27 -13.70
CA LEU F 138 -14.51 -38.74 -13.20
C LEU F 138 -14.60 -38.54 -11.69
N THR F 139 -15.79 -38.20 -11.21
CA THR F 139 -15.97 -37.92 -9.80
C THR F 139 -16.93 -38.87 -9.13
N ASP F 140 -16.82 -38.97 -7.81
CA ASP F 140 -17.56 -39.96 -7.04
C ASP F 140 -19.02 -39.85 -7.45
N PRO F 141 -19.60 -41.00 -7.76
CA PRO F 141 -20.96 -41.06 -8.30
C PRO F 141 -22.02 -40.70 -7.26
N ALA F 142 -21.69 -40.90 -5.97
CA ALA F 142 -22.62 -40.64 -4.89
C ALA F 142 -22.85 -39.13 -4.66
N LYS F 143 -21.95 -38.31 -5.17
CA LYS F 143 -22.08 -36.87 -4.97
C LYS F 143 -22.62 -36.12 -6.18
N GLY F 144 -23.02 -36.87 -7.20
CA GLY F 144 -23.71 -36.32 -8.34
C GLY F 144 -23.03 -35.13 -9.00
N MET F 145 -23.82 -34.30 -9.67
CA MET F 145 -23.26 -33.16 -10.37
C MET F 145 -22.70 -32.14 -9.38
N GLY F 146 -23.27 -32.12 -8.17
CA GLY F 146 -22.79 -31.24 -7.14
C GLY F 146 -21.32 -31.51 -6.86
N GLY F 147 -20.97 -32.78 -6.76
CA GLY F 147 -19.60 -33.19 -6.54
C GLY F 147 -18.69 -32.86 -7.71
N THR F 148 -19.22 -33.00 -8.93
CA THR F 148 -18.45 -32.67 -10.13
C THR F 148 -18.16 -31.17 -10.21
N VAL F 149 -19.12 -30.34 -9.81
CA VAL F 149 -18.92 -28.90 -9.82
C VAL F 149 -17.86 -28.56 -8.78
N LYS F 150 -17.97 -29.17 -7.60
CA LYS F 150 -16.99 -28.93 -6.54
C LYS F 150 -15.57 -29.32 -6.99
N LYS F 151 -15.45 -30.47 -7.65
CA LYS F 151 -14.13 -30.91 -8.09
C LYS F 151 -13.57 -29.96 -9.14
N ALA F 152 -14.43 -29.36 -9.95
CA ALA F 152 -13.96 -28.43 -10.98
C ALA F 152 -13.35 -27.20 -10.32
N TYR F 153 -13.97 -26.72 -9.25
CA TYR F 153 -13.45 -25.55 -8.54
C TYR F 153 -12.11 -25.87 -7.89
N GLU F 154 -11.98 -27.08 -7.35
CA GLU F 154 -10.71 -27.49 -6.76
C GLU F 154 -9.63 -27.45 -7.83
N LEU F 155 -9.93 -28.03 -8.99
CA LEU F 155 -8.98 -28.07 -10.10
C LEU F 155 -8.63 -26.67 -10.55
N LEU F 156 -9.64 -25.80 -10.60
CA LEU F 156 -9.41 -24.42 -11.00
C LEU F 156 -8.39 -23.79 -10.08
N GLU F 157 -8.52 -24.08 -8.79
CA GLU F 157 -7.66 -23.47 -7.78
C GLU F 157 -6.21 -24.00 -7.83
N ASN F 158 -6.04 -25.24 -8.26
CA ASN F 158 -4.71 -25.87 -8.26
C ASN F 158 -4.03 -25.85 -9.62
N THR F 159 -4.65 -25.19 -10.60
CA THR F 159 -4.12 -25.19 -11.96
C THR F 159 -3.76 -23.78 -12.38
N PRO F 160 -2.49 -23.55 -12.75
CA PRO F 160 -2.10 -22.22 -13.22
C PRO F 160 -2.68 -21.91 -14.60
N ASN F 161 -2.92 -20.64 -14.87
CA ASN F 161 -3.42 -20.21 -16.17
C ASN F 161 -4.73 -20.91 -16.53
N ALA F 162 -5.63 -21.06 -15.56
CA ALA F 162 -6.87 -21.80 -15.79
C ALA F 162 -8.09 -20.91 -15.70
N HIS F 163 -9.15 -21.30 -16.38
CA HIS F 163 -10.39 -20.53 -16.39
C HIS F 163 -11.57 -21.49 -16.50
N MET F 164 -12.64 -21.23 -15.74
CA MET F 164 -13.85 -22.03 -15.84
C MET F 164 -15.02 -21.19 -16.32
N LEU F 165 -15.59 -21.62 -17.44
CA LEU F 165 -16.73 -20.95 -18.05
C LEU F 165 -17.93 -20.94 -17.10
N GLN F 166 -18.10 -22.02 -16.35
CA GLN F 166 -19.21 -22.09 -15.39
C GLN F 166 -20.62 -22.02 -15.94
N GLN F 167 -20.95 -22.95 -16.82
CA GLN F 167 -22.24 -22.98 -17.48
C GLN F 167 -23.42 -22.72 -16.54
N PHE F 168 -23.35 -23.22 -15.31
CA PHE F 168 -24.45 -23.04 -14.38
C PHE F 168 -24.62 -21.59 -13.89
N SER F 169 -23.61 -20.75 -14.09
CA SER F 169 -23.70 -19.37 -13.64
CA SER F 169 -23.67 -19.38 -13.62
C SER F 169 -23.40 -18.36 -14.73
N ASN F 170 -23.03 -18.84 -15.92
CA ASN F 170 -22.66 -17.96 -17.02
C ASN F 170 -23.85 -17.47 -17.84
N PRO F 171 -24.13 -16.16 -17.78
CA PRO F 171 -25.30 -15.61 -18.47
C PRO F 171 -25.26 -15.78 -19.99
N ALA F 172 -24.08 -16.01 -20.56
CA ALA F 172 -23.99 -16.20 -22.00
C ALA F 172 -24.66 -17.51 -22.41
N ASN F 173 -24.79 -18.42 -21.46
CA ASN F 173 -25.53 -19.67 -21.69
C ASN F 173 -26.98 -19.32 -22.03
N THR F 174 -27.69 -18.75 -21.06
CA THR F 174 -29.06 -18.31 -21.29
C THR F 174 -29.15 -17.46 -22.55
N GLN F 175 -28.22 -16.54 -22.71
CA GLN F 175 -28.27 -15.59 -23.81
C GLN F 175 -28.26 -16.22 -25.21
N VAL F 176 -27.50 -17.29 -25.41
CA VAL F 176 -27.44 -17.88 -26.74
C VAL F 176 -28.81 -18.45 -27.14
N HIS F 177 -29.54 -18.96 -26.15
CA HIS F 177 -30.87 -19.50 -26.40
C HIS F 177 -31.88 -18.37 -26.63
N PHE F 178 -31.67 -17.24 -25.97
CA PHE F 178 -32.50 -16.07 -26.22
C PHE F 178 -32.29 -15.54 -27.63
N GLU F 179 -31.02 -15.52 -28.05
CA GLU F 179 -30.62 -15.11 -29.39
C GLU F 179 -30.95 -16.03 -30.55
N THR F 180 -30.77 -17.34 -30.36
CA THR F 180 -30.97 -18.30 -31.45
C THR F 180 -32.05 -19.37 -31.31
N THR F 181 -32.01 -20.14 -30.22
CA THR F 181 -32.95 -21.25 -30.04
C THR F 181 -34.40 -20.78 -29.99
N GLY F 182 -34.63 -19.70 -29.25
CA GLY F 182 -35.95 -19.11 -29.15
C GLY F 182 -36.45 -18.53 -30.46
N PRO F 183 -35.67 -17.63 -31.07
CA PRO F 183 -36.09 -17.07 -32.36
C PRO F 183 -36.36 -18.12 -33.43
N GLU F 184 -35.57 -19.20 -33.45
CA GLU F 184 -35.83 -20.28 -34.39
C GLU F 184 -37.20 -20.90 -34.19
N ILE F 185 -37.58 -21.11 -32.94
CA ILE F 185 -38.89 -21.67 -32.65
C ILE F 185 -40.01 -20.71 -33.00
N TRP F 186 -39.81 -19.43 -32.72
CA TRP F 186 -40.82 -18.43 -33.05
C TRP F 186 -41.01 -18.34 -34.57
N GLU F 187 -39.91 -18.30 -35.29
CA GLU F 187 -39.97 -18.20 -36.75
C GLU F 187 -40.51 -19.48 -37.38
N ASP F 188 -40.02 -20.64 -36.93
CA ASP F 188 -40.43 -21.90 -37.52
C ASP F 188 -41.91 -22.22 -37.30
N THR F 189 -42.49 -21.78 -36.18
CA THR F 189 -43.91 -22.00 -35.90
C THR F 189 -44.75 -20.83 -36.41
N ASN F 190 -44.09 -19.87 -37.03
CA ASN F 190 -44.79 -18.70 -37.58
C ASN F 190 -45.58 -17.98 -36.49
N GLY F 191 -45.01 -17.92 -35.30
CA GLY F 191 -45.63 -17.26 -34.16
C GLY F 191 -46.80 -18.00 -33.54
N GLN F 192 -46.94 -19.29 -33.86
CA GLN F 192 -48.11 -20.03 -33.39
C GLN F 192 -47.85 -20.88 -32.15
N VAL F 193 -46.60 -21.00 -31.73
CA VAL F 193 -46.31 -21.79 -30.54
C VAL F 193 -47.13 -21.32 -29.33
N ASP F 194 -47.81 -22.25 -28.68
CA ASP F 194 -48.62 -21.93 -27.51
C ASP F 194 -47.92 -22.29 -26.20
N ILE F 195 -47.19 -23.39 -26.24
CA ILE F 195 -46.54 -23.93 -25.06
C ILE F 195 -45.15 -24.43 -25.43
N PHE F 196 -44.17 -24.14 -24.59
CA PHE F 196 -42.83 -24.67 -24.76
C PHE F 196 -42.43 -25.40 -23.49
N VAL F 197 -41.94 -26.62 -23.65
CA VAL F 197 -41.54 -27.38 -22.48
C VAL F 197 -40.14 -27.96 -22.70
N MET F 198 -39.33 -27.94 -21.66
CA MET F 198 -37.91 -28.31 -21.79
C MET F 198 -37.33 -28.71 -20.44
N GLY F 199 -36.63 -29.83 -20.41
CA GLY F 199 -35.97 -30.28 -19.20
C GLY F 199 -34.89 -29.30 -18.77
N ILE F 200 -34.55 -29.32 -17.49
CA ILE F 200 -33.58 -28.38 -16.96
C ILE F 200 -32.30 -29.08 -16.53
N GLY F 201 -31.21 -28.70 -17.19
CA GLY F 201 -29.86 -29.08 -16.77
C GLY F 201 -29.23 -27.84 -16.12
N SER F 202 -28.66 -26.97 -16.94
CA SER F 202 -28.21 -25.67 -16.47
C SER F 202 -29.39 -24.70 -16.40
N GLY F 203 -30.46 -25.01 -17.12
CA GLY F 203 -31.59 -24.11 -17.19
C GLY F 203 -31.43 -23.05 -18.27
N GLY F 204 -30.30 -23.08 -18.97
CA GLY F 204 -30.04 -22.09 -20.01
C GLY F 204 -31.08 -22.12 -21.13
N THR F 205 -31.46 -23.31 -21.57
CA THR F 205 -32.40 -23.43 -22.67
C THR F 205 -33.80 -22.92 -22.33
N VAL F 206 -34.39 -23.43 -21.25
CA VAL F 206 -35.75 -23.06 -20.92
C VAL F 206 -35.83 -21.58 -20.55
N SER F 207 -34.77 -21.08 -19.93
CA SER F 207 -34.71 -19.68 -19.49
C SER F 207 -34.62 -18.73 -20.69
N GLY F 208 -33.70 -19.02 -21.60
CA GLY F 208 -33.47 -18.16 -22.74
C GLY F 208 -34.58 -18.26 -23.78
N VAL F 209 -35.03 -19.48 -24.05
CA VAL F 209 -36.16 -19.65 -24.96
C VAL F 209 -37.41 -19.04 -24.32
N GLY F 210 -37.62 -19.31 -23.04
CA GLY F 210 -38.78 -18.79 -22.34
C GLY F 210 -38.84 -17.27 -22.38
N GLN F 211 -37.71 -16.63 -22.12
CA GLN F 211 -37.67 -15.17 -22.09
C GLN F 211 -37.93 -14.61 -23.48
N TYR F 212 -37.43 -15.28 -24.53
CA TYR F 212 -37.64 -14.75 -25.87
C TYR F 212 -39.07 -14.93 -26.34
N LEU F 213 -39.64 -16.11 -26.13
CA LEU F 213 -40.99 -16.36 -26.59
C LEU F 213 -41.97 -15.41 -25.90
N LYS F 214 -41.80 -15.23 -24.60
CA LYS F 214 -42.70 -14.36 -23.84
C LYS F 214 -42.56 -12.91 -24.27
N SER F 215 -41.43 -12.58 -24.88
CA SER F 215 -41.21 -11.22 -25.38
C SER F 215 -42.00 -10.99 -26.66
N LYS F 216 -42.31 -12.07 -27.38
CA LYS F 216 -43.07 -11.96 -28.62
C LYS F 216 -44.57 -12.17 -28.35
N ASN F 217 -44.87 -13.00 -27.36
CA ASN F 217 -46.24 -13.25 -26.94
C ASN F 217 -46.26 -13.66 -25.48
N PRO F 218 -46.66 -12.73 -24.61
CA PRO F 218 -46.68 -12.90 -23.14
C PRO F 218 -47.59 -14.03 -22.68
N ASN F 219 -48.46 -14.49 -23.57
CA ASN F 219 -49.41 -15.56 -23.25
C ASN F 219 -48.84 -16.96 -23.47
N VAL F 220 -47.70 -17.07 -24.15
CA VAL F 220 -47.04 -18.37 -24.29
C VAL F 220 -46.71 -18.93 -22.91
N LYS F 221 -46.96 -20.22 -22.70
CA LYS F 221 -46.68 -20.81 -21.39
C LYS F 221 -45.41 -21.64 -21.47
N ILE F 222 -44.53 -21.46 -20.49
CA ILE F 222 -43.25 -22.18 -20.45
C ILE F 222 -43.22 -23.15 -19.28
N TYR F 223 -42.80 -24.39 -19.53
CA TYR F 223 -42.71 -25.38 -18.48
C TYR F 223 -41.32 -25.99 -18.43
N GLY F 224 -40.81 -26.23 -17.22
CA GLY F 224 -39.57 -26.97 -17.05
C GLY F 224 -39.90 -28.43 -16.79
N VAL F 225 -38.87 -29.27 -16.82
CA VAL F 225 -39.03 -30.66 -16.41
C VAL F 225 -37.83 -31.04 -15.55
N GLU F 226 -38.08 -31.82 -14.50
CA GLU F 226 -37.00 -32.41 -13.71
C GLU F 226 -37.37 -33.86 -13.37
N PRO F 227 -36.36 -34.67 -12.97
CA PRO F 227 -36.67 -36.07 -12.69
C PRO F 227 -37.44 -36.20 -11.38
N SER F 228 -38.43 -37.07 -11.34
CA SER F 228 -39.21 -37.30 -10.12
CA SER F 228 -39.20 -37.25 -10.11
C SER F 228 -38.33 -37.78 -8.98
N GLU F 229 -37.29 -38.52 -9.34
CA GLU F 229 -36.31 -39.04 -8.39
C GLU F 229 -35.54 -37.92 -7.68
N SER F 230 -35.23 -36.86 -8.41
CA SER F 230 -34.51 -35.74 -7.83
C SER F 230 -35.22 -34.43 -8.15
N ASN F 231 -36.41 -34.26 -7.57
CA ASN F 231 -37.22 -33.06 -7.79
C ASN F 231 -36.88 -31.95 -6.81
N VAL F 232 -35.72 -31.33 -6.98
CA VAL F 232 -35.28 -30.25 -6.10
C VAL F 232 -36.00 -28.94 -6.35
N LEU F 233 -36.33 -28.65 -7.60
CA LEU F 233 -37.00 -27.40 -7.92
C LEU F 233 -38.42 -27.38 -7.36
N ASN F 234 -39.00 -28.56 -7.16
CA ASN F 234 -40.31 -28.69 -6.54
C ASN F 234 -40.24 -28.99 -5.04
N GLY F 235 -39.07 -28.75 -4.45
CA GLY F 235 -38.91 -28.88 -3.01
C GLY F 235 -38.48 -30.24 -2.48
N GLY F 236 -38.18 -31.17 -3.37
CA GLY F 236 -37.76 -32.49 -2.97
C GLY F 236 -36.26 -32.58 -2.71
N LYS F 237 -35.79 -33.76 -2.32
CA LYS F 237 -34.36 -33.96 -2.08
C LYS F 237 -33.67 -34.39 -3.37
N PRO F 238 -32.37 -34.04 -3.49
CA PRO F 238 -31.59 -34.54 -4.63
C PRO F 238 -31.42 -36.04 -4.48
N GLY F 239 -31.42 -36.76 -5.60
CA GLY F 239 -31.24 -38.19 -5.56
C GLY F 239 -30.77 -38.72 -6.90
N PRO F 240 -30.35 -39.99 -6.95
CA PRO F 240 -29.88 -40.62 -8.19
C PRO F 240 -31.04 -40.82 -9.17
N HIS F 241 -30.78 -40.54 -10.45
CA HIS F 241 -31.76 -40.75 -11.50
C HIS F 241 -31.03 -41.02 -12.81
N HIS F 242 -31.77 -41.37 -13.84
CA HIS F 242 -31.18 -41.77 -15.12
C HIS F 242 -31.37 -40.75 -16.24
N ILE F 243 -31.99 -39.61 -15.95
CA ILE F 243 -32.22 -38.63 -17.02
C ILE F 243 -31.02 -37.72 -17.17
N THR F 244 -30.02 -38.22 -17.86
CA THR F 244 -28.74 -37.54 -17.96
C THR F 244 -28.91 -36.21 -18.66
N GLY F 245 -28.36 -35.16 -18.07
CA GLY F 245 -28.49 -33.83 -18.63
C GLY F 245 -29.59 -33.00 -17.96
N ASN F 246 -30.41 -33.65 -17.13
CA ASN F 246 -31.41 -32.97 -16.31
C ASN F 246 -31.11 -33.27 -14.85
N GLY F 247 -31.75 -32.54 -13.95
CA GLY F 247 -31.67 -32.85 -12.52
C GLY F 247 -30.27 -32.90 -11.93
N VAL F 248 -29.59 -31.75 -11.91
CA VAL F 248 -28.23 -31.71 -11.39
C VAL F 248 -28.20 -31.73 -9.87
N GLY F 249 -29.37 -31.66 -9.25
CA GLY F 249 -29.49 -31.80 -7.81
C GLY F 249 -29.35 -30.50 -7.04
N PHE F 250 -29.25 -29.40 -7.76
CA PHE F 250 -29.22 -28.06 -7.16
C PHE F 250 -29.87 -27.10 -8.13
N LYS F 251 -30.19 -25.88 -7.67
CA LYS F 251 -30.72 -24.87 -8.58
C LYS F 251 -29.61 -24.02 -9.19
N PRO F 252 -29.42 -24.13 -10.51
CA PRO F 252 -28.39 -23.31 -11.16
C PRO F 252 -28.71 -21.81 -11.09
N ASP F 253 -27.69 -20.99 -10.93
CA ASP F 253 -27.86 -19.54 -10.80
C ASP F 253 -28.56 -18.90 -12.00
N ILE F 254 -28.34 -19.43 -13.21
CA ILE F 254 -28.92 -18.78 -14.39
C ILE F 254 -30.40 -19.12 -14.62
N LEU F 255 -30.89 -20.13 -13.90
CA LEU F 255 -32.27 -20.57 -14.08
C LEU F 255 -33.25 -19.48 -13.67
N ASP F 256 -34.13 -19.11 -14.61
CA ASP F 256 -35.15 -18.09 -14.40
C ASP F 256 -36.45 -18.76 -14.01
N LEU F 257 -36.64 -18.95 -12.71
CA LEU F 257 -37.85 -19.60 -12.21
C LEU F 257 -39.12 -18.84 -12.59
N ASP F 258 -39.03 -17.52 -12.67
CA ASP F 258 -40.20 -16.70 -12.91
C ASP F 258 -40.79 -16.82 -14.32
N VAL F 259 -40.03 -17.38 -15.24
CA VAL F 259 -40.51 -17.49 -16.60
C VAL F 259 -41.43 -18.70 -16.76
N MET F 260 -41.29 -19.67 -15.87
CA MET F 260 -42.01 -20.93 -16.00
C MET F 260 -43.33 -20.96 -15.24
N GLU F 261 -44.34 -21.57 -15.84
CA GLU F 261 -45.60 -21.84 -15.16
C GLU F 261 -45.36 -22.78 -14.01
N LYS F 262 -44.51 -23.77 -14.24
CA LYS F 262 -44.38 -24.88 -13.34
C LYS F 262 -43.22 -25.75 -13.82
N VAL F 263 -42.64 -26.52 -12.92
CA VAL F 263 -41.65 -27.52 -13.30
C VAL F 263 -42.30 -28.89 -13.15
N LEU F 264 -42.52 -29.55 -14.27
CA LEU F 264 -43.15 -30.86 -14.28
C LEU F 264 -42.15 -31.91 -13.85
N GLU F 265 -42.64 -32.99 -13.27
CA GLU F 265 -41.80 -34.11 -12.86
C GLU F 265 -42.05 -35.34 -13.74
N VAL F 266 -40.97 -35.93 -14.23
CA VAL F 266 -41.05 -37.15 -15.03
C VAL F 266 -40.10 -38.17 -14.43
N SER F 267 -40.57 -39.40 -14.27
CA SER F 267 -39.74 -40.45 -13.68
C SER F 267 -38.68 -40.95 -14.65
N SER F 268 -37.57 -41.43 -14.11
CA SER F 268 -36.52 -42.00 -14.93
C SER F 268 -37.10 -43.08 -15.83
N GLU F 269 -37.95 -43.92 -15.23
CA GLU F 269 -38.53 -45.03 -15.98
C GLU F 269 -39.37 -44.56 -17.18
N ASP F 270 -40.21 -43.55 -17.00
CA ASP F 270 -41.05 -43.10 -18.11
C ASP F 270 -40.21 -42.42 -19.19
N ALA F 271 -39.16 -41.72 -18.78
CA ALA F 271 -38.30 -41.04 -19.73
C ALA F 271 -37.58 -42.07 -20.61
N VAL F 272 -37.01 -43.08 -19.95
CA VAL F 272 -36.30 -44.14 -20.66
C VAL F 272 -37.21 -44.92 -21.59
N ASN F 273 -38.40 -45.27 -21.10
CA ASN F 273 -39.35 -46.01 -21.94
C ASN F 273 -39.75 -45.19 -23.17
N MET F 274 -39.97 -43.90 -22.98
CA MET F 274 -40.42 -43.05 -24.08
C MET F 274 -39.30 -42.90 -25.13
N ALA F 275 -38.06 -42.81 -24.68
CA ALA F 275 -36.95 -42.69 -25.62
C ALA F 275 -36.87 -43.93 -26.51
N ARG F 276 -37.10 -45.10 -25.91
CA ARG F 276 -37.10 -46.34 -26.68
C ARG F 276 -38.21 -46.37 -27.73
N VAL F 277 -39.41 -45.94 -27.34
CA VAL F 277 -40.55 -45.87 -28.25
C VAL F 277 -40.35 -44.84 -29.36
N LEU F 278 -39.70 -43.73 -29.03
CA LEU F 278 -39.42 -42.72 -30.04
C LEU F 278 -38.57 -43.29 -31.17
N ALA F 279 -37.61 -44.15 -30.84
CA ALA F 279 -36.80 -44.79 -31.87
C ALA F 279 -37.65 -45.79 -32.67
N LEU F 280 -38.39 -46.65 -31.97
CA LEU F 280 -39.13 -47.71 -32.64
C LEU F 280 -40.31 -47.23 -33.48
N LYS F 281 -41.00 -46.19 -33.00
CA LYS F 281 -42.24 -45.72 -33.64
C LYS F 281 -42.09 -44.47 -34.50
N GLU F 282 -41.24 -43.54 -34.06
CA GLU F 282 -41.10 -42.28 -34.78
C GLU F 282 -39.82 -42.23 -35.60
N GLY F 283 -38.93 -43.22 -35.42
CA GLY F 283 -37.67 -43.24 -36.13
C GLY F 283 -36.70 -42.18 -35.62
N LEU F 284 -36.88 -41.80 -34.36
CA LEU F 284 -36.03 -40.78 -33.74
C LEU F 284 -35.15 -41.42 -32.68
N MET F 285 -33.89 -41.67 -33.03
CA MET F 285 -32.88 -42.22 -32.14
C MET F 285 -32.36 -41.12 -31.21
N VAL F 286 -33.01 -40.93 -30.06
CA VAL F 286 -32.69 -39.79 -29.21
C VAL F 286 -32.39 -40.20 -27.77
N GLY F 287 -31.88 -39.26 -26.97
CA GLY F 287 -31.40 -39.55 -25.63
C GLY F 287 -32.50 -39.58 -24.56
N ILE F 288 -32.10 -39.79 -23.32
CA ILE F 288 -33.08 -40.01 -22.26
C ILE F 288 -33.86 -38.72 -21.95
N SER F 289 -33.18 -37.59 -21.97
CA SER F 289 -33.87 -36.32 -21.71
C SER F 289 -34.88 -36.00 -22.82
N SER F 290 -34.64 -36.51 -24.02
CA SER F 290 -35.59 -36.34 -25.12
C SER F 290 -36.87 -37.10 -24.77
N GLY F 291 -36.70 -38.29 -24.21
CA GLY F 291 -37.81 -39.08 -23.71
C GLY F 291 -38.56 -38.34 -22.62
N ALA F 292 -37.83 -37.76 -21.68
CA ALA F 292 -38.47 -37.02 -20.59
C ALA F 292 -39.29 -35.86 -21.13
N ASN F 293 -38.69 -35.08 -22.04
CA ASN F 293 -39.42 -33.94 -22.63
C ASN F 293 -40.70 -34.36 -23.34
N THR F 294 -40.65 -35.52 -23.99
CA THR F 294 -41.80 -35.99 -24.74
C THR F 294 -42.89 -36.47 -23.81
N VAL F 295 -42.51 -37.12 -22.71
CA VAL F 295 -43.51 -37.53 -21.74
C VAL F 295 -44.22 -36.29 -21.20
N ALA F 296 -43.44 -35.26 -20.90
CA ALA F 296 -43.97 -34.02 -20.34
C ALA F 296 -44.93 -33.32 -21.30
N ALA F 297 -44.51 -33.16 -22.56
CA ALA F 297 -45.37 -32.64 -23.61
C ALA F 297 -46.70 -33.38 -23.74
N LEU F 298 -46.64 -34.72 -23.80
CA LEU F 298 -47.87 -35.51 -23.90
C LEU F 298 -48.78 -35.28 -22.71
N ARG F 299 -48.19 -35.13 -21.52
CA ARG F 299 -48.96 -34.89 -20.30
C ARG F 299 -49.69 -33.56 -20.41
N LEU F 300 -49.02 -32.56 -20.99
CA LEU F 300 -49.65 -31.26 -21.19
C LEU F 300 -50.78 -31.36 -22.21
N ALA F 301 -50.56 -32.11 -23.28
CA ALA F 301 -51.59 -32.28 -24.30
C ALA F 301 -52.84 -32.98 -23.76
N GLN F 302 -52.67 -33.72 -22.67
CA GLN F 302 -53.77 -34.46 -22.07
C GLN F 302 -54.81 -33.54 -21.40
N LEU F 303 -54.38 -32.35 -21.00
CA LEU F 303 -55.25 -31.41 -20.31
C LEU F 303 -56.26 -30.75 -21.24
N PRO F 304 -57.54 -30.74 -20.84
CA PRO F 304 -58.62 -30.16 -21.64
C PRO F 304 -58.29 -28.75 -22.11
N GLU F 305 -57.64 -27.99 -21.23
CA GLU F 305 -57.29 -26.61 -21.50
C GLU F 305 -56.35 -26.48 -22.70
N ASN F 306 -55.61 -27.54 -23.01
CA ASN F 306 -54.57 -27.44 -24.05
C ASN F 306 -54.94 -28.11 -25.39
N LYS F 307 -56.18 -28.58 -25.51
CA LYS F 307 -56.60 -29.21 -26.76
C LYS F 307 -56.52 -28.22 -27.91
N GLY F 308 -55.96 -28.67 -29.02
CA GLY F 308 -55.83 -27.81 -30.19
C GLY F 308 -54.67 -26.85 -30.13
N LYS F 309 -53.93 -26.86 -29.02
CA LYS F 309 -52.78 -25.95 -28.91
C LYS F 309 -51.53 -26.56 -29.55
N LEU F 310 -50.59 -25.69 -29.91
CA LEU F 310 -49.32 -26.13 -30.45
C LEU F 310 -48.29 -26.23 -29.33
N ILE F 311 -47.87 -27.46 -29.03
CA ILE F 311 -46.90 -27.68 -27.97
C ILE F 311 -45.55 -27.97 -28.59
N VAL F 312 -44.53 -27.21 -28.19
CA VAL F 312 -43.18 -27.38 -28.72
C VAL F 312 -42.21 -27.89 -27.65
N THR F 313 -41.45 -28.93 -27.97
CA THR F 313 -40.38 -29.33 -27.06
C THR F 313 -39.10 -29.62 -27.84
N VAL F 314 -38.13 -30.23 -27.16
CA VAL F 314 -36.81 -30.42 -27.75
C VAL F 314 -36.34 -31.86 -27.52
N HIS F 315 -35.64 -32.42 -28.50
CA HIS F 315 -34.88 -33.66 -28.32
C HIS F 315 -33.40 -33.24 -28.32
N PRO F 316 -32.82 -33.09 -27.13
CA PRO F 316 -31.52 -32.42 -26.96
C PRO F 316 -30.29 -33.24 -27.39
N SER F 317 -30.41 -34.56 -27.52
CA SER F 317 -29.23 -35.35 -27.84
C SER F 317 -29.57 -36.59 -28.67
N PHE F 318 -28.58 -37.07 -29.42
CA PHE F 318 -28.74 -38.26 -30.27
C PHE F 318 -28.53 -39.53 -29.45
N GLY F 319 -29.28 -40.59 -29.80
CA GLY F 319 -29.33 -41.78 -28.98
C GLY F 319 -28.09 -42.68 -28.98
N GLU F 320 -27.22 -42.53 -29.96
CA GLU F 320 -26.01 -43.34 -30.00
C GLU F 320 -25.04 -43.04 -28.87
N ARG F 321 -25.23 -41.90 -28.21
CA ARG F 321 -24.38 -41.50 -27.10
C ARG F 321 -24.82 -42.25 -25.84
N TYR F 322 -25.83 -43.10 -25.98
CA TYR F 322 -26.49 -43.72 -24.83
C TYR F 322 -26.48 -45.24 -24.86
N LEU F 323 -25.66 -45.82 -25.72
CA LEU F 323 -25.70 -47.27 -25.91
C LEU F 323 -25.34 -48.02 -24.63
N SER F 324 -24.42 -47.47 -23.85
CA SER F 324 -23.96 -48.10 -22.63
CA SER F 324 -23.96 -48.10 -22.63
C SER F 324 -24.75 -47.65 -21.40
N SER F 325 -25.72 -46.76 -21.60
CA SER F 325 -26.57 -46.35 -20.49
C SER F 325 -27.75 -47.29 -20.35
N VAL F 326 -28.56 -47.08 -19.31
CA VAL F 326 -29.74 -47.88 -19.09
C VAL F 326 -30.70 -47.89 -20.30
N LEU F 327 -30.63 -46.85 -21.13
CA LEU F 327 -31.49 -46.78 -22.32
C LEU F 327 -31.33 -47.99 -23.23
N PHE F 328 -30.09 -48.34 -23.59
CA PHE F 328 -29.84 -49.40 -24.55
C PHE F 328 -28.89 -50.49 -24.05
N GLN F 329 -28.48 -50.45 -22.78
CA GLN F 329 -27.42 -51.37 -22.33
C GLN F 329 -27.78 -52.85 -22.50
N GLU F 330 -29.03 -53.22 -22.21
CA GLU F 330 -29.44 -54.62 -22.36
C GLU F 330 -29.34 -55.04 -23.83
N LEU F 331 -29.81 -54.18 -24.72
CA LEU F 331 -29.70 -54.40 -26.15
C LEU F 331 -28.23 -54.44 -26.60
N ARG F 332 -27.39 -53.58 -26.02
CA ARG F 332 -25.99 -53.58 -26.36
C ARG F 332 -25.32 -54.90 -25.95
N GLN F 333 -25.67 -55.41 -24.77
CA GLN F 333 -25.10 -56.68 -24.33
C GLN F 333 -25.54 -57.82 -25.22
N GLU F 334 -26.79 -57.79 -25.66
CA GLU F 334 -27.29 -58.78 -26.60
C GLU F 334 -26.54 -58.68 -27.94
N ALA F 335 -26.38 -57.46 -28.42
CA ALA F 335 -25.64 -57.25 -29.66
C ALA F 335 -24.19 -57.73 -29.57
N GLU F 336 -23.54 -57.48 -28.42
CA GLU F 336 -22.15 -57.90 -28.24
C GLU F 336 -22.01 -59.42 -28.37
N ASN F 337 -23.07 -60.14 -28.01
CA ASN F 337 -23.00 -61.61 -28.01
C ASN F 337 -23.51 -62.26 -29.28
N MET F 338 -23.97 -61.46 -30.23
CA MET F 338 -24.33 -62.01 -31.54
C MET F 338 -23.10 -62.60 -32.23
N GLN F 339 -23.31 -63.72 -32.91
CA GLN F 339 -22.24 -64.40 -33.62
C GLN F 339 -22.58 -64.55 -35.11
N PRO F 340 -21.55 -64.63 -35.97
CA PRO F 340 -21.80 -64.81 -37.41
C PRO F 340 -22.44 -66.16 -37.74
N VAL F 341 -23.21 -66.19 -38.81
CA VAL F 341 -23.71 -67.47 -39.33
C VAL F 341 -22.94 -67.84 -40.59
N ALA F 342 -22.94 -69.12 -40.94
CA ALA F 342 -22.23 -69.58 -42.11
C ALA F 342 -22.95 -69.07 -43.36
N VAL F 343 -22.21 -68.81 -44.43
CA VAL F 343 -22.83 -68.41 -45.69
C VAL F 343 -22.79 -69.54 -46.73
N ASP F 344 -22.08 -70.61 -46.41
CA ASP F 344 -22.06 -71.78 -47.29
C ASP F 344 -22.44 -73.07 -46.56
#